data_2ZRW
#
_entry.id   2ZRW
#
_cell.length_a   100.444
_cell.length_b   100.444
_cell.length_c   333.914
_cell.angle_alpha   90.00
_cell.angle_beta   90.00
_cell.angle_gamma   90.00
#
_symmetry.space_group_name_H-M   'P 43 21 2'
#
loop_
_entity.id
_entity.type
_entity.pdbx_description
1 polymer 'Isopentenyl-diphosphate delta-isomerase'
2 non-polymer 'FLAVIN MONONUCLEOTIDE'
3 non-polymer 'ISOPENTYL PYROPHOSPHATE'
4 non-polymer 'MAGNESIUM ION'
5 water water
#
_entity_poly.entity_id   1
_entity_poly.type   'polypeptide(L)'
_entity_poly.pdbx_seq_one_letter_code
;MPDIVNRKVEHVEIAAFENVDGLSSSTFLNDVILVHQGFPGISFSEINTKTKFFRKEISVPVMVTGMTGGRNELGRINKI
IAEVAEKFGIPMGVGSQRVAIEKAEARESFAIVRKVAPTIPIIANLGMPQLVKGYGLKEFQDAIQMIEADAIAVHLNPAQ
EVFQPEGEPEYQIYALEKLRDISKELSVPIIVKESGNGISMETAKLLYSYGIKNFDTSGQGGTNWIAIEMIRDIRRGNWK
AESAKNFLDWGVPTAASIMEVRYSVPDSFLVGSGGIRSGLDAAKAIALGADIAGMALPVLKSAIEGKESLEQFFRKIIFE
LKAAMMLTGSKDVDALKKTSIVILGKLKEWAEYRGINLSIYEKVRKRE
;
_entity_poly.pdbx_strand_id   A,B,C,D
#
# COMPACT_ATOMS: atom_id res chain seq x y z
N ASP A 3 32.14 -19.57 29.82
CA ASP A 3 32.21 -18.74 28.58
C ASP A 3 30.98 -18.90 27.68
N ILE A 4 30.55 -20.14 27.51
CA ILE A 4 29.18 -20.43 27.07
C ILE A 4 28.19 -19.87 28.10
N VAL A 5 28.56 -19.98 29.40
CA VAL A 5 27.74 -19.41 30.49
C VAL A 5 27.71 -17.87 30.40
N ASN A 6 28.77 -17.29 29.88
CA ASN A 6 28.87 -15.86 29.65
C ASN A 6 27.92 -15.40 28.53
N ARG A 7 27.92 -16.14 27.42
CA ARG A 7 27.00 -15.92 26.31
C ARG A 7 25.54 -16.01 26.80
N LYS A 8 25.26 -17.03 27.63
CA LYS A 8 23.98 -17.20 28.29
C LYS A 8 23.51 -15.97 29.07
N VAL A 9 24.35 -15.41 29.95
CA VAL A 9 23.94 -14.18 30.64
C VAL A 9 23.80 -12.97 29.69
N GLU A 10 24.70 -12.88 28.71
CA GLU A 10 24.70 -11.80 27.74
C GLU A 10 23.45 -11.81 26.86
N HIS A 11 23.02 -13.01 26.46
CA HIS A 11 21.77 -13.18 25.73
C HIS A 11 20.58 -12.63 26.50
N VAL A 12 20.45 -13.04 27.77
CA VAL A 12 19.35 -12.61 28.64
C VAL A 12 19.39 -11.08 28.82
N GLU A 13 20.60 -10.54 28.99
CA GLU A 13 20.79 -9.13 29.24
C GLU A 13 20.42 -8.25 28.04
N ILE A 14 20.88 -8.64 26.85
CA ILE A 14 20.52 -7.94 25.62
C ILE A 14 19.03 -8.10 25.27
N ALA A 15 18.51 -9.32 25.36
CA ALA A 15 17.09 -9.54 25.07
C ALA A 15 16.23 -8.73 26.02
N ALA A 16 16.52 -8.81 27.32
CA ALA A 16 15.71 -8.14 28.34
C ALA A 16 15.80 -6.62 28.31
N PHE A 17 16.99 -6.08 28.01
CA PHE A 17 17.26 -4.66 28.26
C PHE A 17 17.62 -3.84 27.04
N GLU A 18 17.91 -4.49 25.92
CA GLU A 18 18.19 -3.75 24.68
C GLU A 18 17.01 -3.76 23.69
N ASN A 19 17.14 -3.00 22.62
CA ASN A 19 16.06 -2.84 21.68
C ASN A 19 16.15 -3.89 20.56
N VAL A 20 15.66 -5.09 20.85
CA VAL A 20 15.74 -6.22 19.89
C VAL A 20 14.40 -6.87 19.57
N ASP A 21 13.32 -6.39 20.17
CA ASP A 21 12.00 -7.01 20.00
C ASP A 21 11.31 -6.44 18.77
N GLY A 22 11.23 -7.24 17.70
CA GLY A 22 10.65 -6.78 16.45
C GLY A 22 11.47 -5.73 15.71
N LEU A 23 12.80 -5.72 15.94
CA LEU A 23 13.70 -4.75 15.34
C LEU A 23 13.80 -4.98 13.85
N SER A 24 13.23 -4.03 13.08
CA SER A 24 13.27 -4.05 11.62
C SER A 24 12.60 -5.27 11.00
N SER A 25 11.82 -5.97 11.83
CA SER A 25 11.18 -7.23 11.44
C SER A 25 9.66 -7.13 11.66
N SER A 26 8.94 -8.15 11.23
CA SER A 26 7.48 -8.13 11.28
C SER A 26 6.94 -9.54 11.35
N THR A 27 5.88 -9.74 12.14
CA THR A 27 5.19 -11.02 12.24
C THR A 27 4.18 -11.26 11.10
N PHE A 28 3.80 -10.19 10.41
CA PHE A 28 2.67 -10.18 9.44
C PHE A 28 1.28 -10.36 10.12
N LEU A 29 1.23 -10.38 11.45
CA LEU A 29 -0.04 -10.63 12.15
C LEU A 29 -1.05 -9.49 12.06
N ASN A 30 -0.58 -8.27 11.79
CA ASN A 30 -1.43 -7.16 11.37
C ASN A 30 -2.22 -7.46 10.09
N ASP A 31 -1.74 -8.39 9.29
CA ASP A 31 -2.43 -8.80 8.06
C ASP A 31 -3.53 -9.85 8.32
N VAL A 32 -3.66 -10.29 9.58
CA VAL A 32 -4.64 -11.28 9.97
C VAL A 32 -5.69 -10.57 10.82
N ILE A 33 -6.95 -10.69 10.42
CA ILE A 33 -8.06 -10.12 11.16
C ILE A 33 -9.07 -11.21 11.54
N LEU A 34 -9.37 -11.30 12.83
CA LEU A 34 -10.41 -12.18 13.30
C LEU A 34 -11.76 -11.44 13.16
N VAL A 35 -12.69 -12.10 12.48
CA VAL A 35 -13.97 -11.49 12.21
C VAL A 35 -14.79 -11.41 13.49
N HIS A 36 -15.24 -10.19 13.79
CA HIS A 36 -16.06 -9.95 14.95
C HIS A 36 -17.47 -10.52 14.79
N GLN A 37 -17.97 -11.14 15.86
CA GLN A 37 -19.33 -11.66 15.90
C GLN A 37 -20.18 -10.93 16.96
N GLY A 38 -21.00 -10.00 16.50
CA GLY A 38 -21.86 -9.20 17.34
C GLY A 38 -22.79 -10.04 18.20
N PHE A 39 -23.19 -11.21 17.69
CA PHE A 39 -23.89 -12.18 18.51
C PHE A 39 -23.06 -13.46 18.70
N PRO A 40 -22.22 -13.49 19.74
CA PRO A 40 -21.30 -14.63 19.96
C PRO A 40 -21.95 -15.99 20.19
N GLY A 41 -23.13 -16.03 20.82
CA GLY A 41 -23.84 -17.29 21.01
C GLY A 41 -23.38 -18.02 22.26
N ILE A 42 -22.65 -17.31 23.12
CA ILE A 42 -22.02 -17.87 24.29
C ILE A 42 -21.87 -16.78 25.33
N SER A 43 -21.54 -17.23 26.53
CA SER A 43 -21.31 -16.36 27.66
C SER A 43 -19.80 -16.38 27.93
N PHE A 44 -19.24 -15.27 28.40
CA PHE A 44 -17.79 -15.22 28.68
C PHE A 44 -17.34 -16.38 29.59
N SER A 45 -18.12 -16.64 30.64
CA SER A 45 -17.80 -17.61 31.68
C SER A 45 -17.94 -19.08 31.26
N GLU A 46 -18.60 -19.34 30.14
CA GLU A 46 -18.62 -20.71 29.63
C GLU A 46 -17.45 -21.03 28.68
N ILE A 47 -16.61 -20.05 28.36
CA ILE A 47 -15.45 -20.27 27.47
C ILE A 47 -14.45 -21.25 28.12
N ASN A 48 -14.11 -22.28 27.36
CA ASN A 48 -13.21 -23.33 27.79
C ASN A 48 -11.88 -23.29 27.02
N THR A 49 -10.78 -23.03 27.74
CA THR A 49 -9.49 -22.83 27.10
C THR A 49 -8.58 -24.05 27.22
N LYS A 50 -9.08 -25.12 27.83
CA LYS A 50 -8.29 -26.35 28.00
C LYS A 50 -7.94 -26.95 26.64
N THR A 51 -6.75 -27.55 26.56
CA THR A 51 -6.33 -28.28 25.36
C THR A 51 -5.27 -29.33 25.69
N LYS A 52 -4.97 -30.18 24.70
CA LYS A 52 -4.01 -31.25 24.86
C LYS A 52 -2.60 -30.77 24.51
N PHE A 53 -1.64 -31.27 25.25
CA PHE A 53 -0.23 -31.11 24.95
C PHE A 53 0.43 -32.48 25.13
N PHE A 54 0.56 -33.20 24.02
CA PHE A 54 0.90 -34.62 24.05
C PHE A 54 -0.01 -35.37 25.02
N ARG A 55 0.54 -35.99 26.07
CA ARG A 55 -0.26 -36.87 26.91
C ARG A 55 -0.89 -36.16 28.11
N LYS A 56 -0.65 -34.86 28.20
CA LYS A 56 -1.16 -34.05 29.32
C LYS A 56 -2.24 -33.10 28.85
N GLU A 57 -3.05 -32.61 29.79
CA GLU A 57 -3.99 -31.55 29.47
C GLU A 57 -3.40 -30.26 30.03
N ILE A 58 -3.51 -29.19 29.27
CA ILE A 58 -3.06 -27.87 29.75
C ILE A 58 -4.28 -26.94 29.87
N SER A 59 -4.14 -25.88 30.67
CA SER A 59 -5.27 -25.01 30.98
C SER A 59 -5.66 -24.05 29.88
N VAL A 60 -4.71 -23.81 28.97
CA VAL A 60 -4.70 -22.65 28.10
C VAL A 60 -3.79 -23.02 26.92
N PRO A 61 -4.19 -22.69 25.66
CA PRO A 61 -3.40 -23.08 24.50
C PRO A 61 -2.18 -22.16 24.26
N VAL A 62 -1.40 -21.96 25.31
CA VAL A 62 -0.20 -21.15 25.29
C VAL A 62 0.95 -21.92 25.99
N MET A 63 2.17 -21.79 25.48
CA MET A 63 3.33 -22.30 26.18
C MET A 63 4.42 -21.22 26.31
N VAL A 64 5.22 -21.33 27.36
CA VAL A 64 6.46 -20.58 27.43
C VAL A 64 7.53 -21.41 26.72
N THR A 65 8.15 -20.83 25.67
CA THR A 65 9.18 -21.55 24.92
C THR A 65 10.55 -21.31 25.55
N GLY A 66 11.52 -22.14 25.19
CA GLY A 66 12.78 -22.22 25.89
C GLY A 66 13.57 -20.94 25.88
N MET A 67 14.23 -20.63 26.99
CA MET A 67 15.02 -19.41 27.07
C MET A 67 16.38 -19.56 27.75
N THR A 68 16.39 -20.00 29.01
CA THR A 68 17.59 -19.86 29.78
C THR A 68 17.91 -21.01 30.74
N GLY A 69 19.00 -20.82 31.49
CA GLY A 69 19.62 -21.82 32.35
C GLY A 69 21.12 -21.73 32.14
N GLY A 70 21.89 -22.25 33.10
CA GLY A 70 23.35 -22.32 32.94
C GLY A 70 24.17 -21.64 34.04
N ARG A 71 23.48 -20.98 34.96
CA ARG A 71 24.07 -20.21 36.05
C ARG A 71 22.98 -19.89 37.07
N ASN A 72 23.38 -19.65 38.32
CA ASN A 72 22.45 -19.41 39.44
C ASN A 72 21.32 -18.41 39.18
N GLU A 73 21.69 -17.22 38.69
CA GLU A 73 20.72 -16.15 38.50
C GLU A 73 19.79 -16.46 37.31
N LEU A 74 20.29 -17.27 36.38
CA LEU A 74 19.48 -17.80 35.28
C LEU A 74 18.50 -18.88 35.78
N GLY A 75 18.98 -19.69 36.72
CA GLY A 75 18.16 -20.68 37.42
C GLY A 75 17.06 -20.09 38.28
N ARG A 76 17.29 -18.92 38.86
CA ARG A 76 16.27 -18.29 39.64
C ARG A 76 15.16 -17.66 38.76
N ILE A 77 15.54 -17.23 37.55
CA ILE A 77 14.56 -16.83 36.54
C ILE A 77 13.72 -18.05 36.10
N ASN A 78 14.39 -19.16 35.79
CA ASN A 78 13.70 -20.42 35.48
C ASN A 78 12.75 -20.88 36.58
N LYS A 79 13.12 -20.60 37.83
CA LYS A 79 12.32 -21.03 38.97
C LYS A 79 11.02 -20.25 39.01
N ILE A 80 11.13 -18.92 38.86
CA ILE A 80 9.98 -18.03 38.81
C ILE A 80 9.03 -18.41 37.67
N ILE A 81 9.58 -18.64 36.48
CA ILE A 81 8.78 -19.02 35.31
C ILE A 81 8.08 -20.35 35.55
N ALA A 82 8.82 -21.36 35.96
CA ALA A 82 8.25 -22.69 36.25
C ALA A 82 7.15 -22.65 37.31
N GLU A 83 7.38 -21.92 38.40
CA GLU A 83 6.39 -21.96 39.48
C GLU A 83 5.08 -21.23 39.13
N VAL A 84 5.19 -20.19 38.31
CA VAL A 84 4.01 -19.52 37.78
C VAL A 84 3.32 -20.34 36.67
N ALA A 85 4.11 -20.94 35.79
CA ALA A 85 3.56 -21.79 34.75
C ALA A 85 2.83 -22.99 35.37
N GLU A 86 3.37 -23.52 36.47
CA GLU A 86 2.73 -24.63 37.21
C GLU A 86 1.36 -24.21 37.72
N LYS A 87 1.32 -23.06 38.38
CA LYS A 87 0.10 -22.47 38.91
C LYS A 87 -0.99 -22.25 37.83
N PHE A 88 -0.57 -21.85 36.63
CA PHE A 88 -1.51 -21.52 35.53
C PHE A 88 -1.83 -22.70 34.62
N GLY A 89 -1.12 -23.80 34.83
CA GLY A 89 -1.38 -25.02 34.05
C GLY A 89 -0.86 -24.90 32.63
N ILE A 90 0.25 -24.18 32.46
CA ILE A 90 0.80 -23.98 31.12
C ILE A 90 2.19 -24.57 30.92
N PRO A 91 2.45 -25.20 29.75
CA PRO A 91 3.73 -25.87 29.55
C PRO A 91 4.93 -24.92 29.44
N MET A 92 6.11 -25.41 29.81
CA MET A 92 7.31 -24.58 29.82
C MET A 92 8.47 -25.32 29.18
N GLY A 93 9.08 -24.68 28.19
CA GLY A 93 10.33 -25.14 27.61
C GLY A 93 11.46 -24.48 28.38
N VAL A 94 12.58 -25.18 28.53
CA VAL A 94 13.76 -24.56 29.12
C VAL A 94 14.66 -24.16 27.97
N GLY A 95 15.66 -23.32 28.26
CA GLY A 95 16.68 -22.98 27.28
C GLY A 95 17.59 -24.15 26.99
N SER A 96 18.54 -23.93 26.08
CA SER A 96 19.51 -24.95 25.71
C SER A 96 20.26 -25.53 26.90
N GLN A 97 20.24 -26.86 26.95
CA GLN A 97 20.86 -27.64 28.02
C GLN A 97 22.28 -28.08 27.64
N ARG A 98 22.80 -27.57 26.53
CA ARG A 98 24.19 -27.80 26.14
C ARG A 98 25.13 -27.38 27.29
N VAL A 99 24.95 -26.14 27.77
CA VAL A 99 25.72 -25.59 28.88
C VAL A 99 25.76 -26.50 30.12
N ALA A 100 24.70 -27.30 30.31
CA ALA A 100 24.62 -28.23 31.43
C ALA A 100 25.16 -29.62 31.11
N ILE A 101 25.24 -29.97 29.82
CA ILE A 101 25.92 -31.19 29.42
C ILE A 101 27.44 -30.93 29.56
N GLU A 102 27.87 -29.73 29.18
CA GLU A 102 29.26 -29.28 29.27
C GLU A 102 29.77 -28.97 30.69
N LYS A 103 28.88 -28.48 31.56
CA LYS A 103 29.24 -28.05 32.90
C LYS A 103 28.25 -28.52 33.94
N ALA A 104 28.68 -29.42 34.82
CA ALA A 104 27.85 -29.99 35.89
C ALA A 104 27.26 -28.93 36.84
N GLU A 105 27.97 -27.82 37.04
CA GLU A 105 27.51 -26.70 37.87
C GLU A 105 26.22 -26.05 37.33
N ALA A 106 25.99 -26.19 36.03
CA ALA A 106 24.86 -25.55 35.35
C ALA A 106 23.57 -26.35 35.48
N ARG A 107 23.67 -27.62 35.89
CA ARG A 107 22.53 -28.54 35.95
C ARG A 107 21.38 -28.11 36.85
N GLU A 108 21.70 -27.62 38.05
CA GLU A 108 20.67 -27.25 39.01
C GLU A 108 19.74 -26.15 38.45
N SER A 109 20.30 -25.29 37.61
CA SER A 109 19.55 -24.16 37.01
C SER A 109 18.44 -24.64 36.06
N PHE A 110 18.58 -25.88 35.57
CA PHE A 110 17.52 -26.53 34.82
C PHE A 110 16.65 -27.39 35.72
N ALA A 111 17.26 -28.26 36.53
CA ALA A 111 16.52 -29.19 37.41
C ALA A 111 15.51 -28.51 38.33
N ILE A 112 15.84 -27.30 38.81
CA ILE A 112 14.94 -26.51 39.67
C ILE A 112 13.50 -26.44 39.13
N VAL A 113 13.40 -26.35 37.80
CA VAL A 113 12.14 -26.27 37.06
C VAL A 113 11.15 -27.40 37.43
N ARG A 114 11.64 -28.64 37.48
CA ARG A 114 10.75 -29.76 37.79
C ARG A 114 10.49 -29.90 39.29
N LYS A 115 11.36 -29.33 40.12
CA LYS A 115 11.16 -29.36 41.58
C LYS A 115 9.94 -28.53 41.93
N VAL A 116 9.80 -27.42 41.19
CA VAL A 116 8.84 -26.39 41.51
C VAL A 116 7.60 -26.48 40.60
N ALA A 117 7.69 -27.30 39.55
CA ALA A 117 6.59 -27.51 38.62
C ALA A 117 6.38 -28.99 38.31
N PRO A 118 5.82 -29.74 39.28
CA PRO A 118 5.70 -31.21 39.13
C PRO A 118 4.69 -31.75 38.13
N THR A 119 3.69 -30.96 37.72
CA THR A 119 2.61 -31.51 36.88
C THR A 119 2.56 -31.04 35.41
N ILE A 120 2.89 -29.77 35.15
CA ILE A 120 2.86 -29.21 33.78
C ILE A 120 3.83 -29.92 32.85
N PRO A 121 3.56 -29.92 31.53
CA PRO A 121 4.57 -30.41 30.59
C PRO A 121 5.83 -29.53 30.61
N ILE A 122 7.00 -30.18 30.67
CA ILE A 122 8.28 -29.50 30.62
C ILE A 122 9.04 -29.97 29.41
N ILE A 123 9.57 -29.03 28.63
CA ILE A 123 10.18 -29.35 27.34
C ILE A 123 11.69 -29.10 27.41
N ALA A 124 12.47 -30.14 27.15
CA ALA A 124 13.92 -30.05 27.10
C ALA A 124 14.40 -29.29 25.84
N ASN A 125 15.69 -29.05 25.74
CA ASN A 125 16.22 -28.21 24.66
C ASN A 125 17.68 -28.50 24.35
N LEU A 126 17.95 -28.77 23.08
CA LEU A 126 19.32 -28.89 22.58
C LEU A 126 19.35 -28.30 21.19
N GLY A 127 20.52 -27.80 20.77
CA GLY A 127 20.66 -27.23 19.44
C GLY A 127 21.03 -28.24 18.38
N MET A 128 20.50 -28.03 17.18
CA MET A 128 20.82 -28.84 16.02
C MET A 128 22.35 -28.91 15.70
N PRO A 129 23.10 -27.78 15.83
CA PRO A 129 24.54 -27.91 15.54
C PRO A 129 25.26 -28.99 16.42
N GLN A 130 24.80 -29.19 17.66
CA GLN A 130 25.41 -30.17 18.58
C GLN A 130 25.25 -31.60 18.06
N LEU A 131 24.14 -31.85 17.38
CA LEU A 131 23.91 -33.14 16.68
C LEU A 131 24.92 -33.45 15.58
N VAL A 132 25.52 -32.42 14.98
CA VAL A 132 26.53 -32.67 13.96
C VAL A 132 27.92 -32.78 14.62
N LYS A 133 28.00 -32.38 15.89
CA LYS A 133 29.25 -32.26 16.64
C LYS A 133 29.31 -33.25 17.84
N GLY A 134 28.74 -34.43 17.67
CA GLY A 134 28.95 -35.48 18.66
C GLY A 134 27.81 -35.85 19.60
N TYR A 135 26.80 -34.98 19.72
CA TYR A 135 25.65 -35.29 20.56
C TYR A 135 24.78 -36.34 19.90
N GLY A 136 24.19 -37.19 20.72
CA GLY A 136 23.38 -38.30 20.23
C GLY A 136 22.41 -38.71 21.29
N LEU A 137 21.99 -39.97 21.23
CA LEU A 137 20.99 -40.52 22.13
C LEU A 137 21.21 -40.18 23.61
N LYS A 138 22.42 -40.40 24.12
CA LYS A 138 22.67 -40.31 25.56
C LYS A 138 22.55 -38.85 26.03
N GLU A 139 23.05 -37.93 25.23
CA GLU A 139 22.91 -36.51 25.56
C GLU A 139 21.43 -36.08 25.58
N PHE A 140 20.63 -36.59 24.63
CA PHE A 140 19.20 -36.30 24.61
C PHE A 140 18.53 -36.85 25.87
N GLN A 141 18.86 -38.09 26.22
CA GLN A 141 18.31 -38.75 27.42
C GLN A 141 18.68 -38.03 28.69
N ASP A 142 19.92 -37.56 28.76
CA ASP A 142 20.39 -36.73 29.88
C ASP A 142 19.62 -35.40 30.02
N ALA A 143 19.48 -34.68 28.89
CA ALA A 143 18.67 -33.47 28.85
C ALA A 143 17.23 -33.73 29.33
N ILE A 144 16.64 -34.81 28.84
CA ILE A 144 15.31 -35.22 29.23
C ILE A 144 15.19 -35.59 30.74
N GLN A 145 16.04 -36.49 31.23
CA GLN A 145 15.95 -36.94 32.64
C GLN A 145 16.27 -35.82 33.62
N MET A 146 17.08 -34.87 33.17
CA MET A 146 17.54 -33.77 34.02
C MET A 146 16.40 -32.92 34.58
N ILE A 147 15.26 -32.95 33.88
CA ILE A 147 14.07 -32.15 34.22
C ILE A 147 12.79 -32.98 34.09
N GLU A 148 12.95 -34.29 33.91
CA GLU A 148 11.83 -35.22 33.72
C GLU A 148 10.90 -34.63 32.64
N ALA A 149 11.50 -34.34 31.50
CA ALA A 149 10.85 -33.67 30.40
C ALA A 149 9.78 -34.55 29.77
N ASP A 150 8.72 -33.92 29.28
CA ASP A 150 7.66 -34.62 28.57
C ASP A 150 7.91 -34.61 27.05
N ALA A 151 8.92 -33.84 26.63
CA ALA A 151 9.27 -33.69 25.23
C ALA A 151 10.63 -33.02 25.13
N ILE A 152 11.26 -33.10 23.97
CA ILE A 152 12.50 -32.36 23.75
C ILE A 152 12.37 -31.46 22.51
N ALA A 153 12.74 -30.20 22.67
CA ALA A 153 12.81 -29.27 21.56
C ALA A 153 14.24 -29.29 21.03
N VAL A 154 14.38 -29.49 19.73
CA VAL A 154 15.65 -29.30 19.06
C VAL A 154 15.55 -28.01 18.24
N HIS A 155 16.41 -27.05 18.54
CA HIS A 155 16.31 -25.74 17.91
C HIS A 155 17.12 -25.59 16.63
N LEU A 156 16.57 -24.82 15.69
CA LEU A 156 17.25 -24.40 14.48
C LEU A 156 17.61 -22.93 14.66
N ASN A 157 18.90 -22.61 14.62
CA ASN A 157 19.33 -21.23 14.69
C ASN A 157 20.47 -20.88 13.73
N PRO A 158 20.39 -21.31 12.45
CA PRO A 158 21.54 -21.08 11.57
C PRO A 158 21.84 -19.58 11.35
N ALA A 159 20.81 -18.74 11.23
CA ALA A 159 20.98 -17.29 11.12
C ALA A 159 21.72 -16.72 12.33
N GLN A 160 21.33 -17.13 13.54
CA GLN A 160 22.03 -16.72 14.73
C GLN A 160 23.49 -17.19 14.71
N GLU A 161 23.71 -18.45 14.35
CA GLU A 161 25.06 -19.03 14.32
C GLU A 161 25.95 -18.29 13.33
N VAL A 162 25.42 -17.95 12.16
CA VAL A 162 26.17 -17.20 11.14
C VAL A 162 26.75 -15.88 11.66
N PHE A 163 26.00 -15.17 12.48
CA PHE A 163 26.41 -13.84 12.93
C PHE A 163 27.01 -13.86 14.32
N GLN A 164 26.76 -14.94 15.08
CA GLN A 164 27.32 -15.11 16.42
C GLN A 164 28.85 -15.08 16.33
N PRO A 165 29.53 -14.30 17.22
CA PRO A 165 31.01 -14.25 17.19
C PRO A 165 31.65 -15.67 17.31
N GLU A 166 31.23 -16.45 18.31
CA GLU A 166 31.67 -17.86 18.44
C GLU A 166 30.69 -18.90 17.83
N GLY A 167 30.02 -18.50 16.74
CA GLY A 167 28.90 -19.26 16.17
C GLY A 167 29.30 -20.54 15.45
N GLU A 168 28.36 -21.48 15.39
CA GLU A 168 28.58 -22.78 14.78
C GLU A 168 27.57 -23.11 13.68
N PRO A 169 27.78 -22.56 12.45
CA PRO A 169 26.79 -22.72 11.37
C PRO A 169 27.01 -24.05 10.62
N GLU A 170 26.72 -25.14 11.32
CA GLU A 170 26.93 -26.50 10.80
C GLU A 170 25.59 -27.18 10.73
N TYR A 171 25.02 -27.26 9.55
CA TYR A 171 23.67 -27.82 9.40
C TYR A 171 23.64 -28.91 8.34
N GLN A 172 24.68 -29.74 8.31
CA GLN A 172 24.80 -30.87 7.40
C GLN A 172 23.61 -31.82 7.57
N ILE A 173 23.16 -32.39 6.47
CA ILE A 173 21.98 -33.28 6.46
C ILE A 173 22.11 -34.49 7.40
N TYR A 174 23.34 -34.98 7.56
CA TYR A 174 23.67 -36.01 8.54
C TYR A 174 23.00 -35.82 9.91
N ALA A 175 22.85 -34.56 10.32
CA ALA A 175 22.21 -34.24 11.58
C ALA A 175 20.75 -34.73 11.66
N LEU A 176 20.07 -34.74 10.50
CA LEU A 176 18.68 -35.19 10.43
C LEU A 176 18.57 -36.70 10.48
N GLU A 177 19.51 -37.37 9.82
CA GLU A 177 19.65 -38.82 9.90
C GLU A 177 19.81 -39.25 11.36
N LYS A 178 20.64 -38.52 12.08
CA LYS A 178 20.92 -38.77 13.48
C LYS A 178 19.69 -38.53 14.34
N LEU A 179 19.00 -37.42 14.09
CA LEU A 179 17.78 -37.06 14.79
C LEU A 179 16.71 -38.14 14.63
N ARG A 180 16.50 -38.57 13.40
CA ARG A 180 15.59 -39.64 13.08
C ARG A 180 15.89 -40.95 13.84
N ASP A 181 17.16 -41.34 13.88
CA ASP A 181 17.62 -42.47 14.69
C ASP A 181 17.34 -42.25 16.16
N ILE A 182 17.76 -41.10 16.72
CA ILE A 182 17.52 -40.78 18.12
C ILE A 182 16.03 -40.89 18.48
N SER A 183 15.15 -40.39 17.61
CA SER A 183 13.69 -40.40 17.87
C SER A 183 13.13 -41.81 18.02
N LYS A 184 13.79 -42.78 17.40
CA LYS A 184 13.41 -44.19 17.48
C LYS A 184 13.48 -44.71 18.92
N GLU A 185 14.42 -44.15 19.67
CA GLU A 185 14.85 -44.72 20.91
C GLU A 185 14.41 -43.88 22.11
N LEU A 186 13.87 -42.71 21.82
CA LEU A 186 13.52 -41.72 22.83
C LEU A 186 12.13 -42.01 23.37
N SER A 187 11.92 -41.83 24.68
CA SER A 187 10.64 -42.13 25.31
C SER A 187 9.63 -40.96 25.19
N VAL A 188 10.09 -39.82 24.67
CA VAL A 188 9.27 -38.63 24.54
C VAL A 188 9.35 -38.08 23.10
N PRO A 189 8.32 -37.34 22.65
CA PRO A 189 8.42 -36.77 21.30
C PRO A 189 9.42 -35.60 21.16
N ILE A 190 9.86 -35.40 19.93
CA ILE A 190 10.72 -34.29 19.52
C ILE A 190 9.87 -33.20 18.84
N ILE A 191 10.08 -31.96 19.30
CA ILE A 191 9.64 -30.74 18.62
C ILE A 191 10.85 -30.06 17.95
N VAL A 192 10.71 -29.71 16.67
CA VAL A 192 11.72 -28.89 16.03
C VAL A 192 11.22 -27.43 15.96
N LYS A 193 11.98 -26.54 16.59
CA LYS A 193 11.62 -25.14 16.70
C LYS A 193 12.68 -24.27 16.04
N GLU A 194 12.28 -23.14 15.46
CA GLU A 194 13.26 -22.17 14.97
C GLU A 194 13.58 -21.23 16.14
N SER A 195 14.21 -20.10 15.84
CA SER A 195 14.58 -19.19 16.92
C SER A 195 14.60 -17.77 16.40
N GLY A 196 13.46 -17.29 15.92
CA GLY A 196 13.32 -15.93 15.45
C GLY A 196 13.32 -15.75 13.94
N ASN A 197 13.58 -16.81 13.17
CA ASN A 197 13.64 -16.66 11.72
C ASN A 197 12.65 -17.52 10.91
N GLY A 198 11.91 -18.39 11.62
CA GLY A 198 10.77 -19.05 11.02
C GLY A 198 10.99 -20.30 10.20
N ILE A 199 9.93 -21.11 10.11
CA ILE A 199 9.96 -22.37 9.37
C ILE A 199 9.17 -22.23 8.07
N SER A 200 9.85 -22.54 6.98
CA SER A 200 9.27 -22.48 5.65
C SER A 200 8.68 -23.85 5.32
N MET A 201 7.94 -23.93 4.21
CA MET A 201 7.46 -25.22 3.76
C MET A 201 8.52 -26.19 3.30
N GLU A 202 9.61 -25.72 2.68
CA GLU A 202 10.73 -26.62 2.30
C GLU A 202 11.40 -27.29 3.52
N THR A 203 11.66 -26.50 4.57
CA THR A 203 12.22 -26.98 5.83
C THR A 203 11.25 -27.89 6.58
N ALA A 204 9.98 -27.50 6.67
CA ALA A 204 8.96 -28.33 7.33
C ALA A 204 8.79 -29.68 6.62
N LYS A 205 8.75 -29.68 5.29
CA LYS A 205 8.61 -30.93 4.51
C LYS A 205 9.84 -31.83 4.64
N LEU A 206 11.02 -31.21 4.70
CA LEU A 206 12.27 -31.95 4.89
C LEU A 206 12.24 -32.64 6.24
N LEU A 207 11.97 -31.87 7.30
CA LEU A 207 11.93 -32.42 8.65
C LEU A 207 10.89 -33.54 8.76
N TYR A 208 9.75 -33.36 8.10
CA TYR A 208 8.67 -34.32 8.13
C TYR A 208 9.13 -35.62 7.44
N SER A 209 9.91 -35.46 6.38
CA SER A 209 10.39 -36.61 5.63
C SER A 209 11.34 -37.46 6.48
N TYR A 210 11.89 -36.85 7.54
CA TYR A 210 12.73 -37.56 8.52
C TYR A 210 11.97 -37.93 9.80
N GLY A 211 10.65 -37.77 9.75
CA GLY A 211 9.75 -38.23 10.82
C GLY A 211 9.38 -37.22 11.90
N ILE A 212 9.68 -35.95 11.68
CA ILE A 212 9.32 -34.90 12.62
C ILE A 212 7.90 -34.42 12.36
N LYS A 213 7.05 -34.47 13.38
CA LYS A 213 5.63 -34.15 13.25
C LYS A 213 5.23 -32.92 14.10
N ASN A 214 6.16 -32.43 14.91
CA ASN A 214 5.89 -31.35 15.85
C ASN A 214 6.84 -30.16 15.61
N PHE A 215 6.23 -29.01 15.37
CA PHE A 215 6.95 -27.84 14.92
C PHE A 215 6.61 -26.64 15.78
N ASP A 216 7.56 -25.75 15.91
CA ASP A 216 7.34 -24.49 16.59
C ASP A 216 7.93 -23.42 15.68
N THR A 217 7.07 -22.57 15.13
CA THR A 217 7.46 -21.66 14.02
C THR A 217 8.58 -20.69 14.35
N SER A 218 8.48 -20.05 15.51
CA SER A 218 9.44 -19.03 15.94
C SER A 218 9.84 -18.15 14.74
N GLY A 219 8.85 -17.45 14.17
CA GLY A 219 9.05 -16.61 13.02
C GLY A 219 9.66 -15.25 13.36
N GLN A 220 10.04 -14.49 12.33
CA GLN A 220 10.46 -13.12 12.55
C GLN A 220 9.32 -12.23 13.06
N GLY A 221 9.71 -11.18 13.79
CA GLY A 221 8.76 -10.16 14.23
C GLY A 221 8.71 -10.02 15.73
N GLY A 222 9.30 -11.00 16.43
CA GLY A 222 9.50 -10.92 17.88
C GLY A 222 10.98 -10.77 18.15
N THR A 223 11.50 -11.57 19.09
CA THR A 223 12.91 -11.46 19.43
C THR A 223 13.78 -11.62 18.17
N ASN A 224 14.61 -10.62 17.92
CA ASN A 224 15.46 -10.66 16.75
C ASN A 224 16.86 -11.13 17.15
N TRP A 225 17.11 -12.41 16.91
CA TRP A 225 18.37 -13.06 17.26
C TRP A 225 19.57 -12.62 16.41
N ILE A 226 19.31 -12.16 15.20
CA ILE A 226 20.32 -11.52 14.39
C ILE A 226 20.72 -10.17 15.03
N ALA A 227 19.75 -9.40 15.51
CA ALA A 227 20.02 -8.17 16.24
C ALA A 227 20.81 -8.42 17.55
N ILE A 228 20.44 -9.45 18.30
CA ILE A 228 21.17 -9.81 19.52
C ILE A 228 22.64 -10.08 19.20
N GLU A 229 22.90 -10.89 18.17
CA GLU A 229 24.29 -11.20 17.81
C GLU A 229 25.01 -9.99 17.19
N MET A 230 24.30 -9.22 16.36
CA MET A 230 24.80 -7.93 15.90
C MET A 230 25.32 -7.08 17.07
N ILE A 231 24.52 -6.98 18.14
CA ILE A 231 24.87 -6.21 19.33
C ILE A 231 26.08 -6.82 20.03
N ARG A 232 26.16 -8.15 20.07
CA ARG A 232 27.35 -8.82 20.64
C ARG A 232 28.59 -8.57 19.80
N ASP A 233 28.40 -8.46 18.48
CA ASP A 233 29.48 -8.14 17.54
C ASP A 233 29.90 -6.67 17.69
N ILE A 234 28.93 -5.76 17.80
CA ILE A 234 29.28 -4.34 17.97
C ILE A 234 30.14 -4.22 19.21
N ARG A 235 29.68 -4.88 20.28
CA ARG A 235 30.35 -4.86 21.56
C ARG A 235 31.80 -5.29 21.48
N ARG A 236 32.08 -6.36 20.76
CA ARG A 236 33.47 -6.82 20.71
C ARG A 236 34.22 -6.39 19.44
N GLY A 237 33.74 -5.33 18.80
CA GLY A 237 34.38 -4.75 17.63
C GLY A 237 34.49 -5.67 16.42
N ASN A 238 33.66 -6.71 16.39
CA ASN A 238 33.63 -7.69 15.31
C ASN A 238 32.91 -7.10 14.10
N TRP A 239 33.57 -7.14 12.93
CA TRP A 239 33.03 -6.48 11.70
C TRP A 239 31.76 -7.15 11.11
N LYS A 240 31.45 -8.37 11.56
CA LYS A 240 30.19 -9.03 11.20
C LYS A 240 28.95 -8.21 11.58
N ALA A 241 29.12 -7.25 12.50
CA ALA A 241 28.04 -6.37 12.95
C ALA A 241 27.35 -5.62 11.81
N GLU A 242 28.15 -5.09 10.89
CA GLU A 242 27.62 -4.29 9.79
C GLU A 242 26.84 -5.15 8.83
N SER A 243 27.31 -6.38 8.66
CA SER A 243 26.63 -7.37 7.82
C SER A 243 25.31 -7.84 8.44
N ALA A 244 25.31 -8.04 9.76
CA ALA A 244 24.10 -8.42 10.52
C ALA A 244 22.99 -7.42 10.30
N LYS A 245 23.36 -6.15 10.28
CA LYS A 245 22.40 -5.08 10.05
C LYS A 245 21.63 -5.25 8.73
N ASN A 246 22.30 -5.74 7.70
CA ASN A 246 21.63 -6.03 6.41
C ASN A 246 20.62 -7.18 6.47
N PHE A 247 20.71 -8.02 7.50
CA PHE A 247 19.85 -9.20 7.64
C PHE A 247 18.80 -9.09 8.74
N LEU A 248 18.62 -7.89 9.29
CA LEU A 248 17.67 -7.70 10.40
C LEU A 248 16.23 -8.10 10.09
N ASP A 249 15.82 -7.96 8.85
CA ASP A 249 14.49 -8.34 8.42
C ASP A 249 14.49 -9.67 7.64
N TRP A 250 15.55 -10.46 7.83
CA TRP A 250 15.64 -11.81 7.27
C TRP A 250 14.73 -12.77 8.03
N GLY A 251 14.09 -13.69 7.31
CA GLY A 251 13.30 -14.74 7.94
C GLY A 251 11.88 -14.86 7.44
N VAL A 252 11.18 -15.93 7.85
CA VAL A 252 9.75 -16.10 7.56
C VAL A 252 8.95 -15.48 8.70
N PRO A 253 8.10 -14.47 8.38
CA PRO A 253 7.27 -13.85 9.41
C PRO A 253 6.41 -14.88 10.11
N THR A 254 6.23 -14.71 11.41
CA THR A 254 5.46 -15.70 12.18
C THR A 254 4.19 -16.19 11.47
N ALA A 255 3.32 -15.25 11.04
CA ALA A 255 2.04 -15.58 10.41
C ALA A 255 2.20 -16.39 9.12
N ALA A 256 3.18 -16.02 8.32
CA ALA A 256 3.48 -16.71 7.08
C ALA A 256 3.99 -18.11 7.37
N SER A 257 4.78 -18.24 8.45
CA SER A 257 5.31 -19.55 8.87
C SER A 257 4.20 -20.49 9.38
N ILE A 258 3.25 -19.97 10.14
CA ILE A 258 2.11 -20.76 10.56
C ILE A 258 1.33 -21.32 9.35
N MET A 259 1.03 -20.45 8.38
CA MET A 259 0.35 -20.88 7.15
C MET A 259 1.21 -21.90 6.42
N GLU A 260 2.51 -21.61 6.30
CA GLU A 260 3.38 -22.54 5.54
C GLU A 260 3.45 -23.95 6.15
N VAL A 261 3.58 -24.03 7.47
CA VAL A 261 3.71 -25.33 8.13
C VAL A 261 2.39 -26.11 8.10
N ARG A 262 1.29 -25.44 8.44
CA ARG A 262 -0.03 -26.04 8.43
C ARG A 262 -0.41 -26.57 7.06
N TYR A 263 -0.01 -25.83 6.03
CA TYR A 263 -0.36 -26.14 4.66
C TYR A 263 0.46 -27.30 4.11
N SER A 264 1.77 -27.24 4.32
CA SER A 264 2.66 -28.27 3.81
C SER A 264 2.64 -29.55 4.66
N VAL A 265 2.39 -29.43 5.97
CA VAL A 265 2.20 -30.62 6.80
C VAL A 265 0.95 -30.51 7.67
N PRO A 266 -0.20 -30.78 7.05
CA PRO A 266 -1.54 -30.55 7.62
C PRO A 266 -1.84 -31.27 8.94
N ASP A 267 -1.17 -32.40 9.20
CA ASP A 267 -1.38 -33.17 10.44
C ASP A 267 -0.35 -32.82 11.54
N SER A 268 0.50 -31.83 11.27
CA SER A 268 1.51 -31.41 12.23
C SER A 268 0.87 -30.98 13.52
N PHE A 269 1.58 -31.14 14.62
CA PHE A 269 1.20 -30.46 15.84
C PHE A 269 2.10 -29.22 15.83
N LEU A 270 1.47 -28.04 15.94
CA LEU A 270 2.12 -26.80 15.59
C LEU A 270 2.04 -25.75 16.67
N VAL A 271 3.21 -25.28 17.11
CA VAL A 271 3.31 -24.10 17.99
C VAL A 271 3.55 -22.86 17.13
N GLY A 272 2.69 -21.86 17.27
CA GLY A 272 2.85 -20.59 16.58
C GLY A 272 3.48 -19.60 17.54
N SER A 273 4.72 -19.19 17.26
CA SER A 273 5.47 -18.29 18.16
C SER A 273 6.41 -17.43 17.36
N GLY A 274 6.91 -16.39 18.02
CA GLY A 274 7.77 -15.41 17.39
C GLY A 274 6.98 -14.14 17.36
N GLY A 275 7.10 -13.35 18.43
CA GLY A 275 6.42 -12.08 18.53
C GLY A 275 4.99 -12.14 18.97
N ILE A 276 4.62 -13.20 19.71
CA ILE A 276 3.31 -13.25 20.34
C ILE A 276 3.42 -12.41 21.61
N ARG A 277 2.64 -11.32 21.69
CA ARG A 277 2.81 -10.29 22.73
C ARG A 277 1.52 -9.99 23.49
N SER A 278 0.42 -10.55 22.99
CA SER A 278 -0.87 -10.40 23.64
C SER A 278 -1.68 -11.67 23.42
N GLY A 279 -2.83 -11.75 24.09
CA GLY A 279 -3.71 -12.90 23.93
C GLY A 279 -4.45 -12.84 22.61
N LEU A 280 -4.55 -11.64 22.06
CA LEU A 280 -5.02 -11.41 20.70
C LEU A 280 -4.02 -11.98 19.67
N ASP A 281 -2.73 -11.73 19.84
CA ASP A 281 -1.70 -12.39 19.02
C ASP A 281 -1.83 -13.90 19.06
N ALA A 282 -2.01 -14.41 20.28
CA ALA A 282 -2.15 -15.83 20.54
C ALA A 282 -3.37 -16.39 19.82
N ALA A 283 -4.49 -15.69 19.92
CA ALA A 283 -5.72 -16.07 19.23
C ALA A 283 -5.55 -16.06 17.70
N LYS A 284 -4.87 -15.04 17.16
CA LYS A 284 -4.62 -15.00 15.71
C LYS A 284 -3.80 -16.19 15.25
N ALA A 285 -2.77 -16.53 16.01
CA ALA A 285 -1.85 -17.63 15.68
C ALA A 285 -2.58 -18.95 15.64
N ILE A 286 -3.48 -19.16 16.59
CA ILE A 286 -4.31 -20.36 16.63
C ILE A 286 -5.34 -20.41 15.49
N ALA A 287 -6.13 -19.34 15.37
CA ALA A 287 -7.06 -19.24 14.24
C ALA A 287 -6.38 -19.47 12.90
N LEU A 288 -5.19 -18.91 12.69
CA LEU A 288 -4.42 -19.10 11.46
C LEU A 288 -4.01 -20.54 11.17
N GLY A 289 -3.76 -21.32 12.22
CA GLY A 289 -3.45 -22.71 12.01
C GLY A 289 -2.62 -23.37 13.09
N ALA A 290 -2.19 -22.60 14.09
CA ALA A 290 -1.40 -23.19 15.16
C ALA A 290 -2.31 -23.94 16.14
N ASP A 291 -1.74 -24.92 16.86
CA ASP A 291 -2.48 -25.64 17.91
C ASP A 291 -2.32 -24.93 19.22
N ILE A 292 -1.13 -24.36 19.42
CA ILE A 292 -0.89 -23.52 20.59
C ILE A 292 -0.02 -22.31 20.22
N ALA A 293 -0.13 -21.25 21.00
CA ALA A 293 0.72 -20.06 20.82
C ALA A 293 1.92 -20.13 21.77
N GLY A 294 3.10 -19.78 21.28
CA GLY A 294 4.31 -19.76 22.12
C GLY A 294 4.79 -18.35 22.44
N MET A 295 5.31 -18.16 23.65
CA MET A 295 5.90 -16.87 24.06
C MET A 295 7.22 -17.06 24.79
N ALA A 296 8.19 -16.20 24.53
CA ALA A 296 9.46 -16.23 25.29
C ALA A 296 9.76 -14.83 25.87
N LEU A 297 10.23 -13.91 25.05
CA LEU A 297 10.70 -12.60 25.56
C LEU A 297 9.83 -11.91 26.63
N PRO A 298 8.50 -11.74 26.41
CA PRO A 298 7.71 -11.03 27.42
C PRO A 298 7.56 -11.79 28.73
N VAL A 299 7.71 -13.11 28.70
CA VAL A 299 7.79 -13.91 29.92
C VAL A 299 9.10 -13.64 30.67
N LEU A 300 10.21 -13.56 29.95
CA LEU A 300 11.50 -13.21 30.52
C LEU A 300 11.46 -11.85 31.24
N LYS A 301 10.97 -10.82 30.54
CA LYS A 301 10.94 -9.47 31.09
C LYS A 301 10.08 -9.38 32.35
N SER A 302 8.93 -10.06 32.35
CA SER A 302 8.06 -10.16 33.51
C SER A 302 8.72 -10.91 34.67
N ALA A 303 9.31 -12.06 34.38
CA ALA A 303 9.95 -12.87 35.41
C ALA A 303 11.09 -12.10 36.11
N ILE A 304 11.79 -11.26 35.34
CA ILE A 304 12.86 -10.44 35.88
C ILE A 304 12.31 -9.44 36.90
N GLU A 305 11.12 -8.90 36.63
CA GLU A 305 10.43 -8.02 37.57
C GLU A 305 9.91 -8.79 38.78
N GLY A 306 9.57 -10.07 38.61
CA GLY A 306 9.18 -10.89 39.73
C GLY A 306 8.00 -11.79 39.48
N LYS A 307 7.77 -12.68 40.44
CA LYS A 307 6.70 -13.68 40.43
C LYS A 307 5.30 -13.04 40.24
N GLU A 308 4.98 -12.02 41.03
CA GLU A 308 3.65 -11.40 40.95
C GLU A 308 3.43 -10.66 39.62
N SER A 309 4.50 -10.04 39.12
CA SER A 309 4.50 -9.41 37.81
C SER A 309 4.21 -10.43 36.68
N LEU A 310 4.81 -11.61 36.76
CA LEU A 310 4.57 -12.66 35.78
C LEU A 310 3.18 -13.27 35.88
N GLU A 311 2.65 -13.37 37.10
CA GLU A 311 1.27 -13.81 37.32
C GLU A 311 0.28 -12.85 36.68
N GLN A 312 0.48 -11.55 36.89
CA GLN A 312 -0.34 -10.53 36.25
C GLN A 312 -0.23 -10.59 34.73
N PHE A 313 0.97 -10.89 34.23
CA PHE A 313 1.19 -10.99 32.79
C PHE A 313 0.33 -12.09 32.18
N PHE A 314 0.33 -13.27 32.82
CA PHE A 314 -0.44 -14.41 32.36
C PHE A 314 -1.94 -14.19 32.49
N ARG A 315 -2.36 -13.51 33.56
CA ARG A 315 -3.76 -13.13 33.69
C ARG A 315 -4.23 -12.29 32.49
N LYS A 316 -3.41 -11.33 32.12
CA LYS A 316 -3.67 -10.43 31.01
C LYS A 316 -3.74 -11.19 29.67
N ILE A 317 -2.75 -12.04 29.40
CA ILE A 317 -2.74 -12.88 28.21
C ILE A 317 -4.01 -13.76 28.10
N ILE A 318 -4.40 -14.37 29.22
CA ILE A 318 -5.52 -15.29 29.25
C ILE A 318 -6.82 -14.54 29.05
N PHE A 319 -6.95 -13.37 29.68
CA PHE A 319 -8.13 -12.52 29.50
C PHE A 319 -8.30 -12.08 28.03
N GLU A 320 -7.18 -11.65 27.43
CA GLU A 320 -7.15 -11.24 26.03
C GLU A 320 -7.49 -12.38 25.07
N LEU A 321 -7.00 -13.58 25.36
CA LEU A 321 -7.32 -14.74 24.55
C LEU A 321 -8.82 -15.02 24.62
N LYS A 322 -9.37 -14.97 25.84
CA LYS A 322 -10.77 -15.30 26.05
C LYS A 322 -11.65 -14.22 25.45
N ALA A 323 -11.19 -12.96 25.52
CA ALA A 323 -11.87 -11.85 24.87
C ALA A 323 -12.00 -12.13 23.38
N ALA A 324 -10.92 -12.56 22.75
CA ALA A 324 -10.92 -12.86 21.31
C ALA A 324 -11.76 -14.08 20.96
N MET A 325 -11.78 -15.06 21.86
CA MET A 325 -12.70 -16.21 21.71
C MET A 325 -14.18 -15.79 21.87
N MET A 326 -14.45 -14.96 22.88
CA MET A 326 -15.79 -14.44 23.11
C MET A 326 -16.29 -13.72 21.86
N LEU A 327 -15.44 -12.88 21.28
CA LEU A 327 -15.86 -11.92 20.25
C LEU A 327 -15.84 -12.56 18.88
N THR A 328 -15.44 -13.82 18.81
CA THR A 328 -15.53 -14.60 17.58
C THR A 328 -16.57 -15.73 17.71
N GLY A 329 -17.26 -15.77 18.85
CA GLY A 329 -18.17 -16.86 19.18
C GLY A 329 -17.48 -18.21 19.33
N SER A 330 -16.27 -18.23 19.88
CA SER A 330 -15.51 -19.47 20.02
C SER A 330 -15.59 -19.97 21.44
N LYS A 331 -16.39 -21.01 21.68
CA LYS A 331 -16.59 -21.54 23.06
C LYS A 331 -15.37 -22.29 23.60
N ASP A 332 -14.58 -22.82 22.69
CA ASP A 332 -13.41 -23.60 23.05
C ASP A 332 -12.34 -23.47 22.00
N VAL A 333 -11.20 -24.11 22.24
CA VAL A 333 -10.03 -23.98 21.38
C VAL A 333 -10.27 -24.49 19.94
N ASP A 334 -10.95 -25.63 19.82
CA ASP A 334 -11.35 -26.16 18.51
C ASP A 334 -12.17 -25.18 17.69
N ALA A 335 -13.10 -24.48 18.33
CA ALA A 335 -13.92 -23.49 17.65
C ALA A 335 -13.07 -22.31 17.14
N LEU A 336 -12.11 -21.86 17.94
CA LEU A 336 -11.17 -20.80 17.55
C LEU A 336 -10.33 -21.18 16.31
N LYS A 337 -9.91 -22.44 16.27
CA LYS A 337 -9.15 -22.97 15.13
C LYS A 337 -9.91 -22.89 13.80
N LYS A 338 -11.23 -22.82 13.86
CA LYS A 338 -11.98 -22.69 12.63
C LYS A 338 -12.85 -21.44 12.54
N THR A 339 -12.59 -20.44 13.39
CA THR A 339 -13.34 -19.18 13.33
C THR A 339 -12.98 -18.41 12.04
N SER A 340 -13.83 -17.46 11.67
CA SER A 340 -13.68 -16.72 10.42
C SER A 340 -12.56 -15.70 10.53
N ILE A 341 -11.73 -15.65 9.49
CA ILE A 341 -10.64 -14.67 9.43
C ILE A 341 -10.65 -13.90 8.12
N VAL A 342 -9.90 -12.81 8.08
CA VAL A 342 -9.56 -12.14 6.82
C VAL A 342 -8.03 -12.09 6.73
N ILE A 343 -7.50 -12.49 5.57
CA ILE A 343 -6.07 -12.29 5.31
C ILE A 343 -5.88 -11.23 4.21
N LEU A 344 -5.09 -10.19 4.55
CA LEU A 344 -4.86 -8.99 3.73
C LEU A 344 -3.37 -8.78 3.43
N GLY A 345 -3.08 -7.75 2.65
CA GLY A 345 -1.75 -7.13 2.59
C GLY A 345 -0.62 -8.05 2.17
N LYS A 346 0.52 -7.91 2.84
CA LYS A 346 1.75 -8.64 2.46
C LYS A 346 1.64 -10.13 2.71
N LEU A 347 0.96 -10.52 3.79
CA LEU A 347 0.70 -11.92 4.08
C LEU A 347 -0.08 -12.62 2.95
N LYS A 348 -1.10 -11.94 2.44
CA LYS A 348 -1.87 -12.44 1.30
C LYS A 348 -0.97 -12.62 0.08
N GLU A 349 -0.13 -11.64 -0.20
CA GLU A 349 0.80 -11.72 -1.34
C GLU A 349 1.83 -12.82 -1.17
N TRP A 350 2.30 -12.97 0.06
CA TRP A 350 3.23 -14.04 0.41
C TRP A 350 2.61 -15.41 0.08
N ALA A 351 1.40 -15.66 0.61
CA ALA A 351 0.68 -16.91 0.39
C ALA A 351 0.45 -17.19 -1.10
N GLU A 352 0.00 -16.17 -1.82
CA GLU A 352 -0.25 -16.29 -3.26
C GLU A 352 0.99 -16.71 -4.02
N TYR A 353 2.09 -15.98 -3.84
CA TYR A 353 3.34 -16.34 -4.49
C TYR A 353 3.83 -17.76 -4.16
N ARG A 354 3.67 -18.16 -2.90
CA ARG A 354 4.14 -19.45 -2.42
C ARG A 354 3.19 -20.59 -2.78
N GLY A 355 2.15 -20.29 -3.54
CA GLY A 355 1.25 -21.32 -4.06
C GLY A 355 0.31 -21.86 -3.00
N ILE A 356 0.14 -21.12 -1.91
CA ILE A 356 -0.86 -21.49 -0.91
C ILE A 356 -2.24 -21.06 -1.42
N ASN A 357 -2.94 -22.04 -1.99
CA ASN A 357 -4.33 -21.91 -2.40
C ASN A 357 -5.18 -21.63 -1.15
N LEU A 358 -5.82 -20.46 -1.14
CA LEU A 358 -6.53 -20.02 0.07
C LEU A 358 -7.74 -20.89 0.42
N SER A 359 -8.40 -21.40 -0.61
CA SER A 359 -9.54 -22.27 -0.43
C SER A 359 -9.12 -23.59 0.21
N ILE A 360 -8.09 -24.23 -0.33
CA ILE A 360 -7.65 -25.47 0.33
C ILE A 360 -7.03 -25.15 1.72
N TYR A 361 -6.39 -23.96 1.83
CA TYR A 361 -5.91 -23.46 3.12
C TYR A 361 -6.97 -23.40 4.21
N GLU A 362 -8.09 -22.74 3.89
CA GLU A 362 -9.23 -22.65 4.79
C GLU A 362 -9.72 -24.04 5.23
N LYS A 363 -9.85 -24.97 4.28
CA LYS A 363 -10.24 -26.35 4.60
C LYS A 363 -9.26 -27.00 5.59
N VAL A 364 -7.96 -26.89 5.29
CA VAL A 364 -6.90 -27.51 6.11
C VAL A 364 -6.79 -26.95 7.54
N ARG A 365 -6.92 -25.62 7.70
CA ARG A 365 -6.84 -25.01 9.03
C ARG A 365 -8.10 -25.28 9.85
N LYS A 366 -9.22 -25.45 9.17
CA LYS A 366 -10.42 -25.91 9.84
C LYS A 366 -10.26 -27.41 10.15
N ASP B 3 38.75 18.42 -21.44
CA ASP B 3 37.32 18.86 -21.21
C ASP B 3 36.34 17.69 -21.01
N ILE B 4 36.47 16.68 -21.87
CA ILE B 4 35.96 15.35 -21.59
C ILE B 4 36.62 14.82 -20.31
N VAL B 5 37.93 15.08 -20.16
CA VAL B 5 38.65 14.71 -18.93
C VAL B 5 38.10 15.46 -17.70
N ASN B 6 37.61 16.67 -17.92
CA ASN B 6 36.93 17.45 -16.89
C ASN B 6 35.59 16.86 -16.42
N ARG B 7 34.77 16.44 -17.40
CA ARG B 7 33.55 15.72 -17.12
C ARG B 7 33.86 14.46 -16.32
N LYS B 8 34.87 13.71 -16.74
CA LYS B 8 35.34 12.53 -16.03
C LYS B 8 35.63 12.81 -14.56
N VAL B 9 36.41 13.85 -14.24
CA VAL B 9 36.64 14.11 -12.81
C VAL B 9 35.39 14.58 -12.07
N GLU B 10 34.60 15.42 -12.74
CA GLU B 10 33.33 15.91 -12.20
C GLU B 10 32.33 14.77 -11.90
N HIS B 11 32.23 13.80 -12.80
CA HIS B 11 31.42 12.60 -12.58
C HIS B 11 31.81 11.87 -11.32
N VAL B 12 33.09 11.52 -11.20
CA VAL B 12 33.61 10.86 -9.99
C VAL B 12 33.33 11.68 -8.71
N GLU B 13 33.50 13.00 -8.80
CA GLU B 13 33.36 13.90 -7.66
C GLU B 13 31.91 13.97 -7.17
N ILE B 14 30.97 14.16 -8.10
CA ILE B 14 29.55 14.17 -7.78
C ILE B 14 29.06 12.81 -7.30
N ALA B 15 29.45 11.74 -8.00
CA ALA B 15 29.04 10.40 -7.60
C ALA B 15 29.57 10.05 -6.21
N ALA B 16 30.85 10.32 -5.97
CA ALA B 16 31.46 9.99 -4.69
C ALA B 16 30.98 10.82 -3.51
N PHE B 17 30.77 12.13 -3.75
CA PHE B 17 30.57 13.09 -2.64
C PHE B 17 29.23 13.76 -2.56
N GLU B 18 28.40 13.64 -3.59
CA GLU B 18 27.05 14.23 -3.58
C GLU B 18 25.94 13.19 -3.35
N ASN B 19 24.72 13.68 -3.14
CA ASN B 19 23.62 12.80 -2.82
C ASN B 19 22.91 12.30 -4.07
N VAL B 20 23.48 11.29 -4.71
CA VAL B 20 22.93 10.76 -5.98
C VAL B 20 22.62 9.28 -5.96
N ASP B 21 22.90 8.60 -4.87
CA ASP B 21 22.71 7.15 -4.80
C ASP B 21 21.29 6.80 -4.41
N GLY B 22 20.50 6.33 -5.39
CA GLY B 22 19.09 6.01 -5.15
C GLY B 22 18.22 7.25 -4.92
N LEU B 23 18.64 8.39 -5.48
CA LEU B 23 17.91 9.65 -5.32
C LEU B 23 16.58 9.56 -6.06
N SER B 24 15.49 9.56 -5.29
CA SER B 24 14.12 9.52 -5.81
C SER B 24 13.82 8.30 -6.67
N SER B 25 14.67 7.27 -6.56
CA SER B 25 14.59 6.09 -7.39
C SER B 25 14.55 4.84 -6.50
N SER B 26 14.37 3.68 -7.13
CA SER B 26 14.20 2.43 -6.39
C SER B 26 14.59 1.23 -7.26
N THR B 27 15.25 0.25 -6.64
CA THR B 27 15.63 -0.98 -7.31
C THR B 27 14.47 -2.01 -7.38
N PHE B 28 13.43 -1.81 -6.57
CA PHE B 28 12.36 -2.81 -6.33
C PHE B 28 12.86 -4.06 -5.60
N LEU B 29 14.12 -4.06 -5.11
CA LEU B 29 14.67 -5.27 -4.47
C LEU B 29 14.08 -5.56 -3.10
N ASN B 30 13.51 -4.54 -2.44
CA ASN B 30 12.66 -4.74 -1.26
C ASN B 30 11.43 -5.61 -1.52
N ASP B 31 11.03 -5.70 -2.78
CA ASP B 31 9.90 -6.50 -3.18
C ASP B 31 10.28 -7.97 -3.42
N VAL B 32 11.58 -8.26 -3.33
CA VAL B 32 12.12 -9.62 -3.48
C VAL B 32 12.58 -10.15 -2.11
N ILE B 33 12.03 -11.30 -1.72
CA ILE B 33 12.41 -11.91 -0.45
C ILE B 33 12.90 -13.32 -0.72
N LEU B 34 14.11 -13.59 -0.26
CA LEU B 34 14.68 -14.95 -0.25
C LEU B 34 14.10 -15.73 0.93
N VAL B 35 13.53 -16.89 0.63
CA VAL B 35 12.93 -17.71 1.68
C VAL B 35 14.02 -18.33 2.58
N HIS B 36 13.89 -18.06 3.87
CA HIS B 36 14.78 -18.58 4.88
C HIS B 36 14.56 -20.09 5.09
N GLN B 37 15.66 -20.83 5.15
CA GLN B 37 15.64 -22.27 5.41
C GLN B 37 16.27 -22.60 6.78
N GLY B 38 15.43 -22.88 7.77
CA GLY B 38 15.87 -23.18 9.13
C GLY B 38 16.79 -24.40 9.21
N PHE B 39 16.64 -25.35 8.27
CA PHE B 39 17.61 -26.41 8.10
C PHE B 39 18.26 -26.30 6.73
N PRO B 40 19.36 -25.54 6.63
CA PRO B 40 20.07 -25.37 5.35
C PRO B 40 20.56 -26.65 4.64
N GLY B 41 21.00 -27.66 5.39
CA GLY B 41 21.49 -28.94 4.78
C GLY B 41 22.97 -28.85 4.41
N ILE B 42 23.63 -27.80 4.90
CA ILE B 42 25.00 -27.52 4.56
C ILE B 42 25.70 -26.84 5.73
N SER B 43 27.01 -26.73 5.58
CA SER B 43 27.86 -26.05 6.51
C SER B 43 28.32 -24.75 5.84
N PHE B 44 28.52 -23.68 6.60
CA PHE B 44 28.99 -22.41 6.03
C PHE B 44 30.27 -22.60 5.17
N SER B 45 31.21 -23.38 5.72
CA SER B 45 32.53 -23.56 5.12
C SER B 45 32.55 -24.43 3.88
N GLU B 46 31.47 -25.15 3.61
CA GLU B 46 31.39 -25.88 2.36
C GLU B 46 30.78 -25.10 1.20
N ILE B 47 30.31 -23.87 1.47
CA ILE B 47 29.74 -23.00 0.41
C ILE B 47 30.78 -22.63 -0.65
N ASN B 48 30.43 -22.92 -1.90
CA ASN B 48 31.28 -22.63 -3.05
C ASN B 48 30.71 -21.48 -3.90
N THR B 49 31.47 -20.38 -3.99
CA THR B 49 31.01 -19.17 -4.68
C THR B 49 31.64 -18.97 -6.06
N LYS B 50 32.45 -19.94 -6.48
CA LYS B 50 33.11 -19.90 -7.78
C LYS B 50 32.07 -19.98 -8.89
N THR B 51 32.35 -19.29 -9.99
CA THR B 51 31.49 -19.31 -11.17
C THR B 51 32.28 -18.93 -12.45
N LYS B 52 31.63 -19.08 -13.60
CA LYS B 52 32.26 -18.81 -14.90
C LYS B 52 31.99 -17.37 -15.30
N PHE B 53 33.00 -16.77 -15.93
CA PHE B 53 32.85 -15.48 -16.58
C PHE B 53 33.54 -15.60 -17.93
N PHE B 54 32.75 -15.91 -18.95
CA PHE B 54 33.26 -16.29 -20.27
C PHE B 54 34.24 -17.45 -20.15
N ARG B 55 35.49 -17.25 -20.54
CA ARG B 55 36.44 -18.36 -20.58
C ARG B 55 37.26 -18.52 -19.28
N LYS B 56 37.01 -17.65 -18.30
CA LYS B 56 37.73 -17.66 -17.04
C LYS B 56 36.83 -18.12 -15.91
N GLU B 57 37.45 -18.54 -14.81
CA GLU B 57 36.72 -18.80 -13.58
C GLU B 57 36.96 -17.63 -12.64
N ILE B 58 35.90 -17.21 -11.95
CA ILE B 58 36.01 -16.14 -10.99
C ILE B 58 35.63 -16.70 -9.60
N SER B 59 36.05 -16.01 -8.55
CA SER B 59 35.95 -16.51 -7.20
C SER B 59 34.57 -16.38 -6.61
N VAL B 60 33.78 -15.48 -7.18
CA VAL B 60 32.60 -14.93 -6.53
C VAL B 60 31.75 -14.41 -7.69
N PRO B 61 30.41 -14.59 -7.64
CA PRO B 61 29.56 -14.16 -8.74
C PRO B 61 29.24 -12.62 -8.68
N VAL B 62 30.29 -11.82 -8.59
CA VAL B 62 30.17 -10.38 -8.48
C VAL B 62 31.25 -9.77 -9.39
N MET B 63 30.92 -8.67 -10.06
CA MET B 63 31.91 -7.92 -10.82
C MET B 63 31.88 -6.44 -10.43
N VAL B 64 33.01 -5.77 -10.56
CA VAL B 64 33.02 -4.32 -10.54
C VAL B 64 32.74 -3.84 -11.98
N THR B 65 31.65 -3.08 -12.15
CA THR B 65 31.30 -2.53 -13.46
C THR B 65 32.05 -1.23 -13.71
N GLY B 66 32.11 -0.84 -14.99
CA GLY B 66 32.98 0.27 -15.43
C GLY B 66 32.68 1.61 -14.80
N MET B 67 33.73 2.36 -14.50
CA MET B 67 33.56 3.66 -13.88
C MET B 67 34.46 4.77 -14.45
N THR B 68 35.78 4.57 -14.40
CA THR B 68 36.64 5.72 -14.59
C THR B 68 37.95 5.45 -15.36
N GLY B 69 38.77 6.50 -15.43
CA GLY B 69 39.96 6.55 -16.27
C GLY B 69 39.95 7.89 -17.01
N GLY B 70 41.10 8.31 -17.51
CA GLY B 70 41.19 9.53 -18.32
C GLY B 70 42.12 10.59 -17.80
N ARG B 71 42.64 10.37 -16.59
CA ARG B 71 43.55 11.28 -15.92
C ARG B 71 44.30 10.55 -14.80
N ASN B 72 45.46 11.06 -14.38
CA ASN B 72 46.29 10.42 -13.35
C ASN B 72 45.56 9.95 -12.10
N GLU B 73 44.80 10.85 -11.48
CA GLU B 73 44.16 10.56 -10.20
C GLU B 73 43.02 9.58 -10.38
N LEU B 74 42.48 9.55 -11.60
CA LEU B 74 41.47 8.57 -11.98
C LEU B 74 42.13 7.20 -12.24
N GLY B 75 43.34 7.23 -12.79
CA GLY B 75 44.16 6.04 -12.96
C GLY B 75 44.63 5.40 -11.67
N ARG B 76 44.92 6.22 -10.66
CA ARG B 76 45.29 5.68 -9.34
C ARG B 76 44.09 4.99 -8.63
N ILE B 77 42.87 5.49 -8.87
CA ILE B 77 41.66 4.83 -8.41
C ILE B 77 41.50 3.48 -9.11
N ASN B 78 41.65 3.49 -10.44
CA ASN B 78 41.60 2.27 -11.23
C ASN B 78 42.62 1.22 -10.79
N LYS B 79 43.79 1.68 -10.35
CA LYS B 79 44.87 0.82 -9.91
C LYS B 79 44.49 0.13 -8.59
N ILE B 80 43.94 0.89 -7.65
CA ILE B 80 43.45 0.35 -6.38
C ILE B 80 42.36 -0.68 -6.64
N ILE B 81 41.37 -0.31 -7.46
CA ILE B 81 40.30 -1.24 -7.79
C ILE B 81 40.83 -2.53 -8.44
N ALA B 82 41.67 -2.38 -9.45
CA ALA B 82 42.22 -3.53 -10.16
C ALA B 82 43.04 -4.47 -9.27
N GLU B 83 43.89 -3.92 -8.41
CA GLU B 83 44.76 -4.77 -7.59
C GLU B 83 43.99 -5.52 -6.49
N VAL B 84 42.94 -4.89 -5.96
CA VAL B 84 42.09 -5.58 -5.01
C VAL B 84 41.23 -6.61 -5.73
N ALA B 85 40.65 -6.24 -6.88
CA ALA B 85 39.85 -7.21 -7.67
C ALA B 85 40.66 -8.43 -8.08
N GLU B 86 41.95 -8.22 -8.37
CA GLU B 86 42.88 -9.31 -8.71
C GLU B 86 43.07 -10.27 -7.52
N LYS B 87 43.34 -9.68 -6.36
CA LYS B 87 43.45 -10.42 -5.11
C LYS B 87 42.22 -11.26 -4.80
N PHE B 88 41.03 -10.73 -5.09
CA PHE B 88 39.77 -11.39 -4.70
C PHE B 88 39.22 -12.30 -5.79
N GLY B 89 39.85 -12.24 -6.96
CA GLY B 89 39.44 -13.07 -8.10
C GLY B 89 38.10 -12.64 -8.68
N ILE B 90 37.86 -11.34 -8.71
CA ILE B 90 36.63 -10.81 -9.30
C ILE B 90 36.87 -9.93 -10.52
N PRO B 91 35.99 -10.03 -11.54
CA PRO B 91 36.21 -9.28 -12.77
C PRO B 91 35.95 -7.78 -12.61
N MET B 92 36.68 -6.99 -13.41
CA MET B 92 36.59 -5.54 -13.36
C MET B 92 36.39 -4.92 -14.77
N GLY B 93 35.33 -4.12 -14.90
CA GLY B 93 35.15 -3.28 -16.08
C GLY B 93 35.83 -1.96 -15.81
N VAL B 94 36.38 -1.35 -16.85
CA VAL B 94 36.88 0.01 -16.73
C VAL B 94 35.83 0.99 -17.25
N GLY B 95 36.01 2.26 -16.97
CA GLY B 95 35.15 3.31 -17.49
C GLY B 95 35.36 3.50 -18.99
N SER B 96 34.55 4.39 -19.56
CA SER B 96 34.62 4.67 -20.99
C SER B 96 36.04 5.05 -21.43
N GLN B 97 36.47 4.36 -22.48
CA GLN B 97 37.80 4.56 -23.04
C GLN B 97 37.81 5.56 -24.21
N ARG B 98 36.68 6.22 -24.43
CA ARG B 98 36.60 7.28 -25.43
C ARG B 98 37.68 8.33 -25.18
N VAL B 99 37.74 8.79 -23.93
CA VAL B 99 38.73 9.78 -23.49
C VAL B 99 40.16 9.37 -23.82
N ALA B 100 40.41 8.06 -23.88
CA ALA B 100 41.74 7.52 -24.22
C ALA B 100 41.94 7.28 -25.71
N ILE B 101 40.84 7.12 -26.44
CA ILE B 101 40.90 7.13 -27.92
C ILE B 101 41.17 8.57 -28.41
N GLU B 102 40.51 9.53 -27.77
CA GLU B 102 40.70 10.97 -28.05
C GLU B 102 42.02 11.60 -27.54
N LYS B 103 42.54 11.11 -26.43
CA LYS B 103 43.74 11.70 -25.83
C LYS B 103 44.72 10.62 -25.38
N ALA B 104 45.87 10.56 -26.06
CA ALA B 104 46.95 9.62 -25.72
C ALA B 104 47.44 9.67 -24.26
N GLU B 105 47.43 10.85 -23.65
CA GLU B 105 47.79 11.02 -22.23
C GLU B 105 46.87 10.26 -21.27
N ALA B 106 45.67 9.90 -21.73
CA ALA B 106 44.67 9.24 -20.89
C ALA B 106 44.84 7.71 -20.86
N ARG B 107 45.64 7.18 -21.78
CA ARG B 107 45.78 5.74 -21.94
C ARG B 107 46.31 5.02 -20.72
N GLU B 108 47.35 5.58 -20.09
CA GLU B 108 48.00 4.92 -18.96
C GLU B 108 47.02 4.64 -17.82
N SER B 109 46.05 5.55 -17.64
CA SER B 109 45.04 5.45 -16.58
C SER B 109 44.11 4.24 -16.74
N PHE B 110 44.05 3.69 -17.96
CA PHE B 110 43.37 2.42 -18.23
C PHE B 110 44.35 1.24 -18.22
N ALA B 111 45.49 1.39 -18.91
CA ALA B 111 46.48 0.30 -19.05
C ALA B 111 46.99 -0.21 -17.69
N ILE B 112 47.12 0.68 -16.72
CA ILE B 112 47.58 0.34 -15.35
C ILE B 112 46.82 -0.87 -14.78
N VAL B 113 45.53 -0.93 -15.12
CA VAL B 113 44.62 -1.98 -14.69
C VAL B 113 45.15 -3.40 -14.97
N ARG B 114 45.63 -3.64 -16.20
CA ARG B 114 46.15 -4.96 -16.58
C ARG B 114 47.57 -5.23 -16.05
N LYS B 115 48.33 -4.18 -15.76
CA LYS B 115 49.66 -4.32 -15.18
C LYS B 115 49.56 -4.93 -13.80
N VAL B 116 48.50 -4.53 -13.08
CA VAL B 116 48.37 -4.80 -11.67
C VAL B 116 47.38 -5.96 -11.45
N ALA B 117 46.64 -6.32 -12.50
CA ALA B 117 45.66 -7.41 -12.44
C ALA B 117 45.77 -8.32 -13.66
N PRO B 118 46.83 -9.17 -13.69
CA PRO B 118 47.11 -9.99 -14.86
C PRO B 118 46.14 -11.15 -15.15
N THR B 119 45.37 -11.61 -14.16
CA THR B 119 44.62 -12.86 -14.35
C THR B 119 43.09 -12.72 -14.43
N ILE B 120 42.51 -11.82 -13.63
CA ILE B 120 41.06 -11.60 -13.62
C ILE B 120 40.53 -11.12 -14.96
N PRO B 121 39.24 -11.42 -15.29
CA PRO B 121 38.66 -10.82 -16.47
C PRO B 121 38.62 -9.30 -16.37
N ILE B 122 39.06 -8.63 -17.44
CA ILE B 122 39.00 -7.17 -17.54
C ILE B 122 38.10 -6.80 -18.72
N ILE B 123 37.17 -5.88 -18.49
CA ILE B 123 36.14 -5.55 -19.46
C ILE B 123 36.35 -4.12 -19.97
N ALA B 124 36.55 -4.02 -21.27
CA ALA B 124 36.65 -2.73 -21.97
C ALA B 124 35.32 -1.97 -21.97
N ASN B 125 35.36 -0.70 -22.38
CA ASN B 125 34.16 0.14 -22.35
C ASN B 125 34.17 1.24 -23.38
N LEU B 126 33.11 1.29 -24.17
CA LEU B 126 32.84 2.38 -25.11
C LEU B 126 31.34 2.68 -25.12
N GLY B 127 30.98 3.92 -25.42
CA GLY B 127 29.58 4.28 -25.47
C GLY B 127 28.94 4.06 -26.82
N MET B 128 27.67 3.70 -26.78
CA MET B 128 26.84 3.61 -27.99
C MET B 128 26.86 4.86 -28.87
N PRO B 129 26.82 6.08 -28.28
CA PRO B 129 26.78 7.27 -29.14
C PRO B 129 28.00 7.42 -30.04
N GLN B 130 29.15 6.91 -29.59
CA GLN B 130 30.38 6.89 -30.37
C GLN B 130 30.30 5.99 -31.59
N LEU B 131 29.59 4.87 -31.49
CA LEU B 131 29.27 4.02 -32.64
C LEU B 131 28.47 4.70 -33.76
N VAL B 132 27.61 5.65 -33.38
CA VAL B 132 26.81 6.42 -34.33
C VAL B 132 27.69 7.50 -34.98
N LYS B 133 28.72 7.93 -34.26
CA LYS B 133 29.62 9.02 -34.60
C LYS B 133 31.02 8.59 -35.07
N GLY B 134 31.12 7.46 -35.76
CA GLY B 134 32.38 7.18 -36.41
C GLY B 134 33.28 6.12 -35.82
N TYR B 135 32.99 5.66 -34.60
CA TYR B 135 33.75 4.54 -34.05
C TYR B 135 33.37 3.26 -34.77
N GLY B 136 34.38 2.40 -34.98
CA GLY B 136 34.17 1.14 -35.63
C GLY B 136 35.15 0.13 -35.08
N LEU B 137 35.34 -0.93 -35.85
CA LEU B 137 36.18 -2.04 -35.48
C LEU B 137 37.51 -1.65 -34.83
N LYS B 138 38.27 -0.78 -35.48
CA LYS B 138 39.61 -0.42 -35.00
C LYS B 138 39.62 0.24 -33.63
N GLU B 139 38.67 1.13 -33.39
CA GLU B 139 38.49 1.76 -32.07
C GLU B 139 38.16 0.74 -30.99
N PHE B 140 37.28 -0.22 -31.30
CA PHE B 140 36.98 -1.32 -30.40
C PHE B 140 38.23 -2.14 -30.09
N GLN B 141 38.96 -2.50 -31.15
CA GLN B 141 40.20 -3.28 -30.99
C GLN B 141 41.23 -2.54 -30.15
N ASP B 142 41.34 -1.23 -30.36
CA ASP B 142 42.21 -0.38 -29.55
C ASP B 142 41.83 -0.34 -28.06
N ALA B 143 40.53 -0.22 -27.78
CA ALA B 143 40.02 -0.27 -26.41
C ALA B 143 40.31 -1.62 -25.76
N ILE B 144 40.10 -2.70 -26.51
CA ILE B 144 40.41 -4.05 -26.04
C ILE B 144 41.91 -4.29 -25.77
N GLN B 145 42.79 -4.02 -26.73
CA GLN B 145 44.25 -4.29 -26.58
C GLN B 145 44.89 -3.42 -25.51
N MET B 146 44.30 -2.25 -25.27
CA MET B 146 44.84 -1.26 -24.34
C MET B 146 44.95 -1.80 -22.93
N ILE B 147 44.14 -2.82 -22.62
CA ILE B 147 44.04 -3.42 -21.29
C ILE B 147 43.94 -4.95 -21.42
N GLU B 148 44.24 -5.47 -22.62
CA GLU B 148 44.15 -6.91 -22.90
C GLU B 148 42.84 -7.47 -22.35
N ALA B 149 41.74 -6.86 -22.79
CA ALA B 149 40.41 -7.10 -22.26
C ALA B 149 39.92 -8.49 -22.63
N ASP B 150 39.11 -9.09 -21.77
CA ASP B 150 38.46 -10.37 -22.06
C ASP B 150 37.04 -10.20 -22.69
N ALA B 151 36.58 -8.95 -22.75
CA ALA B 151 35.27 -8.58 -23.25
C ALA B 151 35.19 -7.08 -23.38
N ILE B 152 34.22 -6.61 -24.17
CA ILE B 152 33.95 -5.16 -24.24
C ILE B 152 32.49 -4.84 -23.83
N ALA B 153 32.33 -3.87 -22.96
CA ALA B 153 31.00 -3.38 -22.62
C ALA B 153 30.72 -2.19 -23.49
N VAL B 154 29.56 -2.20 -24.14
CA VAL B 154 29.08 -1.03 -24.85
C VAL B 154 27.91 -0.48 -24.03
N HIS B 155 28.05 0.75 -23.54
CA HIS B 155 27.05 1.28 -22.65
C HIS B 155 25.92 2.03 -23.36
N LEU B 156 24.75 1.95 -22.76
CA LEU B 156 23.55 2.66 -23.18
C LEU B 156 23.34 3.74 -22.12
N ASN B 157 23.38 5.01 -22.52
CA ASN B 157 23.08 6.09 -21.58
C ASN B 157 22.23 7.23 -22.18
N PRO B 158 21.15 6.89 -22.91
CA PRO B 158 20.40 7.98 -23.58
C PRO B 158 19.76 8.98 -22.59
N ALA B 159 19.24 8.49 -21.45
CA ALA B 159 18.74 9.36 -20.38
C ALA B 159 19.81 10.35 -19.87
N GLN B 160 21.02 9.85 -19.60
CA GLN B 160 22.13 10.72 -19.23
C GLN B 160 22.46 11.73 -20.34
N GLU B 161 22.53 11.27 -21.57
CA GLU B 161 22.87 12.14 -22.71
C GLU B 161 21.83 13.26 -22.89
N VAL B 162 20.56 12.94 -22.72
CA VAL B 162 19.48 13.92 -22.82
C VAL B 162 19.71 15.14 -21.89
N PHE B 163 20.18 14.88 -20.68
CA PHE B 163 20.24 15.90 -19.65
C PHE B 163 21.66 16.45 -19.48
N GLN B 164 22.66 15.69 -19.94
CA GLN B 164 24.05 16.15 -19.93
C GLN B 164 24.17 17.50 -20.69
N PRO B 165 24.86 18.49 -20.09
CA PRO B 165 25.08 19.79 -20.77
C PRO B 165 25.70 19.63 -22.16
N GLU B 166 26.78 18.85 -22.28
CA GLU B 166 27.41 18.54 -23.58
C GLU B 166 27.00 17.16 -24.15
N GLY B 167 25.77 16.73 -23.85
CA GLY B 167 25.29 15.37 -24.14
C GLY B 167 25.07 15.05 -25.62
N GLU B 168 25.10 13.76 -25.93
CA GLU B 168 24.97 13.27 -27.32
C GLU B 168 23.89 12.18 -27.42
N PRO B 169 22.61 12.61 -27.52
CA PRO B 169 21.50 11.67 -27.54
C PRO B 169 21.21 11.18 -28.95
N GLU B 170 22.17 10.41 -29.49
CA GLU B 170 22.11 9.86 -30.85
C GLU B 170 22.07 8.37 -30.73
N TYR B 171 20.90 7.79 -30.93
CA TYR B 171 20.76 6.35 -30.78
C TYR B 171 20.10 5.73 -31.99
N GLN B 172 20.48 6.21 -33.17
CA GLN B 172 19.97 5.68 -34.44
C GLN B 172 20.22 4.18 -34.57
N ILE B 173 19.25 3.48 -35.13
CA ILE B 173 19.30 2.03 -35.33
C ILE B 173 20.51 1.52 -36.10
N TYR B 174 21.01 2.34 -37.03
CA TYR B 174 22.27 2.11 -37.74
C TYR B 174 23.45 1.67 -36.84
N ALA B 175 23.47 2.18 -35.59
CA ALA B 175 24.50 1.83 -34.63
C ALA B 175 24.50 0.31 -34.32
N LEU B 176 23.32 -0.30 -34.35
CA LEU B 176 23.19 -1.71 -34.04
C LEU B 176 23.68 -2.60 -35.17
N GLU B 177 23.41 -2.17 -36.40
CA GLU B 177 23.97 -2.80 -37.60
C GLU B 177 25.49 -2.80 -37.56
N LYS B 178 26.06 -1.66 -37.17
CA LYS B 178 27.48 -1.49 -36.99
C LYS B 178 28.02 -2.39 -35.88
N LEU B 179 27.32 -2.45 -34.74
CA LEU B 179 27.73 -3.26 -33.60
C LEU B 179 27.77 -4.73 -33.99
N ARG B 180 26.72 -5.17 -34.66
CA ARG B 180 26.60 -6.54 -35.14
C ARG B 180 27.76 -6.89 -36.09
N ASP B 181 28.12 -5.97 -36.98
CA ASP B 181 29.26 -6.12 -37.85
C ASP B 181 30.56 -6.21 -37.08
N ILE B 182 30.80 -5.28 -36.17
CA ILE B 182 31.97 -5.28 -35.32
C ILE B 182 32.14 -6.59 -34.55
N SER B 183 31.03 -7.13 -34.04
CA SER B 183 31.05 -8.36 -33.25
C SER B 183 31.56 -9.55 -34.06
N LYS B 184 31.35 -9.50 -35.38
CA LYS B 184 31.79 -10.56 -36.29
C LYS B 184 33.30 -10.74 -36.28
N GLU B 185 33.99 -9.64 -36.03
CA GLU B 185 35.41 -9.54 -36.27
C GLU B 185 36.20 -9.40 -34.97
N LEU B 186 35.49 -9.24 -33.86
CA LEU B 186 36.10 -9.03 -32.57
C LEU B 186 36.52 -10.37 -31.96
N SER B 187 37.62 -10.38 -31.22
CA SER B 187 38.14 -11.62 -30.64
C SER B 187 37.54 -11.94 -29.27
N VAL B 188 36.77 -10.99 -28.73
CA VAL B 188 36.16 -11.12 -27.41
C VAL B 188 34.66 -10.78 -27.50
N PRO B 189 33.84 -11.32 -26.57
CA PRO B 189 32.41 -11.01 -26.60
C PRO B 189 32.06 -9.56 -26.20
N ILE B 190 30.87 -9.14 -26.63
CA ILE B 190 30.32 -7.84 -26.31
C ILE B 190 29.24 -8.02 -25.23
N ILE B 191 29.34 -7.17 -24.19
CA ILE B 191 28.25 -6.97 -23.22
C ILE B 191 27.59 -5.62 -23.50
N VAL B 192 26.27 -5.59 -23.59
CA VAL B 192 25.56 -4.31 -23.63
C VAL B 192 25.00 -4.02 -22.24
N LYS B 193 25.45 -2.89 -21.68
CA LYS B 193 25.04 -2.48 -20.34
C LYS B 193 24.27 -1.15 -20.37
N GLU B 194 23.35 -0.96 -19.42
CA GLU B 194 22.75 0.38 -19.27
C GLU B 194 23.62 1.17 -18.28
N SER B 195 23.10 2.28 -17.80
CA SER B 195 23.86 3.11 -16.88
C SER B 195 22.92 3.82 -15.93
N GLY B 196 22.16 3.06 -15.15
CA GLY B 196 21.29 3.63 -14.15
C GLY B 196 19.81 3.67 -14.49
N ASN B 197 19.45 3.32 -15.72
CA ASN B 197 18.04 3.41 -16.10
C ASN B 197 17.43 2.11 -16.59
N GLY B 198 18.24 1.06 -16.69
CA GLY B 198 17.74 -0.29 -16.86
C GLY B 198 17.35 -0.77 -18.25
N ILE B 199 17.30 -2.10 -18.43
CA ILE B 199 17.04 -2.71 -19.73
C ILE B 199 15.67 -3.35 -19.71
N SER B 200 14.83 -2.95 -20.65
CA SER B 200 13.48 -3.46 -20.78
C SER B 200 13.49 -4.68 -21.69
N MET B 201 12.38 -5.40 -21.74
CA MET B 201 12.27 -6.47 -22.72
C MET B 201 12.32 -6.06 -24.19
N GLU B 202 11.77 -4.89 -24.53
CA GLU B 202 11.82 -4.39 -25.91
C GLU B 202 13.26 -4.13 -26.34
N THR B 203 14.06 -3.54 -25.46
CA THR B 203 15.46 -3.23 -25.77
C THR B 203 16.29 -4.50 -25.78
N ALA B 204 16.06 -5.39 -24.82
CA ALA B 204 16.78 -6.67 -24.76
C ALA B 204 16.50 -7.51 -26.01
N LYS B 205 15.24 -7.64 -26.40
CA LYS B 205 14.88 -8.40 -27.60
C LYS B 205 15.45 -7.77 -28.86
N LEU B 206 15.53 -6.43 -28.89
CA LEU B 206 16.07 -5.75 -30.07
C LEU B 206 17.56 -6.05 -30.18
N LEU B 207 18.27 -5.91 -29.07
CA LEU B 207 19.71 -6.15 -29.05
C LEU B 207 20.00 -7.61 -29.39
N TYR B 208 19.19 -8.51 -28.87
CA TYR B 208 19.31 -9.92 -29.16
C TYR B 208 19.11 -10.22 -30.68
N SER B 209 18.14 -9.55 -31.28
CA SER B 209 17.89 -9.75 -32.70
C SER B 209 19.14 -9.39 -33.52
N TYR B 210 20.02 -8.57 -32.94
CA TYR B 210 21.26 -8.15 -33.61
C TYR B 210 22.48 -8.92 -33.12
N GLY B 211 22.22 -10.01 -32.38
CA GLY B 211 23.25 -10.95 -31.92
C GLY B 211 23.85 -10.69 -30.53
N ILE B 212 23.27 -9.78 -29.76
CA ILE B 212 23.78 -9.52 -28.40
C ILE B 212 23.17 -10.52 -27.43
N LYS B 213 24.03 -11.23 -26.69
CA LYS B 213 23.61 -12.32 -25.79
C LYS B 213 23.97 -12.00 -24.34
N ASN B 214 24.76 -10.94 -24.14
CA ASN B 214 25.28 -10.59 -22.82
C ASN B 214 24.81 -9.21 -22.41
N PHE B 215 24.13 -9.15 -21.27
CA PHE B 215 23.45 -7.93 -20.81
C PHE B 215 23.82 -7.60 -19.39
N ASP B 216 23.86 -6.32 -19.10
CA ASP B 216 24.09 -5.83 -17.74
C ASP B 216 23.00 -4.79 -17.48
N THR B 217 22.08 -5.12 -16.57
CA THR B 217 20.84 -4.36 -16.39
C THR B 217 21.04 -2.88 -16.04
N SER B 218 21.96 -2.61 -15.13
CA SER B 218 22.14 -1.26 -14.60
C SER B 218 20.82 -0.51 -14.48
N GLY B 219 19.94 -1.03 -13.62
CA GLY B 219 18.62 -0.44 -13.44
C GLY B 219 18.64 0.78 -12.52
N GLN B 220 17.50 1.46 -12.43
CA GLN B 220 17.34 2.52 -11.46
C GLN B 220 17.37 1.99 -10.02
N GLY B 221 17.77 2.86 -9.09
CA GLY B 221 17.75 2.53 -7.68
C GLY B 221 19.10 2.66 -7.05
N GLY B 222 20.14 2.72 -7.89
CA GLY B 222 21.51 2.97 -7.44
C GLY B 222 21.95 4.33 -7.95
N THR B 223 23.16 4.41 -8.50
CA THR B 223 23.68 5.68 -8.96
C THR B 223 22.69 6.28 -9.96
N ASN B 224 22.30 7.52 -9.68
CA ASN B 224 21.29 8.18 -10.48
C ASN B 224 21.98 9.16 -11.40
N TRP B 225 22.12 8.75 -12.66
CA TRP B 225 22.87 9.50 -13.65
C TRP B 225 22.13 10.73 -14.16
N ILE B 226 20.82 10.72 -14.03
CA ILE B 226 20.00 11.88 -14.36
C ILE B 226 20.24 12.91 -13.25
N ALA B 227 20.39 12.42 -12.02
CA ALA B 227 20.71 13.28 -10.89
C ALA B 227 22.09 13.90 -11.01
N ILE B 228 23.06 13.10 -11.48
CA ILE B 228 24.43 13.58 -11.66
C ILE B 228 24.44 14.73 -12.68
N GLU B 229 23.76 14.54 -13.81
CA GLU B 229 23.72 15.56 -14.85
C GLU B 229 22.85 16.76 -14.44
N MET B 230 21.76 16.52 -13.70
CA MET B 230 21.00 17.60 -13.06
C MET B 230 21.90 18.52 -12.22
N ILE B 231 22.74 17.93 -11.38
CA ILE B 231 23.73 18.66 -10.58
C ILE B 231 24.71 19.41 -11.47
N ARG B 232 25.13 18.80 -12.59
CA ARG B 232 26.09 19.45 -13.49
C ARG B 232 25.41 20.65 -14.15
N ASP B 233 24.14 20.49 -14.47
CA ASP B 233 23.30 21.56 -15.02
C ASP B 233 23.05 22.68 -13.99
N ILE B 234 22.71 22.33 -12.75
CA ILE B 234 22.54 23.32 -11.68
C ILE B 234 23.80 24.16 -11.61
N ARG B 235 24.94 23.48 -11.49
CA ARG B 235 26.25 24.10 -11.42
C ARG B 235 26.53 25.13 -12.51
N ARG B 236 26.19 24.83 -13.75
CA ARG B 236 26.49 25.80 -14.81
C ARG B 236 25.27 26.63 -15.25
N GLY B 237 24.27 26.68 -14.37
CA GLY B 237 23.04 27.46 -14.58
C GLY B 237 22.22 27.07 -15.80
N ASN B 238 22.39 25.82 -16.24
CA ASN B 238 21.67 25.28 -17.37
C ASN B 238 20.23 24.96 -16.95
N TRP B 239 19.26 25.46 -17.70
CA TRP B 239 17.83 25.30 -17.34
C TRP B 239 17.29 23.85 -17.46
N LYS B 240 18.04 22.98 -18.15
CA LYS B 240 17.72 21.55 -18.20
C LYS B 240 17.66 20.90 -16.81
N ALA B 241 18.23 21.56 -15.80
CA ALA B 241 18.22 21.08 -14.41
C ALA B 241 16.83 20.85 -13.85
N GLU B 242 15.92 21.79 -14.09
CA GLU B 242 14.56 21.68 -13.57
C GLU B 242 13.79 20.55 -14.25
N SER B 243 14.07 20.35 -15.54
CA SER B 243 13.50 19.23 -16.29
C SER B 243 14.04 17.87 -15.83
N ALA B 244 15.34 17.81 -15.54
CA ALA B 244 15.99 16.61 -14.99
C ALA B 244 15.29 16.14 -13.71
N LYS B 245 14.96 17.09 -12.83
CA LYS B 245 14.27 16.80 -11.59
C LYS B 245 12.98 16.02 -11.83
N ASN B 246 12.28 16.28 -12.93
CA ASN B 246 11.04 15.55 -13.27
C ASN B 246 11.25 14.11 -13.68
N PHE B 247 12.50 13.76 -14.02
CA PHE B 247 12.87 12.45 -14.49
C PHE B 247 13.72 11.64 -13.53
N LEU B 248 13.91 12.13 -12.30
CA LEU B 248 14.76 11.40 -11.34
C LEU B 248 14.34 9.95 -11.05
N ASP B 249 13.04 9.66 -11.14
CA ASP B 249 12.56 8.30 -10.95
C ASP B 249 12.25 7.61 -12.29
N TRP B 250 12.78 8.14 -13.38
CA TRP B 250 12.70 7.51 -14.67
C TRP B 250 13.58 6.24 -14.77
N GLY B 251 13.05 5.20 -15.42
CA GLY B 251 13.83 3.99 -15.67
C GLY B 251 13.20 2.67 -15.23
N VAL B 252 13.81 1.56 -15.64
CA VAL B 252 13.40 0.25 -15.17
C VAL B 252 14.18 -0.05 -13.88
N PRO B 253 13.45 -0.29 -12.76
CA PRO B 253 14.11 -0.71 -11.53
C PRO B 253 14.95 -1.95 -11.74
N THR B 254 16.10 -1.98 -11.10
CA THR B 254 17.01 -3.13 -11.24
C THR B 254 16.30 -4.48 -11.23
N ALA B 255 15.48 -4.75 -10.20
CA ALA B 255 14.80 -6.04 -10.05
C ALA B 255 13.86 -6.36 -11.20
N ALA B 256 13.10 -5.36 -11.62
CA ALA B 256 12.21 -5.51 -12.79
C ALA B 256 13.02 -5.78 -14.05
N SER B 257 14.18 -5.13 -14.19
CA SER B 257 15.04 -5.31 -15.36
C SER B 257 15.64 -6.73 -15.44
N ILE B 258 16.03 -7.27 -14.28
CA ILE B 258 16.49 -8.65 -14.20
C ILE B 258 15.40 -9.62 -14.67
N MET B 259 14.20 -9.47 -14.13
CA MET B 259 13.08 -10.28 -14.58
C MET B 259 12.83 -10.11 -16.07
N GLU B 260 12.83 -8.86 -16.54
CA GLU B 260 12.53 -8.59 -17.96
C GLU B 260 13.53 -9.22 -18.94
N VAL B 261 14.82 -9.13 -18.63
CA VAL B 261 15.87 -9.66 -19.52
C VAL B 261 15.91 -11.19 -19.49
N ARG B 262 15.91 -11.77 -18.29
CA ARG B 262 15.84 -13.22 -18.13
C ARG B 262 14.60 -13.83 -18.81
N TYR B 263 13.48 -13.14 -18.72
CA TYR B 263 12.23 -13.62 -19.32
C TYR B 263 12.21 -13.54 -20.84
N SER B 264 12.60 -12.40 -21.37
CA SER B 264 12.54 -12.15 -22.80
C SER B 264 13.74 -12.75 -23.53
N VAL B 265 14.90 -12.78 -22.90
CA VAL B 265 16.03 -13.57 -23.44
C VAL B 265 16.60 -14.63 -22.49
N PRO B 266 15.90 -15.77 -22.36
CA PRO B 266 16.17 -16.79 -21.32
C PRO B 266 17.58 -17.40 -21.30
N ASP B 267 18.28 -17.37 -22.44
CA ASP B 267 19.64 -17.90 -22.56
C ASP B 267 20.71 -16.82 -22.40
N SER B 268 20.29 -15.60 -22.09
CA SER B 268 21.24 -14.51 -21.91
C SER B 268 22.24 -14.78 -20.79
N PHE B 269 23.43 -14.23 -20.92
CA PHE B 269 24.31 -14.16 -19.81
C PHE B 269 24.01 -12.75 -19.24
N LEU B 270 23.61 -12.73 -17.96
CA LEU B 270 23.03 -11.54 -17.35
C LEU B 270 23.78 -11.05 -16.13
N VAL B 271 24.21 -9.79 -16.15
CA VAL B 271 24.70 -9.09 -14.94
C VAL B 271 23.54 -8.27 -14.36
N GLY B 272 23.25 -8.50 -13.09
CA GLY B 272 22.24 -7.72 -12.39
C GLY B 272 22.96 -6.63 -11.60
N SER B 273 22.78 -5.37 -12.02
CA SER B 273 23.44 -4.24 -11.36
C SER B 273 22.55 -3.01 -11.37
N GLY B 274 22.94 -2.03 -10.57
CA GLY B 274 22.16 -0.83 -10.35
C GLY B 274 21.66 -0.89 -8.92
N GLY B 275 22.42 -0.31 -7.99
CA GLY B 275 21.99 -0.28 -6.61
C GLY B 275 22.25 -1.52 -5.82
N ILE B 276 23.22 -2.33 -6.25
CA ILE B 276 23.66 -3.48 -5.45
C ILE B 276 24.61 -2.93 -4.42
N ARG B 277 24.22 -3.01 -3.15
CA ARG B 277 24.94 -2.33 -2.05
C ARG B 277 25.39 -3.29 -0.93
N SER B 278 24.92 -4.53 -0.99
CA SER B 278 25.29 -5.54 -0.02
C SER B 278 25.35 -6.89 -0.70
N GLY B 279 25.92 -7.88 -0.01
CA GLY B 279 25.91 -9.26 -0.51
C GLY B 279 24.51 -9.87 -0.54
N LEU B 280 23.61 -9.32 0.25
CA LEU B 280 22.19 -9.70 0.20
C LEU B 280 21.54 -9.17 -1.08
N ASP B 281 21.81 -7.92 -1.44
CA ASP B 281 21.39 -7.41 -2.76
C ASP B 281 21.88 -8.29 -3.89
N ALA B 282 23.16 -8.65 -3.82
CA ALA B 282 23.82 -9.50 -4.79
C ALA B 282 23.12 -10.85 -4.87
N ALA B 283 22.84 -11.46 -3.73
CA ALA B 283 22.11 -12.73 -3.67
C ALA B 283 20.70 -12.68 -4.25
N LYS B 284 19.95 -11.62 -3.93
CA LYS B 284 18.63 -11.38 -4.52
C LYS B 284 18.69 -11.25 -6.04
N ALA B 285 19.63 -10.45 -6.54
CA ALA B 285 19.77 -10.25 -7.99
C ALA B 285 20.02 -11.57 -8.75
N ILE B 286 20.86 -12.44 -8.17
CA ILE B 286 21.18 -13.74 -8.73
C ILE B 286 19.99 -14.70 -8.65
N ALA B 287 19.42 -14.85 -7.45
CA ALA B 287 18.22 -15.62 -7.26
C ALA B 287 17.10 -15.20 -8.21
N LEU B 288 16.90 -13.89 -8.39
CA LEU B 288 15.92 -13.38 -9.37
C LEU B 288 16.16 -13.79 -10.81
N GLY B 289 17.41 -13.96 -11.22
CA GLY B 289 17.67 -14.37 -12.58
C GLY B 289 19.01 -13.93 -13.12
N ALA B 290 19.76 -13.14 -12.37
CA ALA B 290 21.08 -12.73 -12.87
C ALA B 290 22.11 -13.87 -12.73
N ASP B 291 23.15 -13.85 -13.54
CA ASP B 291 24.21 -14.84 -13.41
C ASP B 291 25.29 -14.31 -12.48
N ILE B 292 25.49 -12.98 -12.50
CA ILE B 292 26.37 -12.32 -11.57
C ILE B 292 25.76 -10.96 -11.16
N ALA B 293 26.15 -10.47 -9.99
CA ALA B 293 25.79 -9.13 -9.52
C ALA B 293 26.87 -8.12 -9.87
N GLY B 294 26.49 -6.93 -10.30
CA GLY B 294 27.44 -5.86 -10.60
C GLY B 294 27.39 -4.71 -9.59
N MET B 295 28.56 -4.13 -9.29
CA MET B 295 28.66 -2.97 -8.39
C MET B 295 29.60 -1.92 -8.95
N ALA B 296 29.22 -0.66 -8.78
CA ALA B 296 30.11 0.44 -9.18
C ALA B 296 30.30 1.41 -8.03
N LEU B 297 29.31 2.26 -7.75
CA LEU B 297 29.47 3.35 -6.77
C LEU B 297 30.13 2.97 -5.45
N PRO B 298 29.64 1.90 -4.74
CA PRO B 298 30.26 1.63 -3.42
C PRO B 298 31.72 1.16 -3.53
N VAL B 299 32.11 0.61 -4.68
CA VAL B 299 33.52 0.30 -4.93
C VAL B 299 34.32 1.58 -5.10
N LEU B 300 33.78 2.54 -5.84
CA LEU B 300 34.41 3.84 -6.01
C LEU B 300 34.68 4.52 -4.66
N LYS B 301 33.65 4.62 -3.81
CA LYS B 301 33.75 5.30 -2.54
C LYS B 301 34.77 4.64 -1.60
N SER B 302 34.83 3.31 -1.63
CA SER B 302 35.81 2.55 -0.86
C SER B 302 37.23 2.73 -1.38
N ALA B 303 37.39 2.67 -2.70
CA ALA B 303 38.69 2.85 -3.33
C ALA B 303 39.29 4.24 -3.04
N ILE B 304 38.44 5.25 -2.96
CA ILE B 304 38.87 6.61 -2.65
C ILE B 304 39.43 6.68 -1.22
N GLU B 305 38.82 5.92 -0.31
CA GLU B 305 39.34 5.79 1.04
C GLU B 305 40.66 5.00 1.09
N GLY B 306 40.86 4.08 0.15
CA GLY B 306 42.10 3.31 0.11
C GLY B 306 41.94 1.83 -0.13
N LYS B 307 43.09 1.21 -0.39
CA LYS B 307 43.20 -0.20 -0.69
C LYS B 307 42.62 -1.07 0.42
N GLU B 308 42.99 -0.81 1.67
CA GLU B 308 42.53 -1.64 2.80
C GLU B 308 41.02 -1.51 3.04
N SER B 309 40.52 -0.31 2.83
CA SER B 309 39.11 -0.03 2.91
C SER B 309 38.32 -0.84 1.85
N LEU B 310 38.85 -0.90 0.64
CA LEU B 310 38.22 -1.66 -0.43
C LEU B 310 38.26 -3.16 -0.19
N GLU B 311 39.36 -3.63 0.39
CA GLU B 311 39.51 -5.04 0.79
C GLU B 311 38.48 -5.43 1.83
N GLN B 312 38.31 -4.60 2.84
CA GLN B 312 37.28 -4.82 3.86
C GLN B 312 35.86 -4.79 3.27
N PHE B 313 35.63 -3.87 2.33
CA PHE B 313 34.36 -3.82 1.60
C PHE B 313 34.02 -5.12 0.88
N PHE B 314 34.97 -5.68 0.14
CA PHE B 314 34.75 -6.96 -0.56
C PHE B 314 34.58 -8.14 0.40
N ARG B 315 35.33 -8.15 1.50
CA ARG B 315 35.14 -9.16 2.55
C ARG B 315 33.70 -9.16 3.07
N LYS B 316 33.18 -7.97 3.33
CA LYS B 316 31.81 -7.76 3.81
C LYS B 316 30.79 -8.26 2.78
N ILE B 317 30.92 -7.83 1.53
CA ILE B 317 30.07 -8.31 0.41
C ILE B 317 30.07 -9.83 0.29
N ILE B 318 31.25 -10.43 0.36
CA ILE B 318 31.40 -11.89 0.21
C ILE B 318 30.78 -12.63 1.40
N PHE B 319 31.01 -12.13 2.60
CA PHE B 319 30.38 -12.70 3.79
C PHE B 319 28.85 -12.64 3.71
N GLU B 320 28.32 -11.49 3.31
CA GLU B 320 26.87 -11.30 3.18
C GLU B 320 26.25 -12.21 2.11
N LEU B 321 26.96 -12.35 0.99
CA LEU B 321 26.51 -13.27 -0.05
C LEU B 321 26.44 -14.70 0.49
N LYS B 322 27.50 -15.13 1.18
CA LYS B 322 27.57 -16.50 1.69
C LYS B 322 26.58 -16.70 2.81
N ALA B 323 26.34 -15.66 3.61
CA ALA B 323 25.26 -15.70 4.61
C ALA B 323 23.89 -15.96 3.96
N ALA B 324 23.62 -15.29 2.84
CA ALA B 324 22.35 -15.48 2.12
C ALA B 324 22.26 -16.86 1.47
N MET B 325 23.40 -17.36 1.00
CA MET B 325 23.49 -18.72 0.44
C MET B 325 23.28 -19.77 1.54
N MET B 326 23.92 -19.58 2.68
CA MET B 326 23.79 -20.45 3.85
C MET B 326 22.33 -20.56 4.25
N LEU B 327 21.68 -19.41 4.36
CA LEU B 327 20.36 -19.30 4.95
C LEU B 327 19.24 -19.66 4.00
N THR B 328 19.58 -19.89 2.74
CA THR B 328 18.64 -20.45 1.76
C THR B 328 18.99 -21.91 1.43
N GLY B 329 20.00 -22.46 2.12
CA GLY B 329 20.51 -23.80 1.79
C GLY B 329 21.15 -23.90 0.40
N SER B 330 21.84 -22.84 -0.04
CA SER B 330 22.47 -22.82 -1.36
C SER B 330 23.96 -23.15 -1.25
N LYS B 331 24.36 -24.35 -1.67
CA LYS B 331 25.78 -24.74 -1.54
C LYS B 331 26.69 -24.05 -2.54
N ASP B 332 26.12 -23.71 -3.70
CA ASP B 332 26.88 -23.08 -4.74
C ASP B 332 25.98 -22.10 -5.50
N VAL B 333 26.57 -21.40 -6.46
CA VAL B 333 25.89 -20.38 -7.23
C VAL B 333 24.69 -20.91 -8.02
N ASP B 334 24.81 -22.10 -8.61
CA ASP B 334 23.67 -22.73 -9.30
C ASP B 334 22.49 -22.97 -8.39
N ALA B 335 22.75 -23.37 -7.14
CA ALA B 335 21.68 -23.61 -6.17
C ALA B 335 20.98 -22.31 -5.79
N LEU B 336 21.74 -21.23 -5.62
CA LEU B 336 21.20 -19.89 -5.38
C LEU B 336 20.26 -19.44 -6.52
N LYS B 337 20.67 -19.70 -7.77
CA LYS B 337 19.88 -19.32 -8.95
C LYS B 337 18.48 -19.97 -8.95
N LYS B 338 18.32 -21.07 -8.21
CA LYS B 338 17.01 -21.71 -8.15
C LYS B 338 16.39 -21.79 -6.76
N THR B 339 16.95 -21.04 -5.82
CA THR B 339 16.38 -21.03 -4.47
C THR B 339 14.97 -20.37 -4.47
N SER B 340 14.19 -20.66 -3.43
CA SER B 340 12.84 -20.16 -3.26
C SER B 340 12.79 -18.68 -2.92
N ILE B 341 11.92 -17.94 -3.62
CA ILE B 341 11.78 -16.51 -3.40
C ILE B 341 10.32 -16.17 -3.21
N VAL B 342 10.06 -14.96 -2.75
CA VAL B 342 8.73 -14.36 -2.79
C VAL B 342 8.84 -13.02 -3.53
N ILE B 343 7.95 -12.79 -4.49
CA ILE B 343 7.82 -11.48 -5.15
C ILE B 343 6.52 -10.81 -4.72
N LEU B 344 6.63 -9.60 -4.18
CA LEU B 344 5.51 -8.84 -3.60
C LEU B 344 5.38 -7.48 -4.26
N GLY B 345 4.36 -6.72 -3.86
CA GLY B 345 4.32 -5.26 -4.04
C GLY B 345 4.38 -4.76 -5.46
N LYS B 346 5.10 -3.67 -5.67
CA LYS B 346 5.20 -3.01 -6.98
C LYS B 346 5.89 -3.85 -8.06
N LEU B 347 6.92 -4.61 -7.66
CA LEU B 347 7.56 -5.54 -8.57
C LEU B 347 6.59 -6.58 -9.14
N LYS B 348 5.75 -7.14 -8.27
CA LYS B 348 4.71 -8.09 -8.67
C LYS B 348 3.74 -7.44 -9.65
N GLU B 349 3.34 -6.21 -9.37
CA GLU B 349 2.41 -5.50 -10.25
C GLU B 349 3.05 -5.16 -11.59
N TRP B 350 4.34 -4.79 -11.52
CA TRP B 350 5.13 -4.54 -12.71
C TRP B 350 5.14 -5.79 -13.60
N ALA B 351 5.54 -6.92 -13.02
CA ALA B 351 5.63 -8.19 -13.77
C ALA B 351 4.28 -8.56 -14.41
N GLU B 352 3.20 -8.47 -13.63
CA GLU B 352 1.85 -8.79 -14.10
C GLU B 352 1.41 -7.94 -15.29
N TYR B 353 1.57 -6.63 -15.18
CA TYR B 353 1.22 -5.75 -16.30
C TYR B 353 2.02 -6.03 -17.56
N ARG B 354 3.29 -6.38 -17.38
CA ARG B 354 4.20 -6.57 -18.50
C ARG B 354 4.06 -7.95 -19.12
N GLY B 355 3.10 -8.73 -18.62
CA GLY B 355 2.85 -10.05 -19.17
C GLY B 355 3.85 -11.11 -18.75
N ILE B 356 4.62 -10.84 -17.70
CA ILE B 356 5.52 -11.86 -17.14
C ILE B 356 4.71 -12.86 -16.31
N ASN B 357 4.37 -13.97 -16.96
CA ASN B 357 3.73 -15.12 -16.31
C ASN B 357 4.69 -15.67 -15.27
N LEU B 358 4.30 -15.57 -14.00
CA LEU B 358 5.16 -15.95 -12.89
C LEU B 358 5.56 -17.44 -12.88
N SER B 359 4.64 -18.30 -13.32
CA SER B 359 4.91 -19.73 -13.43
C SER B 359 5.98 -20.00 -14.46
N ILE B 360 5.82 -19.47 -15.68
CA ILE B 360 6.88 -19.68 -16.66
C ILE B 360 8.17 -18.95 -16.23
N TYR B 361 8.01 -17.80 -15.56
CA TYR B 361 9.17 -17.10 -14.97
C TYR B 361 10.01 -17.96 -13.99
N GLU B 362 9.33 -18.62 -13.05
CA GLU B 362 10.00 -19.53 -12.12
C GLU B 362 10.76 -20.65 -12.85
N LYS B 363 10.12 -21.26 -13.86
CA LYS B 363 10.78 -22.28 -14.69
C LYS B 363 12.03 -21.73 -15.37
N VAL B 364 11.91 -20.55 -15.98
CA VAL B 364 13.02 -19.91 -16.73
C VAL B 364 14.24 -19.49 -15.87
N ARG B 365 13.99 -18.92 -14.68
CA ARG B 365 15.09 -18.53 -13.77
C ARG B 365 15.68 -19.79 -13.10
N LYS B 366 14.85 -20.85 -13.14
CA LYS B 366 15.04 -22.20 -12.59
C LYS B 366 14.77 -22.30 -11.09
N ASP C 3 -19.92 42.04 -11.47
CA ASP C 3 -20.05 41.06 -10.34
C ASP C 3 -19.70 39.62 -10.74
N ILE C 4 -20.17 39.20 -11.91
CA ILE C 4 -19.60 38.08 -12.63
C ILE C 4 -18.14 38.43 -12.97
N VAL C 5 -17.90 39.69 -13.34
CA VAL C 5 -16.52 40.15 -13.59
C VAL C 5 -15.66 40.09 -12.32
N ASN C 6 -16.29 40.30 -11.17
CA ASN C 6 -15.65 40.17 -9.87
C ASN C 6 -15.22 38.72 -9.56
N ARG C 7 -16.14 37.78 -9.82
CA ARG C 7 -15.85 36.36 -9.69
C ARG C 7 -14.67 35.96 -10.59
N LYS C 8 -14.68 36.46 -11.83
CA LYS C 8 -13.59 36.28 -12.77
C LYS C 8 -12.22 36.70 -12.22
N VAL C 9 -12.13 37.90 -11.67
CA VAL C 9 -10.89 38.38 -11.03
C VAL C 9 -10.53 37.51 -9.81
N GLU C 10 -11.52 37.21 -8.99
CA GLU C 10 -11.31 36.41 -7.78
C GLU C 10 -10.81 35.00 -8.10
N HIS C 11 -11.41 34.35 -9.11
CA HIS C 11 -10.95 33.06 -9.61
C HIS C 11 -9.48 33.06 -9.96
N VAL C 12 -9.06 34.01 -10.79
CA VAL C 12 -7.66 34.13 -11.22
C VAL C 12 -6.74 34.35 -10.02
N GLU C 13 -7.18 35.18 -9.09
CA GLU C 13 -6.39 35.55 -7.92
C GLU C 13 -6.19 34.35 -6.99
N ILE C 14 -7.27 33.63 -6.69
CA ILE C 14 -7.18 32.43 -5.85
C ILE C 14 -6.37 31.29 -6.54
N ALA C 15 -6.64 31.05 -7.82
CA ALA C 15 -5.93 30.02 -8.57
C ALA C 15 -4.44 30.34 -8.65
N ALA C 16 -4.12 31.60 -8.99
CA ALA C 16 -2.71 32.01 -9.10
C ALA C 16 -1.93 32.08 -7.79
N PHE C 17 -2.59 32.52 -6.71
CA PHE C 17 -1.83 32.89 -5.50
C PHE C 17 -2.15 32.09 -4.25
N GLU C 18 -3.23 31.30 -4.28
CA GLU C 18 -3.57 30.45 -3.14
C GLU C 18 -3.24 28.97 -3.38
N ASN C 19 -3.36 28.17 -2.32
CA ASN C 19 -2.95 26.78 -2.37
C ASN C 19 -4.10 25.86 -2.81
N VAL C 20 -4.28 25.75 -4.13
CA VAL C 20 -5.42 25.02 -4.69
C VAL C 20 -5.01 24.01 -5.76
N ASP C 21 -3.73 23.93 -6.07
CA ASP C 21 -3.24 23.03 -7.11
C ASP C 21 -2.98 21.64 -6.53
N GLY C 22 -3.85 20.69 -6.85
CA GLY C 22 -3.76 19.35 -6.35
C GLY C 22 -4.03 19.24 -4.85
N LEU C 23 -4.84 20.15 -4.33
CA LEU C 23 -5.18 20.17 -2.92
C LEU C 23 -6.06 18.97 -2.56
N SER C 24 -5.49 18.05 -1.74
CA SER C 24 -6.17 16.86 -1.26
C SER C 24 -6.67 15.94 -2.37
N SER C 25 -6.14 16.16 -3.57
CA SER C 25 -6.55 15.45 -4.78
C SER C 25 -5.35 14.80 -5.47
N SER C 26 -5.60 13.99 -6.49
CA SER C 26 -4.55 13.24 -7.17
C SER C 26 -4.96 12.95 -8.62
N THR C 27 -4.00 13.04 -9.53
CA THR C 27 -4.21 12.70 -10.93
C THR C 27 -4.15 11.19 -11.23
N PHE C 28 -3.64 10.41 -10.27
CA PHE C 28 -3.26 9.00 -10.47
C PHE C 28 -2.12 8.80 -11.48
N LEU C 29 -1.46 9.87 -11.91
CA LEU C 29 -0.42 9.74 -12.95
C LEU C 29 0.86 9.07 -12.45
N ASN C 30 1.09 9.12 -11.14
CA ASN C 30 2.19 8.38 -10.49
C ASN C 30 2.03 6.90 -10.69
N ASP C 31 0.79 6.45 -10.95
CA ASP C 31 0.49 5.04 -11.17
C ASP C 31 0.74 4.62 -12.63
N VAL C 32 1.12 5.57 -13.47
CA VAL C 32 1.44 5.32 -14.88
C VAL C 32 2.95 5.48 -15.07
N ILE C 33 3.59 4.43 -15.57
CA ILE C 33 5.02 4.48 -15.85
C ILE C 33 5.27 4.21 -17.32
N LEU C 34 6.03 5.11 -17.96
CA LEU C 34 6.48 4.89 -19.33
C LEU C 34 7.75 4.06 -19.32
N VAL C 35 7.74 2.97 -20.08
CA VAL C 35 8.85 2.05 -20.05
C VAL C 35 10.04 2.68 -20.78
N HIS C 36 11.17 2.73 -20.07
CA HIS C 36 12.42 3.25 -20.59
C HIS C 36 13.02 2.29 -21.63
N GLN C 37 13.47 2.86 -22.75
CA GLN C 37 14.13 2.12 -23.80
C GLN C 37 15.59 2.56 -23.86
N GLY C 38 16.47 1.69 -23.38
CA GLY C 38 17.91 1.96 -23.39
C GLY C 38 18.51 2.11 -24.79
N PHE C 39 17.90 1.46 -25.79
CA PHE C 39 18.21 1.76 -27.19
C PHE C 39 16.99 2.31 -27.90
N PRO C 40 16.82 3.66 -27.87
CA PRO C 40 15.64 4.30 -28.50
C PRO C 40 15.43 4.04 -30.00
N GLY C 41 16.52 3.98 -30.78
CA GLY C 41 16.42 3.72 -32.22
C GLY C 41 16.24 4.98 -33.02
N ILE C 42 16.49 6.11 -32.38
CA ILE C 42 16.24 7.41 -32.95
C ILE C 42 17.22 8.40 -32.36
N SER C 43 17.25 9.59 -32.95
CA SER C 43 18.08 10.66 -32.51
C SER C 43 17.12 11.71 -31.93
N PHE C 44 17.57 12.48 -30.94
CA PHE C 44 16.72 13.51 -30.33
C PHE C 44 16.16 14.49 -31.38
N SER C 45 17.04 14.88 -32.32
CA SER C 45 16.73 15.92 -33.31
C SER C 45 15.80 15.45 -34.43
N GLU C 46 15.62 14.15 -34.58
CA GLU C 46 14.63 13.67 -35.55
C GLU C 46 13.22 13.48 -34.97
N ILE C 47 13.05 13.74 -33.67
CA ILE C 47 11.71 13.64 -33.05
C ILE C 47 10.73 14.69 -33.60
N ASN C 48 9.58 14.22 -34.06
CA ASN C 48 8.55 15.05 -34.65
C ASN C 48 7.32 15.14 -33.74
N THR C 49 6.99 16.37 -33.31
CA THR C 49 5.93 16.60 -32.33
C THR C 49 4.66 17.19 -32.92
N LYS C 50 4.66 17.34 -34.23
CA LYS C 50 3.51 17.89 -34.94
C LYS C 50 2.33 16.92 -34.83
N THR C 51 1.13 17.49 -34.79
CA THR C 51 -0.08 16.70 -34.79
C THR C 51 -1.28 17.53 -35.28
N LYS C 52 -2.41 16.86 -35.51
CA LYS C 52 -3.63 17.49 -35.99
C LYS C 52 -4.47 18.02 -34.84
N PHE C 53 -5.09 19.16 -35.06
CA PHE C 53 -6.12 19.68 -34.18
C PHE C 53 -7.25 20.16 -35.08
N PHE C 54 -8.24 19.28 -35.28
CA PHE C 54 -9.30 19.44 -36.27
C PHE C 54 -8.69 19.69 -37.64
N ARG C 55 -8.95 20.85 -38.26
CA ARG C 55 -8.48 21.06 -39.62
C ARG C 55 -7.11 21.74 -39.72
N LYS C 56 -6.52 22.05 -38.57
CA LYS C 56 -5.21 22.70 -38.51
C LYS C 56 -4.14 21.72 -38.05
N GLU C 57 -2.88 22.04 -38.36
CA GLU C 57 -1.75 21.34 -37.78
C GLU C 57 -1.20 22.19 -36.63
N ILE C 58 -0.84 21.53 -35.54
CA ILE C 58 -0.20 22.19 -34.40
C ILE C 58 1.21 21.63 -34.20
N SER C 59 2.06 22.40 -33.52
CA SER C 59 3.48 22.09 -33.44
C SER C 59 3.83 21.00 -32.46
N VAL C 60 2.91 20.79 -31.51
CA VAL C 60 3.19 20.07 -30.28
C VAL C 60 1.82 19.57 -29.81
N PRO C 61 1.71 18.32 -29.30
CA PRO C 61 0.40 17.79 -28.87
C PRO C 61 -0.06 18.29 -27.49
N VAL C 62 -0.09 19.61 -27.36
CA VAL C 62 -0.41 20.27 -26.10
C VAL C 62 -1.30 21.47 -26.42
N MET C 63 -2.29 21.74 -25.58
CA MET C 63 -3.09 22.95 -25.72
C MET C 63 -3.17 23.68 -24.37
N VAL C 64 -3.33 25.00 -24.44
CA VAL C 64 -3.74 25.78 -23.29
C VAL C 64 -5.27 25.76 -23.26
N THR C 65 -5.83 25.24 -22.16
CA THR C 65 -7.27 25.19 -22.00
C THR C 65 -7.79 26.48 -21.39
N GLY C 66 -9.10 26.68 -21.52
CA GLY C 66 -9.74 27.95 -21.22
C GLY C 66 -9.57 28.41 -19.80
N MET C 67 -9.35 29.71 -19.63
CA MET C 67 -9.19 30.26 -18.29
C MET C 67 -9.93 31.55 -18.05
N THR C 68 -9.64 32.58 -18.84
CA THR C 68 -10.04 33.91 -18.40
C THR C 68 -10.51 34.89 -19.51
N GLY C 69 -10.79 36.12 -19.09
CA GLY C 69 -11.36 37.16 -19.92
C GLY C 69 -12.46 37.80 -19.09
N GLY C 70 -12.87 39.00 -19.47
CA GLY C 70 -14.01 39.67 -18.82
C GLY C 70 -13.71 41.03 -18.23
N ARG C 71 -12.43 41.40 -18.27
CA ARG C 71 -11.94 42.68 -17.77
C ARG C 71 -10.55 42.95 -18.38
N ASN C 72 -10.14 44.21 -18.40
CA ASN C 72 -8.85 44.64 -19.00
C ASN C 72 -7.63 43.81 -18.60
N GLU C 73 -7.42 43.66 -17.31
CA GLU C 73 -6.23 42.99 -16.79
C GLU C 73 -6.29 41.50 -17.07
N LEU C 74 -7.50 40.97 -17.21
CA LEU C 74 -7.73 39.60 -17.64
C LEU C 74 -7.46 39.45 -19.14
N GLY C 75 -7.80 40.50 -19.88
CA GLY C 75 -7.49 40.59 -21.30
C GLY C 75 -5.99 40.68 -21.62
N ARG C 76 -5.23 41.39 -20.77
CA ARG C 76 -3.78 41.46 -20.97
C ARG C 76 -3.09 40.10 -20.70
N ILE C 77 -3.61 39.34 -19.74
CA ILE C 77 -3.18 37.94 -19.52
C ILE C 77 -3.49 37.08 -20.74
N ASN C 78 -4.72 37.16 -21.25
CA ASN C 78 -5.12 36.47 -22.48
C ASN C 78 -4.24 36.83 -23.68
N LYS C 79 -3.80 38.09 -23.73
CA LYS C 79 -2.95 38.59 -24.81
C LYS C 79 -1.56 37.94 -24.78
N ILE C 80 -0.98 37.91 -23.59
CA ILE C 80 0.32 37.26 -23.37
C ILE C 80 0.26 35.78 -23.72
N ILE C 81 -0.80 35.09 -23.26
CA ILE C 81 -0.98 33.66 -23.55
C ILE C 81 -1.10 33.42 -25.05
N ALA C 82 -1.96 34.21 -25.69
CA ALA C 82 -2.24 34.07 -27.11
C ALA C 82 -1.02 34.32 -27.98
N GLU C 83 -0.24 35.33 -27.64
CA GLU C 83 0.88 35.68 -28.51
C GLU C 83 2.03 34.68 -28.38
N VAL C 84 2.20 34.09 -27.21
CA VAL C 84 3.19 33.03 -27.01
C VAL C 84 2.67 31.72 -27.64
N ALA C 85 1.39 31.41 -27.46
CA ALA C 85 0.84 30.20 -28.07
C ALA C 85 0.92 30.26 -29.59
N GLU C 86 0.76 31.46 -30.16
CA GLU C 86 0.92 31.70 -31.59
C GLU C 86 2.36 31.40 -32.05
N LYS C 87 3.33 31.96 -31.34
CA LYS C 87 4.75 31.73 -31.58
C LYS C 87 5.10 30.23 -31.53
N PHE C 88 4.51 29.50 -30.59
CA PHE C 88 4.86 28.09 -30.38
C PHE C 88 4.02 27.11 -31.22
N GLY C 89 3.02 27.63 -31.91
CA GLY C 89 2.11 26.81 -32.73
C GLY C 89 1.21 25.90 -31.91
N ILE C 90 0.80 26.36 -30.74
CA ILE C 90 -0.09 25.57 -29.91
C ILE C 90 -1.48 26.19 -29.69
N PRO C 91 -2.54 25.34 -29.67
CA PRO C 91 -3.90 25.86 -29.59
C PRO C 91 -4.24 26.45 -28.22
N MET C 92 -5.14 27.43 -28.22
CA MET C 92 -5.54 28.12 -27.01
C MET C 92 -7.06 28.22 -26.87
N GLY C 93 -7.55 27.73 -25.74
CA GLY C 93 -8.93 27.95 -25.35
C GLY C 93 -8.99 29.21 -24.53
N VAL C 94 -10.07 29.98 -24.68
CA VAL C 94 -10.31 31.12 -23.80
C VAL C 94 -11.23 30.69 -22.66
N GLY C 95 -11.31 31.53 -21.64
CA GLY C 95 -12.27 31.30 -20.55
C GLY C 95 -13.70 31.53 -20.99
N SER C 96 -14.62 31.28 -20.08
CA SER C 96 -16.06 31.45 -20.33
C SER C 96 -16.38 32.84 -20.85
N GLN C 97 -17.06 32.86 -22.00
CA GLN C 97 -17.46 34.09 -22.66
C GLN C 97 -18.87 34.53 -22.26
N ARG C 98 -19.46 33.87 -21.25
CA ARG C 98 -20.72 34.33 -20.68
C ARG C 98 -20.63 35.81 -20.31
N VAL C 99 -19.58 36.15 -19.57
CA VAL C 99 -19.34 37.53 -19.10
C VAL C 99 -19.36 38.54 -20.26
N ALA C 100 -18.95 38.09 -21.45
CA ALA C 100 -18.92 38.94 -22.64
C ALA C 100 -20.22 38.91 -23.44
N ILE C 101 -21.03 37.88 -23.24
CA ILE C 101 -22.40 37.89 -23.77
C ILE C 101 -23.23 38.86 -22.91
N GLU C 102 -23.02 38.81 -21.60
CA GLU C 102 -23.68 39.68 -20.62
C GLU C 102 -23.20 41.15 -20.58
N LYS C 103 -21.92 41.39 -20.89
CA LYS C 103 -21.36 42.74 -20.83
C LYS C 103 -20.49 43.02 -22.05
N ALA C 104 -20.93 43.97 -22.88
CA ALA C 104 -20.18 44.40 -24.06
C ALA C 104 -18.74 44.88 -23.79
N GLU C 105 -18.51 45.51 -22.63
CA GLU C 105 -17.19 45.95 -22.19
C GLU C 105 -16.19 44.79 -22.03
N ALA C 106 -16.69 43.57 -21.83
CA ALA C 106 -15.86 42.40 -21.63
C ALA C 106 -15.35 41.77 -22.93
N ARG C 107 -15.92 42.17 -24.06
CA ARG C 107 -15.63 41.56 -25.34
C ARG C 107 -14.19 41.68 -25.80
N GLU C 108 -13.61 42.87 -25.66
CA GLU C 108 -12.25 43.11 -26.13
C GLU C 108 -11.22 42.16 -25.47
N SER C 109 -11.47 41.81 -24.20
CA SER C 109 -10.61 40.91 -23.43
C SER C 109 -10.55 39.49 -24.01
N PHE C 110 -11.55 39.13 -24.82
CA PHE C 110 -11.51 37.88 -25.60
C PHE C 110 -10.99 38.09 -27.01
N ALA C 111 -11.54 39.09 -27.70
CA ALA C 111 -11.16 39.40 -29.10
C ALA C 111 -9.67 39.64 -29.32
N ILE C 112 -8.99 40.25 -28.33
CA ILE C 112 -7.55 40.49 -28.39
C ILE C 112 -6.76 39.24 -28.81
N VAL C 113 -7.22 38.08 -28.31
CA VAL C 113 -6.64 36.78 -28.58
C VAL C 113 -6.41 36.49 -30.08
N ARG C 114 -7.43 36.72 -30.90
CA ARG C 114 -7.31 36.48 -32.35
C ARG C 114 -6.54 37.59 -33.09
N LYS C 115 -6.47 38.79 -32.51
CA LYS C 115 -5.69 39.89 -33.09
C LYS C 115 -4.21 39.53 -33.09
N VAL C 116 -3.80 38.89 -31.99
CA VAL C 116 -2.40 38.62 -31.68
C VAL C 116 -1.99 37.17 -32.05
N ALA C 117 -2.99 36.33 -32.33
CA ALA C 117 -2.77 34.94 -32.70
C ALA C 117 -3.63 34.54 -33.88
N PRO C 118 -3.24 35.00 -35.09
CA PRO C 118 -4.07 34.76 -36.28
C PRO C 118 -4.12 33.34 -36.86
N THR C 119 -3.14 32.48 -36.54
CA THR C 119 -3.05 31.17 -37.19
C THR C 119 -3.40 29.94 -36.34
N ILE C 120 -3.03 29.95 -35.06
CA ILE C 120 -3.29 28.80 -34.16
C ILE C 120 -4.79 28.53 -33.98
N PRO C 121 -5.15 27.26 -33.66
CA PRO C 121 -6.56 27.03 -33.30
C PRO C 121 -6.93 27.77 -32.01
N ILE C 122 -8.09 28.45 -32.04
CA ILE C 122 -8.63 29.17 -30.88
C ILE C 122 -9.98 28.57 -30.52
N ILE C 123 -10.17 28.29 -29.23
CA ILE C 123 -11.33 27.53 -28.78
C ILE C 123 -12.19 28.42 -27.90
N ALA C 124 -13.44 28.63 -28.34
CA ALA C 124 -14.42 29.37 -27.58
C ALA C 124 -14.87 28.63 -26.31
N ASN C 125 -15.67 29.28 -25.48
CA ASN C 125 -16.04 28.72 -24.18
C ASN C 125 -17.35 29.26 -23.63
N LEU C 126 -18.28 28.35 -23.37
CA LEU C 126 -19.52 28.63 -22.65
C LEU C 126 -19.83 27.49 -21.69
N GLY C 127 -20.55 27.80 -20.62
CA GLY C 127 -20.88 26.80 -19.61
C GLY C 127 -22.21 26.11 -19.89
N MET C 128 -22.27 24.84 -19.51
CA MET C 128 -23.48 24.05 -19.63
C MET C 128 -24.70 24.64 -18.92
N PRO C 129 -24.50 25.27 -17.74
CA PRO C 129 -25.69 25.81 -17.07
C PRO C 129 -26.39 26.93 -17.86
N GLN C 130 -25.63 27.65 -18.68
CA GLN C 130 -26.17 28.68 -19.56
C GLN C 130 -27.09 28.10 -20.64
N LEU C 131 -26.77 26.90 -21.11
CA LEU C 131 -27.62 26.15 -22.03
C LEU C 131 -28.97 25.77 -21.43
N VAL C 132 -29.04 25.54 -20.14
CA VAL C 132 -30.35 25.28 -19.52
C VAL C 132 -31.13 26.58 -19.24
N LYS C 133 -30.40 27.70 -19.17
CA LYS C 133 -30.93 29.02 -18.85
C LYS C 133 -31.04 29.99 -20.06
N GLY C 134 -31.38 29.48 -21.23
CA GLY C 134 -31.66 30.41 -22.32
C GLY C 134 -30.66 30.63 -23.41
N TYR C 135 -29.42 30.15 -23.25
CA TYR C 135 -28.46 30.26 -24.35
C TYR C 135 -28.81 29.27 -25.44
N GLY C 136 -28.59 29.67 -26.69
CA GLY C 136 -28.89 28.80 -27.81
C GLY C 136 -27.93 29.08 -28.92
N LEU C 137 -28.34 28.76 -30.15
CA LEU C 137 -27.50 28.89 -31.32
C LEU C 137 -26.78 30.24 -31.47
N LYS C 138 -27.53 31.32 -31.30
CA LYS C 138 -27.00 32.66 -31.55
C LYS C 138 -25.90 33.03 -30.57
N GLU C 139 -26.11 32.72 -29.29
CA GLU C 139 -25.09 32.90 -28.27
C GLU C 139 -23.82 32.12 -28.57
N PHE C 140 -23.97 30.87 -29.04
CA PHE C 140 -22.83 30.08 -29.47
C PHE C 140 -22.07 30.73 -30.63
N GLN C 141 -22.82 31.14 -31.65
CA GLN C 141 -22.29 31.83 -32.83
C GLN C 141 -21.56 33.11 -32.48
N ASP C 142 -22.11 33.86 -31.52
CA ASP C 142 -21.49 35.08 -31.02
C ASP C 142 -20.17 34.80 -30.32
N ALA C 143 -20.15 33.77 -29.46
CA ALA C 143 -18.92 33.32 -28.80
C ALA C 143 -17.85 32.94 -29.83
N ILE C 144 -18.26 32.18 -30.85
CA ILE C 144 -17.38 31.75 -31.91
C ILE C 144 -16.82 32.91 -32.75
N GLN C 145 -17.69 33.80 -33.26
CA GLN C 145 -17.26 34.90 -34.16
C GLN C 145 -16.44 35.97 -33.42
N MET C 146 -16.67 36.09 -32.12
CA MET C 146 -15.98 37.05 -31.29
C MET C 146 -14.45 36.90 -31.32
N ILE C 147 -14.00 35.67 -31.62
CA ILE C 147 -12.58 35.31 -31.62
C ILE C 147 -12.24 34.46 -32.84
N GLU C 148 -13.16 34.40 -33.80
CA GLU C 148 -13.00 33.57 -35.02
C GLU C 148 -12.51 32.16 -34.62
N ALA C 149 -13.26 31.55 -33.71
CA ALA C 149 -12.90 30.29 -33.07
C ALA C 149 -12.93 29.14 -34.05
N ASP C 150 -12.03 28.18 -33.86
CA ASP C 150 -12.00 26.96 -34.68
C ASP C 150 -12.84 25.84 -34.04
N ALA C 151 -13.27 26.06 -32.80
CA ALA C 151 -14.09 25.09 -32.06
C ALA C 151 -14.71 25.79 -30.88
N ILE C 152 -15.73 25.19 -30.28
CA ILE C 152 -16.25 25.71 -29.01
C ILE C 152 -16.20 24.64 -27.89
N ALA C 153 -15.68 25.03 -26.73
CA ALA C 153 -15.68 24.16 -25.57
C ALA C 153 -16.91 24.48 -24.76
N VAL C 154 -17.74 23.48 -24.49
CA VAL C 154 -18.73 23.64 -23.44
C VAL C 154 -18.38 22.91 -22.14
N HIS C 155 -18.26 23.70 -21.07
CA HIS C 155 -17.72 23.19 -19.83
C HIS C 155 -18.78 22.59 -18.90
N LEU C 156 -18.38 21.50 -18.24
CA LEU C 156 -19.15 20.88 -17.18
C LEU C 156 -18.49 21.28 -15.90
N ASN C 157 -19.22 21.96 -15.03
CA ASN C 157 -18.70 22.31 -13.71
C ASN C 157 -19.74 22.13 -12.58
N PRO C 158 -20.48 21.00 -12.56
CA PRO C 158 -21.52 20.90 -11.51
C PRO C 158 -21.00 20.94 -10.08
N ALA C 159 -19.84 20.30 -9.83
CA ALA C 159 -19.19 20.33 -8.51
C ALA C 159 -18.89 21.77 -8.08
N GLN C 160 -18.28 22.54 -8.99
CA GLN C 160 -18.00 23.93 -8.74
C GLN C 160 -19.31 24.71 -8.47
N GLU C 161 -20.34 24.49 -9.28
CA GLU C 161 -21.61 25.21 -9.11
C GLU C 161 -22.27 24.92 -7.76
N VAL C 162 -22.22 23.66 -7.32
CA VAL C 162 -22.76 23.26 -6.03
C VAL C 162 -22.17 24.06 -4.86
N PHE C 163 -20.87 24.32 -4.92
CA PHE C 163 -20.19 24.95 -3.80
C PHE C 163 -20.02 26.45 -3.97
N GLN C 164 -20.12 26.94 -5.21
CA GLN C 164 -20.00 28.36 -5.53
C GLN C 164 -21.11 29.12 -4.78
N PRO C 165 -20.76 30.27 -4.14
CA PRO C 165 -21.75 31.08 -3.44
C PRO C 165 -22.95 31.48 -4.33
N GLU C 166 -22.67 32.02 -5.52
CA GLU C 166 -23.71 32.34 -6.49
C GLU C 166 -23.89 31.26 -7.58
N GLY C 167 -23.63 30.00 -7.20
CA GLY C 167 -23.55 28.89 -8.17
C GLY C 167 -24.86 28.49 -8.81
N GLU C 168 -24.76 27.86 -9.98
CA GLU C 168 -25.96 27.45 -10.74
C GLU C 168 -25.92 25.97 -11.12
N PRO C 169 -26.33 25.09 -10.17
CA PRO C 169 -26.22 23.65 -10.39
C PRO C 169 -27.47 23.11 -11.10
N GLU C 170 -27.59 23.48 -12.37
CA GLU C 170 -28.72 23.14 -13.23
C GLU C 170 -28.14 22.34 -14.36
N TYR C 171 -28.34 21.03 -14.34
CA TYR C 171 -27.79 20.15 -15.35
C TYR C 171 -28.84 19.21 -15.90
N GLN C 172 -30.04 19.76 -16.12
CA GLN C 172 -31.15 19.03 -16.71
C GLN C 172 -30.80 18.48 -18.09
N ILE C 173 -31.26 17.26 -18.34
CA ILE C 173 -31.01 16.55 -19.59
C ILE C 173 -31.39 17.32 -20.88
N TYR C 174 -32.45 18.12 -20.79
CA TYR C 174 -32.85 19.07 -21.84
C TYR C 174 -31.69 19.88 -22.44
N ALA C 175 -30.71 20.25 -21.62
CA ALA C 175 -29.53 20.97 -22.09
C ALA C 175 -28.78 20.21 -23.19
N LEU C 176 -28.80 18.87 -23.11
CA LEU C 176 -28.12 18.01 -24.08
C LEU C 176 -28.86 17.94 -25.42
N GLU C 177 -30.17 17.94 -25.35
CA GLU C 177 -31.02 18.00 -26.53
C GLU C 177 -30.76 19.29 -27.28
N LYS C 178 -30.68 20.37 -26.52
CA LYS C 178 -30.32 21.69 -27.01
C LYS C 178 -28.92 21.72 -27.64
N LEU C 179 -27.95 21.11 -26.96
CA LEU C 179 -26.57 21.07 -27.46
C LEU C 179 -26.51 20.34 -28.79
N ARG C 180 -27.17 19.19 -28.85
CA ARG C 180 -27.26 18.36 -30.05
C ARG C 180 -27.88 19.16 -31.22
N ASP C 181 -28.94 19.89 -30.94
CA ASP C 181 -29.53 20.81 -31.91
C ASP C 181 -28.56 21.90 -32.38
N ILE C 182 -27.95 22.60 -31.43
CA ILE C 182 -26.95 23.62 -31.74
C ILE C 182 -25.80 23.10 -32.62
N SER C 183 -25.31 21.89 -32.33
CA SER C 183 -24.21 21.30 -33.12
C SER C 183 -24.57 21.07 -34.58
N LYS C 184 -25.86 20.93 -34.86
CA LYS C 184 -26.38 20.71 -36.21
C LYS C 184 -26.12 21.89 -37.10
N GLU C 185 -26.06 23.06 -36.48
CA GLU C 185 -26.11 24.33 -37.17
C GLU C 185 -24.82 25.13 -37.04
N LEU C 186 -23.89 24.61 -36.24
CA LEU C 186 -22.65 25.30 -35.93
C LEU C 186 -21.61 24.95 -36.99
N SER C 187 -20.76 25.93 -37.34
CA SER C 187 -19.76 25.73 -38.40
C SER C 187 -18.45 25.12 -37.88
N VAL C 188 -18.38 24.95 -36.56
CA VAL C 188 -17.18 24.42 -35.90
C VAL C 188 -17.55 23.29 -34.92
N PRO C 189 -16.62 22.35 -34.65
CA PRO C 189 -16.96 21.29 -33.69
C PRO C 189 -17.10 21.74 -32.23
N ILE C 190 -17.81 20.94 -31.46
CA ILE C 190 -17.97 21.14 -30.02
C ILE C 190 -17.08 20.17 -29.25
N ILE C 191 -16.35 20.71 -28.28
CA ILE C 191 -15.62 19.91 -27.29
C ILE C 191 -16.36 20.06 -25.99
N VAL C 192 -16.65 18.93 -25.33
CA VAL C 192 -17.17 19.00 -23.97
C VAL C 192 -16.02 18.72 -22.99
N LYS C 193 -15.78 19.68 -22.10
CA LYS C 193 -14.70 19.60 -21.12
C LYS C 193 -15.22 19.65 -19.69
N GLU C 194 -14.54 18.97 -18.77
CA GLU C 194 -14.88 19.15 -17.35
C GLU C 194 -14.06 20.32 -16.82
N SER C 195 -13.98 20.45 -15.50
CA SER C 195 -13.25 21.56 -14.91
C SER C 195 -12.70 21.17 -13.54
N GLY C 196 -11.86 20.14 -13.53
CA GLY C 196 -11.18 19.69 -12.33
C GLY C 196 -11.72 18.43 -11.67
N ASN C 197 -12.84 17.91 -12.16
CA ASN C 197 -13.46 16.76 -11.52
C ASN C 197 -13.65 15.54 -12.42
N GLY C 198 -13.29 15.69 -13.70
CA GLY C 198 -13.13 14.56 -14.60
C GLY C 198 -14.36 13.97 -15.25
N ILE C 199 -14.14 13.30 -16.37
CA ILE C 199 -15.22 12.67 -17.13
C ILE C 199 -15.18 11.16 -16.93
N SER C 200 -16.29 10.61 -16.47
CA SER C 200 -16.48 9.19 -16.29
C SER C 200 -16.97 8.54 -17.59
N MET C 201 -16.97 7.21 -17.64
CA MET C 201 -17.59 6.54 -18.78
C MET C 201 -19.10 6.73 -18.92
N GLU C 202 -19.83 6.87 -17.82
CA GLU C 202 -21.30 7.10 -17.94
C GLU C 202 -21.58 8.45 -18.58
N THR C 203 -20.79 9.47 -18.22
CA THR C 203 -20.95 10.81 -18.75
C THR C 203 -20.48 10.89 -20.20
N ALA C 204 -19.34 10.28 -20.49
CA ALA C 204 -18.81 10.23 -21.86
C ALA C 204 -19.76 9.51 -22.83
N LYS C 205 -20.31 8.37 -22.40
CA LYS C 205 -21.25 7.63 -23.24
C LYS C 205 -22.55 8.42 -23.43
N LEU C 206 -22.97 9.15 -22.40
CA LEU C 206 -24.20 9.94 -22.49
C LEU C 206 -24.01 11.04 -23.55
N LEU C 207 -22.92 11.80 -23.40
CA LEU C 207 -22.58 12.88 -24.31
C LEU C 207 -22.40 12.37 -25.75
N TYR C 208 -21.76 11.23 -25.90
CA TYR C 208 -21.64 10.57 -27.19
C TYR C 208 -23.00 10.19 -27.81
N SER C 209 -23.93 9.71 -26.98
CA SER C 209 -25.24 9.35 -27.49
C SER C 209 -25.96 10.59 -28.06
N TYR C 210 -25.53 11.79 -27.66
CA TYR C 210 -26.09 13.03 -28.16
C TYR C 210 -25.22 13.69 -29.23
N GLY C 211 -24.21 12.98 -29.71
CA GLY C 211 -23.41 13.42 -30.84
C GLY C 211 -22.06 14.05 -30.53
N ILE C 212 -21.65 14.03 -29.26
CA ILE C 212 -20.39 14.62 -28.85
C ILE C 212 -19.27 13.61 -29.05
N LYS C 213 -18.22 14.04 -29.75
CA LYS C 213 -17.10 13.18 -30.15
C LYS C 213 -15.76 13.67 -29.59
N ASN C 214 -15.77 14.87 -29.01
CA ASN C 214 -14.56 15.54 -28.58
C ASN C 214 -14.64 15.86 -27.10
N PHE C 215 -13.68 15.35 -26.34
CA PHE C 215 -13.73 15.39 -24.87
C PHE C 215 -12.44 15.93 -24.32
N ASP C 216 -12.53 16.61 -23.18
CA ASP C 216 -11.37 17.10 -22.47
C ASP C 216 -11.56 16.73 -20.99
N THR C 217 -10.72 15.84 -20.50
CA THR C 217 -11.00 15.13 -19.26
C THR C 217 -11.09 16.05 -18.08
N SER C 218 -10.17 17.01 -17.99
CA SER C 218 -10.06 17.91 -16.84
C SER C 218 -10.36 17.17 -15.55
N GLY C 219 -9.52 16.17 -15.24
CA GLY C 219 -9.72 15.35 -14.04
C GLY C 219 -9.20 16.00 -12.76
N GLN C 220 -9.49 15.37 -11.61
CA GLN C 220 -8.92 15.84 -10.35
C GLN C 220 -7.39 15.65 -10.30
N GLY C 221 -6.74 16.47 -9.48
CA GLY C 221 -5.32 16.34 -9.25
C GLY C 221 -4.55 17.57 -9.64
N GLY C 222 -5.18 18.45 -10.43
CA GLY C 222 -4.63 19.77 -10.71
C GLY C 222 -5.46 20.81 -10.00
N THR C 223 -5.84 21.89 -10.71
CA THR C 223 -6.61 22.96 -10.12
C THR C 223 -7.86 22.39 -9.46
N ASN C 224 -7.99 22.67 -8.18
CA ASN C 224 -9.11 22.16 -7.42
C ASN C 224 -10.19 23.25 -7.32
N TRP C 225 -11.22 23.10 -8.14
CA TRP C 225 -12.30 24.10 -8.24
C TRP C 225 -13.24 24.11 -7.03
N ILE C 226 -13.36 22.96 -6.38
CA ILE C 226 -14.06 22.88 -5.13
C ILE C 226 -13.25 23.67 -4.09
N ALA C 227 -11.94 23.52 -4.10
CA ALA C 227 -11.10 24.29 -3.16
C ALA C 227 -11.21 25.81 -3.40
N ILE C 228 -11.25 26.22 -4.68
CA ILE C 228 -11.39 27.64 -5.05
C ILE C 228 -12.70 28.20 -4.51
N GLU C 229 -13.80 27.47 -4.71
CA GLU C 229 -15.10 27.91 -4.19
C GLU C 229 -15.18 27.81 -2.67
N MET C 230 -14.56 26.79 -2.08
CA MET C 230 -14.40 26.72 -0.63
C MET C 230 -13.80 28.00 -0.06
N ILE C 231 -12.72 28.47 -0.69
CA ILE C 231 -12.02 29.68 -0.30
C ILE C 231 -12.92 30.91 -0.48
N ARG C 232 -13.71 30.94 -1.56
CA ARG C 232 -14.64 32.05 -1.78
C ARG C 232 -15.72 32.03 -0.70
N ASP C 233 -16.14 30.82 -0.31
CA ASP C 233 -17.10 30.63 0.78
C ASP C 233 -16.53 31.07 2.14
N ILE C 234 -15.30 30.63 2.45
CA ILE C 234 -14.62 31.04 3.69
C ILE C 234 -14.60 32.56 3.76
N ARG C 235 -14.18 33.17 2.66
CA ARG C 235 -14.06 34.61 2.53
C ARG C 235 -15.33 35.35 2.86
N ARG C 236 -16.47 34.84 2.39
CA ARG C 236 -17.71 35.57 2.66
C ARG C 236 -18.56 34.96 3.79
N GLY C 237 -17.91 34.17 4.64
CA GLY C 237 -18.54 33.53 5.81
C GLY C 237 -19.69 32.57 5.49
N ASN C 238 -19.72 32.10 4.25
CA ASN C 238 -20.70 31.12 3.79
C ASN C 238 -20.41 29.74 4.37
N TRP C 239 -21.40 29.11 5.01
CA TRP C 239 -21.20 27.84 5.72
C TRP C 239 -20.98 26.62 4.80
N LYS C 240 -21.19 26.80 3.49
CA LYS C 240 -20.90 25.77 2.49
C LYS C 240 -19.41 25.41 2.44
N ALA C 241 -18.58 26.30 2.99
CA ALA C 241 -17.14 26.08 3.12
C ALA C 241 -16.75 24.79 3.80
N GLU C 242 -17.40 24.48 4.93
CA GLU C 242 -17.06 23.29 5.71
C GLU C 242 -17.45 22.05 4.96
N SER C 243 -18.58 22.12 4.26
CA SER C 243 -19.02 21.05 3.37
C SER C 243 -18.11 20.83 2.16
N ALA C 244 -17.61 21.92 1.57
CA ALA C 244 -16.67 21.84 0.44
C ALA C 244 -15.43 21.07 0.83
N LYS C 245 -14.94 21.29 2.05
CA LYS C 245 -13.79 20.59 2.58
C LYS C 245 -13.94 19.06 2.51
N ASN C 246 -15.16 18.56 2.73
CA ASN C 246 -15.44 17.13 2.64
C ASN C 246 -15.37 16.55 1.23
N PHE C 247 -15.40 17.42 0.22
CA PHE C 247 -15.42 17.05 -1.18
C PHE C 247 -14.14 17.39 -1.95
N LEU C 248 -13.09 17.81 -1.24
CA LEU C 248 -11.83 18.20 -1.88
C LEU C 248 -11.18 17.11 -2.73
N ASP C 249 -11.40 15.86 -2.38
CA ASP C 249 -10.87 14.74 -3.16
C ASP C 249 -11.97 14.06 -4.03
N TRP C 250 -13.06 14.76 -4.26
CA TRP C 250 -14.13 14.33 -5.14
C TRP C 250 -13.71 14.45 -6.61
N GLY C 251 -14.06 13.44 -7.42
CA GLY C 251 -13.82 13.49 -8.86
C GLY C 251 -13.15 12.27 -9.42
N VAL C 252 -13.10 12.19 -10.76
CA VAL C 252 -12.34 11.17 -11.45
C VAL C 252 -10.93 11.71 -11.67
N PRO C 253 -9.91 11.00 -11.13
CA PRO C 253 -8.53 11.40 -11.37
C PRO C 253 -8.21 11.47 -12.85
N THR C 254 -7.40 12.46 -13.23
CA THR C 254 -7.09 12.65 -14.65
C THR C 254 -6.80 11.34 -15.38
N ALA C 255 -5.85 10.54 -14.85
CA ALA C 255 -5.41 9.31 -15.51
C ALA C 255 -6.56 8.30 -15.69
N ALA C 256 -7.38 8.17 -14.65
CA ALA C 256 -8.55 7.30 -14.69
C ALA C 256 -9.54 7.80 -15.75
N SER C 257 -9.69 9.12 -15.84
CA SER C 257 -10.61 9.72 -16.79
C SER C 257 -10.19 9.52 -18.26
N ILE C 258 -8.89 9.64 -18.52
CA ILE C 258 -8.33 9.32 -19.83
C ILE C 258 -8.65 7.86 -20.22
N MET C 259 -8.32 6.92 -19.34
CA MET C 259 -8.67 5.53 -19.57
C MET C 259 -10.16 5.35 -19.81
N GLU C 260 -10.99 5.94 -18.95
CA GLU C 260 -12.45 5.78 -19.04
C GLU C 260 -13.05 6.32 -20.35
N VAL C 261 -12.61 7.48 -20.81
CA VAL C 261 -13.12 8.06 -22.04
C VAL C 261 -12.65 7.29 -23.28
N ARG C 262 -11.35 7.03 -23.38
CA ARG C 262 -10.78 6.25 -24.47
C ARG C 262 -11.44 4.85 -24.59
N TYR C 263 -11.72 4.24 -23.44
CA TYR C 263 -12.28 2.89 -23.42
C TYR C 263 -13.73 2.89 -23.83
N SER C 264 -14.51 3.79 -23.23
CA SER C 264 -15.93 3.84 -23.49
C SER C 264 -16.29 4.50 -24.85
N VAL C 265 -15.48 5.46 -25.31
CA VAL C 265 -15.67 6.07 -26.64
C VAL C 265 -14.35 6.01 -27.43
N PRO C 266 -14.00 4.83 -27.97
CA PRO C 266 -12.67 4.57 -28.55
C PRO C 266 -12.26 5.46 -29.73
N ASP C 267 -13.25 6.05 -30.40
CA ASP C 267 -12.98 6.91 -31.57
C ASP C 267 -13.00 8.40 -31.18
N SER C 268 -13.14 8.70 -29.89
CA SER C 268 -13.15 10.08 -29.42
C SER C 268 -11.87 10.84 -29.81
N PHE C 269 -12.01 12.14 -30.01
CA PHE C 269 -10.84 12.99 -29.97
C PHE C 269 -10.72 13.48 -28.51
N LEU C 270 -9.59 13.19 -27.88
CA LEU C 270 -9.46 13.28 -26.44
C LEU C 270 -8.33 14.23 -26.00
N VAL C 271 -8.69 15.24 -25.21
CA VAL C 271 -7.72 16.05 -24.49
C VAL C 271 -7.58 15.49 -23.06
N GLY C 272 -6.34 15.19 -22.68
CA GLY C 272 -6.04 14.77 -21.32
C GLY C 272 -5.50 15.94 -20.52
N SER C 273 -6.29 16.41 -19.56
CA SER C 273 -5.91 17.60 -18.78
C SER C 273 -6.41 17.45 -17.35
N GLY C 274 -5.92 18.35 -16.49
CA GLY C 274 -6.21 18.30 -15.06
C GLY C 274 -4.94 17.86 -14.37
N GLY C 275 -4.12 18.82 -13.97
CA GLY C 275 -2.88 18.51 -13.29
C GLY C 275 -1.70 18.13 -14.16
N ILE C 276 -1.71 18.53 -15.44
CA ILE C 276 -0.55 18.35 -16.30
C ILE C 276 0.42 19.48 -15.99
N ARG C 277 1.57 19.14 -15.42
CA ARG C 277 2.50 20.13 -14.89
C ARG C 277 3.90 20.05 -15.51
N SER C 278 4.16 18.99 -16.29
CA SER C 278 5.42 18.82 -16.95
C SER C 278 5.16 18.15 -18.31
N GLY C 279 6.18 18.14 -19.18
CA GLY C 279 6.12 17.43 -20.44
C GLY C 279 6.10 15.93 -20.24
N LEU C 280 6.59 15.49 -19.08
CA LEU C 280 6.45 14.08 -18.70
C LEU C 280 4.98 13.72 -18.39
N ASP C 281 4.29 14.56 -17.61
CA ASP C 281 2.82 14.45 -17.43
C ASP C 281 2.08 14.39 -18.76
N ALA C 282 2.40 15.34 -19.65
CA ALA C 282 1.86 15.40 -21.01
C ALA C 282 2.10 14.08 -21.77
N ALA C 283 3.35 13.58 -21.76
CA ALA C 283 3.68 12.30 -22.38
C ALA C 283 2.88 11.11 -21.83
N LYS C 284 2.75 11.04 -20.49
CA LYS C 284 1.93 9.98 -19.85
C LYS C 284 0.48 10.06 -20.28
N ALA C 285 -0.07 11.27 -20.35
CA ALA C 285 -1.47 11.45 -20.71
C ALA C 285 -1.76 10.93 -22.13
N ILE C 286 -0.85 11.21 -23.05
CA ILE C 286 -0.97 10.81 -24.44
C ILE C 286 -0.75 9.32 -24.59
N ALA C 287 0.35 8.80 -24.03
CA ALA C 287 0.56 7.35 -23.96
C ALA C 287 -0.62 6.60 -23.36
N LEU C 288 -1.22 7.12 -22.28
CA LEU C 288 -2.43 6.51 -21.72
C LEU C 288 -3.61 6.42 -22.67
N GLY C 289 -3.77 7.40 -23.55
CA GLY C 289 -4.91 7.38 -24.45
C GLY C 289 -5.35 8.73 -24.98
N ALA C 290 -4.82 9.81 -24.45
CA ALA C 290 -5.21 11.15 -24.94
C ALA C 290 -4.57 11.41 -26.28
N ASP C 291 -5.19 12.28 -27.08
CA ASP C 291 -4.61 12.72 -28.36
C ASP C 291 -3.73 13.95 -28.14
N ILE C 292 -4.13 14.79 -27.21
CA ILE C 292 -3.31 15.91 -26.79
C ILE C 292 -3.41 16.11 -25.26
N ALA C 293 -2.37 16.71 -24.67
CA ALA C 293 -2.38 17.12 -23.26
C ALA C 293 -2.88 18.55 -23.14
N GLY C 294 -3.73 18.83 -22.15
CA GLY C 294 -4.16 20.19 -21.85
C GLY C 294 -3.55 20.74 -20.56
N MET C 295 -3.28 22.05 -20.54
CA MET C 295 -2.76 22.75 -19.33
C MET C 295 -3.46 24.09 -19.14
N ALA C 296 -3.73 24.46 -17.90
CA ALA C 296 -4.29 25.78 -17.62
C ALA C 296 -3.47 26.50 -16.55
N LEU C 297 -3.60 26.07 -15.30
CA LEU C 297 -3.01 26.78 -14.17
C LEU C 297 -1.53 27.20 -14.34
N PRO C 298 -0.61 26.27 -14.72
CA PRO C 298 0.78 26.71 -14.81
C PRO C 298 1.03 27.71 -15.95
N VAL C 299 0.19 27.70 -16.98
CA VAL C 299 0.25 28.74 -18.01
C VAL C 299 -0.19 30.10 -17.42
N LEU C 300 -1.25 30.10 -16.61
CA LEU C 300 -1.70 31.31 -15.91
C LEU C 300 -0.57 31.94 -15.06
N LYS C 301 0.04 31.14 -14.20
CA LYS C 301 1.09 31.60 -13.30
C LYS C 301 2.30 32.16 -14.06
N SER C 302 2.69 31.50 -15.13
CA SER C 302 3.76 32.00 -15.98
C SER C 302 3.39 33.30 -16.69
N ALA C 303 2.20 33.35 -17.29
CA ALA C 303 1.73 34.53 -17.98
C ALA C 303 1.68 35.76 -17.08
N ILE C 304 1.38 35.55 -15.81
CA ILE C 304 1.32 36.64 -14.83
C ILE C 304 2.72 37.19 -14.60
N GLU C 305 3.72 36.31 -14.60
CA GLU C 305 5.10 36.73 -14.51
C GLU C 305 5.59 37.47 -15.77
N GLY C 306 5.03 37.13 -16.93
CA GLY C 306 5.34 37.81 -18.17
C GLY C 306 5.53 36.90 -19.37
N LYS C 307 5.62 37.54 -20.52
CA LYS C 307 5.79 36.89 -21.81
C LYS C 307 7.03 35.97 -21.86
N GLU C 308 8.18 36.49 -21.46
CA GLU C 308 9.42 35.71 -21.51
C GLU C 308 9.38 34.51 -20.57
N SER C 309 8.75 34.70 -19.42
CA SER C 309 8.55 33.63 -18.45
C SER C 309 7.70 32.52 -19.03
N LEU C 310 6.66 32.88 -19.79
CA LEU C 310 5.77 31.91 -20.41
C LEU C 310 6.44 31.18 -21.56
N GLU C 311 7.28 31.89 -22.29
CA GLU C 311 8.09 31.31 -23.35
C GLU C 311 9.04 30.24 -22.80
N GLN C 312 9.71 30.54 -21.68
CA GLN C 312 10.59 29.60 -21.04
C GLN C 312 9.83 28.38 -20.53
N PHE C 313 8.61 28.62 -20.02
CA PHE C 313 7.76 27.54 -19.55
C PHE C 313 7.43 26.54 -20.67
N PHE C 314 7.06 27.05 -21.83
CA PHE C 314 6.74 26.21 -22.97
C PHE C 314 7.97 25.46 -23.51
N ARG C 315 9.13 26.12 -23.53
CA ARG C 315 10.36 25.47 -23.92
C ARG C 315 10.65 24.26 -23.05
N LYS C 316 10.45 24.45 -21.74
CA LYS C 316 10.64 23.43 -20.72
C LYS C 316 9.68 22.24 -20.92
N ILE C 317 8.39 22.53 -21.09
CA ILE C 317 7.36 21.52 -21.41
C ILE C 317 7.70 20.74 -22.70
N ILE C 318 8.14 21.46 -23.72
CA ILE C 318 8.42 20.82 -24.99
C ILE C 318 9.67 19.91 -24.89
N PHE C 319 10.70 20.42 -24.21
CA PHE C 319 11.90 19.63 -23.96
C PHE C 319 11.59 18.32 -23.18
N GLU C 320 10.82 18.45 -22.11
CA GLU C 320 10.41 17.32 -21.29
C GLU C 320 9.59 16.31 -22.09
N LEU C 321 8.69 16.79 -22.96
CA LEU C 321 7.90 15.88 -23.78
C LEU C 321 8.83 15.08 -24.70
N LYS C 322 9.73 15.79 -25.35
CA LYS C 322 10.65 15.20 -26.31
C LYS C 322 11.63 14.26 -25.64
N ALA C 323 12.03 14.59 -24.40
CA ALA C 323 12.82 13.69 -23.57
C ALA C 323 12.07 12.37 -23.32
N ALA C 324 10.80 12.45 -22.94
CA ALA C 324 9.99 11.23 -22.74
C ALA C 324 9.77 10.45 -24.05
N MET C 325 9.65 11.16 -25.17
CA MET C 325 9.56 10.51 -26.47
C MET C 325 10.89 9.82 -26.84
N MET C 326 11.99 10.54 -26.67
CA MET C 326 13.32 10.00 -26.91
C MET C 326 13.50 8.70 -26.12
N LEU C 327 13.16 8.73 -24.84
CA LEU C 327 13.51 7.67 -23.92
C LEU C 327 12.55 6.50 -23.98
N THR C 328 11.53 6.60 -24.82
CA THR C 328 10.60 5.52 -25.07
C THR C 328 10.76 5.06 -26.52
N GLY C 329 11.71 5.66 -27.26
CA GLY C 329 11.88 5.40 -28.69
C GLY C 329 10.70 5.85 -29.54
N SER C 330 10.10 6.97 -29.17
CA SER C 330 8.92 7.48 -29.88
C SER C 330 9.32 8.59 -30.83
N LYS C 331 9.32 8.30 -32.15
CA LYS C 331 9.80 9.30 -33.12
C LYS C 331 8.79 10.41 -33.37
N ASP C 332 7.52 10.07 -33.18
CA ASP C 332 6.45 10.99 -33.39
C ASP C 332 5.32 10.72 -32.41
N VAL C 333 4.27 11.54 -32.47
CA VAL C 333 3.13 11.46 -31.54
C VAL C 333 2.38 10.12 -31.65
N ASP C 334 2.21 9.61 -32.87
CA ASP C 334 1.58 8.30 -33.06
C ASP C 334 2.33 7.18 -32.36
N ALA C 335 3.65 7.24 -32.39
CA ALA C 335 4.48 6.25 -31.73
C ALA C 335 4.33 6.34 -30.21
N LEU C 336 4.31 7.55 -29.66
CA LEU C 336 4.07 7.79 -28.23
C LEU C 336 2.73 7.19 -27.77
N LYS C 337 1.67 7.41 -28.55
CA LYS C 337 0.34 6.83 -28.29
C LYS C 337 0.33 5.29 -28.15
N LYS C 338 1.34 4.62 -28.68
CA LYS C 338 1.40 3.17 -28.54
C LYS C 338 2.66 2.61 -27.88
N THR C 339 3.42 3.48 -27.22
CA THR C 339 4.58 3.08 -26.47
C THR C 339 4.19 2.23 -25.25
N SER C 340 5.14 1.46 -24.73
CA SER C 340 4.90 0.55 -23.61
C SER C 340 4.75 1.29 -22.30
N ILE C 341 3.76 0.88 -21.52
CA ILE C 341 3.50 1.49 -20.22
C ILE C 341 3.34 0.42 -19.15
N VAL C 342 3.38 0.83 -17.89
CA VAL C 342 2.99 -0.01 -16.78
C VAL C 342 1.93 0.79 -16.00
N ILE C 343 0.84 0.11 -15.68
CA ILE C 343 -0.18 0.67 -14.78
C ILE C 343 -0.19 -0.12 -13.48
N LEU C 344 -0.03 0.62 -12.37
CA LEU C 344 0.13 0.10 -11.01
C LEU C 344 -0.94 0.65 -10.07
N GLY C 345 -0.89 0.19 -8.81
CA GLY C 345 -1.51 0.89 -7.67
C GLY C 345 -2.99 1.15 -7.78
N LYS C 346 -3.42 2.32 -7.32
CA LYS C 346 -4.83 2.74 -7.29
C LYS C 346 -5.47 2.84 -8.67
N LEU C 347 -4.74 3.36 -9.66
CA LEU C 347 -5.23 3.41 -11.04
C LEU C 347 -5.57 2.01 -11.56
N LYS C 348 -4.70 1.03 -11.30
CA LYS C 348 -4.95 -0.36 -11.69
C LYS C 348 -6.22 -0.90 -11.02
N GLU C 349 -6.41 -0.60 -9.74
CA GLU C 349 -7.58 -1.05 -9.00
C GLU C 349 -8.85 -0.37 -9.50
N TRP C 350 -8.72 0.91 -9.85
CA TRP C 350 -9.82 1.70 -10.41
C TRP C 350 -10.28 1.06 -11.72
N ALA C 351 -9.36 0.86 -12.66
CA ALA C 351 -9.64 0.19 -13.92
C ALA C 351 -10.29 -1.17 -13.75
N GLU C 352 -9.77 -1.99 -12.83
CA GLU C 352 -10.29 -3.33 -12.57
C GLU C 352 -11.74 -3.31 -12.11
N TYR C 353 -12.02 -2.51 -11.08
CA TYR C 353 -13.38 -2.40 -10.59
C TYR C 353 -14.35 -1.89 -11.68
N ARG C 354 -13.88 -0.96 -12.50
CA ARG C 354 -14.74 -0.32 -13.47
C ARG C 354 -14.94 -1.18 -14.73
N GLY C 355 -14.36 -2.38 -14.73
CA GLY C 355 -14.55 -3.32 -15.82
C GLY C 355 -13.70 -2.99 -17.02
N ILE C 356 -12.64 -2.20 -16.81
CA ILE C 356 -11.73 -1.89 -17.92
C ILE C 356 -10.75 -3.05 -18.07
N ASN C 357 -11.07 -3.93 -19.01
CA ASN C 357 -10.23 -5.05 -19.35
C ASN C 357 -8.92 -4.50 -19.90
N LEU C 358 -7.82 -4.77 -19.22
CA LEU C 358 -6.52 -4.18 -19.60
C LEU C 358 -6.04 -4.58 -20.99
N SER C 359 -6.33 -5.81 -21.38
CA SER C 359 -5.96 -6.30 -22.70
C SER C 359 -6.69 -5.56 -23.80
N ILE C 360 -8.02 -5.47 -23.71
CA ILE C 360 -8.73 -4.73 -24.73
C ILE C 360 -8.37 -3.22 -24.65
N TYR C 361 -8.07 -2.75 -23.43
CA TYR C 361 -7.59 -1.38 -23.24
C TYR C 361 -6.30 -1.08 -24.02
N GLU C 362 -5.30 -1.96 -23.88
CA GLU C 362 -4.04 -1.83 -24.61
C GLU C 362 -4.28 -1.79 -26.13
N LYS C 363 -5.14 -2.68 -26.65
CA LYS C 363 -5.51 -2.67 -28.06
C LYS C 363 -6.14 -1.33 -28.45
N VAL C 364 -7.13 -0.87 -27.69
CA VAL C 364 -7.84 0.39 -27.98
C VAL C 364 -6.94 1.64 -27.97
N ARG C 365 -6.03 1.76 -26.99
CA ARG C 365 -5.14 2.92 -26.93
C ARG C 365 -4.02 2.90 -27.99
N LYS C 366 -3.62 1.71 -28.46
CA LYS C 366 -2.53 1.58 -29.43
C LYS C 366 -2.91 1.97 -30.87
N ASP D 3 -26.52 4.24 39.71
CA ASP D 3 -25.21 3.62 39.36
C ASP D 3 -25.11 3.19 37.89
N ILE D 4 -26.16 2.55 37.39
CA ILE D 4 -26.38 2.43 35.95
C ILE D 4 -26.56 3.85 35.38
N VAL D 5 -27.29 4.68 36.12
CA VAL D 5 -27.48 6.12 35.87
C VAL D 5 -26.12 6.84 35.76
N ASN D 6 -25.19 6.44 36.62
CA ASN D 6 -23.83 6.95 36.63
C ASN D 6 -23.02 6.59 35.38
N ARG D 7 -23.10 5.32 34.98
CA ARG D 7 -22.49 4.84 33.74
C ARG D 7 -23.04 5.59 32.53
N LYS D 8 -24.35 5.82 32.53
CA LYS D 8 -25.03 6.65 31.53
C LYS D 8 -24.42 8.05 31.39
N VAL D 9 -24.26 8.76 32.50
CA VAL D 9 -23.63 10.08 32.48
C VAL D 9 -22.16 9.98 32.00
N GLU D 10 -21.43 9.03 32.55
CA GLU D 10 -20.04 8.81 32.19
C GLU D 10 -19.82 8.49 30.70
N HIS D 11 -20.69 7.66 30.13
CA HIS D 11 -20.68 7.35 28.69
C HIS D 11 -20.79 8.60 27.82
N VAL D 12 -21.82 9.42 28.10
CA VAL D 12 -22.03 10.68 27.41
C VAL D 12 -20.80 11.59 27.54
N GLU D 13 -20.26 11.66 28.75
CA GLU D 13 -19.14 12.56 29.05
C GLU D 13 -17.85 12.17 28.30
N ILE D 14 -17.49 10.89 28.36
CA ILE D 14 -16.33 10.37 27.62
C ILE D 14 -16.53 10.43 26.09
N ALA D 15 -17.72 10.04 25.61
CA ALA D 15 -18.01 10.12 24.19
C ALA D 15 -17.95 11.57 23.70
N ALA D 16 -18.56 12.49 24.43
CA ALA D 16 -18.61 13.90 24.03
C ALA D 16 -17.27 14.64 24.13
N PHE D 17 -16.48 14.30 25.14
CA PHE D 17 -15.34 15.19 25.50
C PHE D 17 -13.97 14.52 25.48
N GLU D 18 -13.93 13.21 25.34
CA GLU D 18 -12.66 12.50 25.21
C GLU D 18 -12.38 12.04 23.77
N ASN D 19 -11.16 11.54 23.55
CA ASN D 19 -10.72 11.18 22.23
C ASN D 19 -11.06 9.73 21.89
N VAL D 20 -12.31 9.47 21.51
CA VAL D 20 -12.77 8.10 21.25
C VAL D 20 -13.36 7.86 19.85
N ASP D 21 -13.48 8.94 19.07
CA ASP D 21 -14.09 8.87 17.73
C ASP D 21 -13.07 8.39 16.70
N GLY D 22 -13.22 7.14 16.29
CA GLY D 22 -12.31 6.57 15.32
C GLY D 22 -10.92 6.30 15.88
N LEU D 23 -10.85 6.07 17.19
CA LEU D 23 -9.58 5.84 17.85
C LEU D 23 -9.01 4.49 17.44
N SER D 24 -7.87 4.54 16.72
CA SER D 24 -7.16 3.36 16.22
C SER D 24 -8.03 2.43 15.36
N SER D 25 -9.15 2.97 14.88
CA SER D 25 -10.11 2.21 14.10
C SER D 25 -10.36 2.86 12.72
N SER D 26 -11.09 2.18 11.86
CA SER D 26 -11.35 2.70 10.54
C SER D 26 -12.67 2.17 10.00
N THR D 27 -13.42 3.02 9.28
CA THR D 27 -14.67 2.64 8.63
C THR D 27 -14.50 1.91 7.28
N PHE D 28 -13.30 2.02 6.71
CA PHE D 28 -12.98 1.58 5.35
C PHE D 28 -13.67 2.42 4.25
N LEU D 29 -14.33 3.52 4.65
CA LEU D 29 -15.10 4.32 3.69
C LEU D 29 -14.24 5.10 2.72
N ASN D 30 -12.98 5.36 3.09
CA ASN D 30 -11.97 5.91 2.18
C ASN D 30 -11.70 4.98 1.01
N ASP D 31 -12.04 3.71 1.17
CA ASP D 31 -11.87 2.72 0.10
C ASP D 31 -13.05 2.69 -0.87
N VAL D 32 -14.10 3.47 -0.55
CA VAL D 32 -15.29 3.60 -1.40
C VAL D 32 -15.26 4.97 -2.07
N ILE D 33 -15.34 4.98 -3.40
CA ILE D 33 -15.42 6.22 -4.16
C ILE D 33 -16.69 6.24 -5.02
N LEU D 34 -17.51 7.26 -4.83
CA LEU D 34 -18.61 7.55 -5.73
C LEU D 34 -18.11 8.21 -7.01
N VAL D 35 -18.44 7.62 -8.14
CA VAL D 35 -18.03 8.10 -9.44
C VAL D 35 -18.72 9.44 -9.77
N HIS D 36 -17.87 10.44 -10.03
CA HIS D 36 -18.32 11.76 -10.43
C HIS D 36 -18.96 11.77 -11.83
N GLN D 37 -20.13 12.40 -11.95
CA GLN D 37 -20.79 12.58 -13.23
C GLN D 37 -20.79 14.07 -13.61
N GLY D 38 -19.93 14.42 -14.58
CA GLY D 38 -19.81 15.79 -15.07
C GLY D 38 -21.11 16.31 -15.66
N PHE D 39 -21.89 15.42 -16.26
CA PHE D 39 -23.25 15.78 -16.65
C PHE D 39 -24.29 15.02 -15.83
N PRO D 40 -24.67 15.59 -14.68
CA PRO D 40 -25.64 14.93 -13.80
C PRO D 40 -27.04 14.61 -14.39
N GLY D 41 -27.56 15.45 -15.28
CA GLY D 41 -28.85 15.18 -15.93
C GLY D 41 -30.03 15.62 -15.08
N ILE D 42 -29.73 16.46 -14.10
CA ILE D 42 -30.68 16.91 -13.11
C ILE D 42 -30.27 18.26 -12.58
N SER D 43 -31.20 18.86 -11.88
CA SER D 43 -30.99 20.14 -11.24
C SER D 43 -30.90 19.91 -9.73
N PHE D 44 -30.10 20.70 -9.02
CA PHE D 44 -29.96 20.50 -7.57
C PHE D 44 -31.32 20.50 -6.88
N SER D 45 -32.18 21.45 -7.29
CA SER D 45 -33.47 21.69 -6.64
C SER D 45 -34.51 20.61 -6.90
N GLU D 46 -34.32 19.78 -7.92
CA GLU D 46 -35.25 18.69 -8.16
C GLU D 46 -34.88 17.41 -7.38
N ILE D 47 -33.73 17.42 -6.71
CA ILE D 47 -33.32 16.24 -5.90
C ILE D 47 -34.32 15.93 -4.77
N ASN D 48 -34.79 14.68 -4.79
CA ASN D 48 -35.75 14.17 -3.81
C ASN D 48 -35.09 13.20 -2.81
N THR D 49 -35.11 13.54 -1.52
CA THR D 49 -34.41 12.77 -0.51
C THR D 49 -35.36 11.98 0.37
N LYS D 50 -36.65 12.06 0.09
CA LYS D 50 -37.66 11.33 0.83
C LYS D 50 -37.47 9.83 0.69
N THR D 51 -37.76 9.10 1.75
CA THR D 51 -37.73 7.64 1.74
C THR D 51 -38.61 7.00 2.83
N LYS D 52 -38.79 5.69 2.75
CA LYS D 52 -39.66 4.96 3.66
C LYS D 52 -38.87 4.51 4.88
N PHE D 53 -39.54 4.57 6.02
CA PHE D 53 -39.04 4.00 7.25
C PHE D 53 -40.20 3.27 7.88
N PHE D 54 -40.24 1.98 7.59
CA PHE D 54 -41.39 1.11 7.92
C PHE D 54 -42.65 1.72 7.35
N ARG D 55 -43.62 2.05 8.21
CA ARG D 55 -44.91 2.55 7.74
C ARG D 55 -44.97 4.10 7.58
N LYS D 56 -43.88 4.78 7.90
CA LYS D 56 -43.83 6.23 7.77
C LYS D 56 -42.95 6.65 6.60
N GLU D 57 -43.10 7.92 6.19
CA GLU D 57 -42.18 8.52 5.23
C GLU D 57 -41.30 9.47 6.01
N ILE D 58 -40.01 9.48 5.69
CA ILE D 58 -39.06 10.39 6.34
C ILE D 58 -38.48 11.30 5.27
N SER D 59 -37.93 12.44 5.68
CA SER D 59 -37.53 13.48 4.73
C SER D 59 -36.22 13.21 4.01
N VAL D 60 -35.40 12.37 4.63
CA VAL D 60 -33.99 12.27 4.35
C VAL D 60 -33.62 10.85 4.79
N PRO D 61 -32.78 10.13 4.00
CA PRO D 61 -32.42 8.75 4.34
C PRO D 61 -31.33 8.66 5.45
N VAL D 62 -31.59 9.35 6.55
CA VAL D 62 -30.67 9.42 7.67
C VAL D 62 -31.48 9.26 8.95
N MET D 63 -30.93 8.55 9.94
CA MET D 63 -31.54 8.48 11.26
C MET D 63 -30.53 8.79 12.35
N VAL D 64 -31.03 9.32 13.47
CA VAL D 64 -30.24 9.44 14.68
C VAL D 64 -30.39 8.11 15.43
N THR D 65 -29.28 7.40 15.65
CA THR D 65 -29.34 6.13 16.36
C THR D 65 -29.24 6.36 17.86
N GLY D 66 -29.64 5.35 18.63
CA GLY D 66 -29.88 5.52 20.06
C GLY D 66 -28.65 5.90 20.84
N MET D 67 -28.85 6.76 21.83
CA MET D 67 -27.72 7.20 22.66
C MET D 67 -27.98 7.23 24.16
N THR D 68 -29.00 7.98 24.57
CA THR D 68 -29.06 8.36 25.97
C THR D 68 -30.47 8.45 26.57
N GLY D 69 -30.49 8.84 27.84
CA GLY D 69 -31.69 8.82 28.69
C GLY D 69 -31.29 8.23 30.03
N GLY D 70 -32.09 8.46 31.06
CA GLY D 70 -31.84 7.89 32.38
C GLY D 70 -31.65 8.86 33.54
N ARG D 71 -31.65 10.16 33.20
CA ARG D 71 -31.45 11.25 34.14
C ARG D 71 -31.87 12.55 33.47
N ASN D 72 -32.20 13.57 34.28
CA ASN D 72 -32.69 14.87 33.79
C ASN D 72 -31.89 15.51 32.66
N GLU D 73 -30.58 15.64 32.87
CA GLU D 73 -29.72 16.31 31.90
C GLU D 73 -29.56 15.49 30.62
N LEU D 74 -29.66 14.18 30.77
CA LEU D 74 -29.69 13.27 29.63
C LEU D 74 -31.03 13.40 28.87
N GLY D 75 -32.12 13.62 29.62
CA GLY D 75 -33.43 13.88 29.04
C GLY D 75 -33.54 15.21 28.30
N ARG D 76 -32.82 16.22 28.76
CA ARG D 76 -32.80 17.51 28.06
C ARG D 76 -32.03 17.43 26.73
N ILE D 77 -31.01 16.57 26.68
CA ILE D 77 -30.30 16.25 25.44
C ILE D 77 -31.25 15.51 24.49
N ASN D 78 -31.93 14.48 24.99
CA ASN D 78 -32.95 13.78 24.20
C ASN D 78 -34.03 14.68 23.68
N LYS D 79 -34.40 15.71 24.45
CA LYS D 79 -35.42 16.69 24.05
C LYS D 79 -34.97 17.52 22.86
N ILE D 80 -33.75 18.03 22.94
CA ILE D 80 -33.14 18.81 21.87
C ILE D 80 -33.03 17.96 20.60
N ILE D 81 -32.56 16.74 20.74
CA ILE D 81 -32.43 15.87 19.57
C ILE D 81 -33.79 15.59 18.96
N ALA D 82 -34.76 15.21 19.79
CA ALA D 82 -36.11 14.89 19.30
C ALA D 82 -36.80 16.06 18.60
N GLU D 83 -36.70 17.25 19.19
CA GLU D 83 -37.40 18.39 18.59
C GLU D 83 -36.80 18.87 17.26
N VAL D 84 -35.49 18.71 17.12
CA VAL D 84 -34.82 19.01 15.85
C VAL D 84 -35.08 17.89 14.83
N ALA D 85 -35.03 16.64 15.26
CA ALA D 85 -35.34 15.53 14.37
C ALA D 85 -36.76 15.61 13.85
N GLU D 86 -37.68 16.06 14.71
CA GLU D 86 -39.09 16.27 14.33
C GLU D 86 -39.20 17.33 13.23
N LYS D 87 -38.53 18.46 13.45
CA LYS D 87 -38.49 19.56 12.49
C LYS D 87 -37.94 19.13 11.13
N PHE D 88 -36.92 18.24 11.13
CA PHE D 88 -36.26 17.84 9.88
C PHE D 88 -36.87 16.59 9.24
N GLY D 89 -37.81 15.96 9.94
CA GLY D 89 -38.50 14.77 9.43
C GLY D 89 -37.60 13.55 9.41
N ILE D 90 -36.72 13.45 10.40
CA ILE D 90 -35.81 12.30 10.46
C ILE D 90 -36.01 11.45 11.71
N PRO D 91 -35.95 10.12 11.56
CA PRO D 91 -36.21 9.22 12.69
C PRO D 91 -35.14 9.26 13.80
N MET D 92 -35.58 8.99 15.03
CA MET D 92 -34.69 9.03 16.17
C MET D 92 -34.82 7.78 17.04
N GLY D 93 -33.68 7.11 17.28
CA GLY D 93 -33.59 6.05 18.26
C GLY D 93 -33.25 6.67 19.59
N VAL D 94 -33.80 6.12 20.68
CA VAL D 94 -33.36 6.51 22.01
C VAL D 94 -32.28 5.54 22.51
N GLY D 95 -31.57 5.94 23.56
CA GLY D 95 -30.63 5.04 24.23
C GLY D 95 -31.33 3.91 24.98
N SER D 96 -30.53 2.99 25.51
CA SER D 96 -31.06 1.87 26.29
C SER D 96 -32.03 2.29 27.41
N GLN D 97 -33.23 1.71 27.33
CA GLN D 97 -34.30 1.97 28.26
C GLN D 97 -34.27 1.01 29.47
N ARG D 98 -33.21 0.22 29.60
CA ARG D 98 -33.03 -0.64 30.76
C ARG D 98 -33.13 0.22 32.03
N VAL D 99 -32.33 1.29 32.06
CA VAL D 99 -32.27 2.23 33.18
C VAL D 99 -33.66 2.73 33.58
N ALA D 100 -34.59 2.77 32.63
CA ALA D 100 -35.95 3.23 32.90
C ALA D 100 -36.89 2.09 33.28
N ILE D 101 -36.52 0.85 32.93
CA ILE D 101 -37.25 -0.32 33.40
C ILE D 101 -36.87 -0.51 34.88
N GLU D 102 -35.59 -0.32 35.19
CA GLU D 102 -35.04 -0.44 36.54
C GLU D 102 -35.38 0.71 37.50
N LYS D 103 -35.56 1.91 36.96
CA LYS D 103 -35.81 3.11 37.79
C LYS D 103 -36.87 4.01 37.18
N ALA D 104 -38.03 4.08 37.85
CA ALA D 104 -39.15 4.90 37.41
C ALA D 104 -38.82 6.40 37.20
N GLU D 105 -37.88 6.92 37.98
CA GLU D 105 -37.40 8.31 37.85
C GLU D 105 -36.74 8.59 36.48
N ALA D 106 -36.27 7.53 35.81
CA ALA D 106 -35.57 7.64 34.54
C ALA D 106 -36.52 7.75 33.35
N ARG D 107 -37.78 7.42 33.57
CA ARG D 107 -38.76 7.32 32.48
C ARG D 107 -38.98 8.61 31.70
N GLU D 108 -39.13 9.73 32.40
CA GLU D 108 -39.44 11.00 31.78
C GLU D 108 -38.38 11.42 30.75
N SER D 109 -37.12 11.03 31.00
CA SER D 109 -36.00 11.35 30.11
C SER D 109 -36.10 10.65 28.74
N PHE D 110 -36.91 9.58 28.69
CA PHE D 110 -37.26 8.95 27.42
C PHE D 110 -38.58 9.47 26.85
N ALA D 111 -39.62 9.50 27.68
CA ALA D 111 -40.97 9.94 27.28
C ALA D 111 -41.01 11.34 26.66
N ILE D 112 -40.17 12.25 27.16
CA ILE D 112 -40.06 13.61 26.63
C ILE D 112 -39.94 13.63 25.09
N VAL D 113 -39.21 12.66 24.56
CA VAL D 113 -38.97 12.48 23.12
C VAL D 113 -40.26 12.51 22.29
N ARG D 114 -41.26 11.74 22.69
CA ARG D 114 -42.53 11.68 21.94
C ARG D 114 -43.43 12.91 22.19
N LYS D 115 -43.26 13.57 23.33
CA LYS D 115 -44.01 14.79 23.63
C LYS D 115 -43.65 15.88 22.65
N VAL D 116 -42.37 15.91 22.29
CA VAL D 116 -41.79 16.98 21.50
C VAL D 116 -41.64 16.58 20.01
N ALA D 117 -41.78 15.29 19.71
CA ALA D 117 -41.67 14.75 18.35
C ALA D 117 -42.80 13.79 18.03
N PRO D 118 -44.03 14.33 17.80
CA PRO D 118 -45.21 13.48 17.62
C PRO D 118 -45.34 12.72 16.31
N THR D 119 -44.60 13.10 15.26
CA THR D 119 -44.81 12.49 13.95
C THR D 119 -43.71 11.58 13.40
N ILE D 120 -42.44 11.93 13.64
CA ILE D 120 -41.29 11.13 13.17
C ILE D 120 -41.28 9.73 13.79
N PRO D 121 -40.67 8.75 13.07
CA PRO D 121 -40.44 7.43 13.70
C PRO D 121 -39.55 7.56 14.93
N ILE D 122 -39.95 6.89 16.02
CA ILE D 122 -39.13 6.81 17.23
C ILE D 122 -38.82 5.34 17.51
N ILE D 123 -37.55 5.05 17.77
CA ILE D 123 -37.08 3.70 17.91
C ILE D 123 -36.69 3.43 19.38
N ALA D 124 -37.35 2.46 19.99
CA ALA D 124 -37.01 2.01 21.35
C ALA D 124 -35.64 1.28 21.39
N ASN D 125 -35.16 0.97 22.58
CA ASN D 125 -33.84 0.36 22.73
C ASN D 125 -33.73 -0.48 24.00
N LEU D 126 -33.29 -1.72 23.83
CA LEU D 126 -32.93 -2.64 24.92
C LEU D 126 -31.73 -3.45 24.50
N GLY D 127 -30.96 -3.92 25.48
CA GLY D 127 -29.76 -4.65 25.19
C GLY D 127 -29.97 -6.15 25.19
N MET D 128 -29.26 -6.83 24.31
CA MET D 128 -29.35 -8.28 24.17
C MET D 128 -29.04 -9.04 25.46
N PRO D 129 -28.04 -8.57 26.26
CA PRO D 129 -27.79 -9.30 27.54
C PRO D 129 -29.01 -9.38 28.47
N GLN D 130 -29.87 -8.35 28.46
CA GLN D 130 -31.07 -8.31 29.31
C GLN D 130 -32.07 -9.41 28.93
N LEU D 131 -32.08 -9.79 27.66
CA LEU D 131 -32.89 -10.91 27.18
C LEU D 131 -32.46 -12.26 27.76
N VAL D 132 -31.18 -12.40 28.09
CA VAL D 132 -30.74 -13.65 28.72
C VAL D 132 -30.95 -13.57 30.25
N LYS D 133 -31.24 -12.36 30.74
CA LYS D 133 -31.31 -12.06 32.16
C LYS D 133 -32.72 -11.68 32.60
N GLY D 134 -33.74 -12.27 31.98
CA GLY D 134 -35.08 -12.10 32.49
C GLY D 134 -36.03 -11.16 31.78
N TYR D 135 -35.52 -10.34 30.85
CA TYR D 135 -36.39 -9.47 30.05
C TYR D 135 -37.12 -10.28 29.02
N GLY D 136 -38.35 -9.86 28.69
CA GLY D 136 -39.15 -10.57 27.73
C GLY D 136 -40.20 -9.67 27.15
N LEU D 137 -41.32 -10.23 26.72
CA LEU D 137 -42.37 -9.50 26.04
C LEU D 137 -42.76 -8.20 26.72
N LYS D 138 -43.03 -8.26 28.03
CA LYS D 138 -43.64 -7.15 28.74
C LYS D 138 -42.67 -5.98 28.87
N GLU D 139 -41.40 -6.29 29.10
CA GLU D 139 -40.34 -5.26 29.13
C GLU D 139 -40.19 -4.58 27.76
N PHE D 140 -40.30 -5.35 26.68
CA PHE D 140 -40.26 -4.80 25.32
C PHE D 140 -41.46 -3.87 25.09
N GLN D 141 -42.64 -4.34 25.48
CA GLN D 141 -43.87 -3.57 25.34
C GLN D 141 -43.82 -2.28 26.17
N ASP D 142 -43.23 -2.36 27.36
CA ASP D 142 -43.03 -1.19 28.20
C ASP D 142 -42.09 -0.16 27.57
N ALA D 143 -40.95 -0.62 27.04
CA ALA D 143 -40.03 0.23 26.31
C ALA D 143 -40.72 0.91 25.10
N ILE D 144 -41.53 0.14 24.39
CA ILE D 144 -42.26 0.64 23.22
C ILE D 144 -43.34 1.68 23.59
N GLN D 145 -44.21 1.35 24.55
CA GLN D 145 -45.31 2.27 24.94
C GLN D 145 -44.78 3.55 25.62
N MET D 146 -43.63 3.44 26.25
CA MET D 146 -43.05 4.56 27.00
C MET D 146 -42.79 5.79 26.11
N ILE D 147 -42.64 5.55 24.80
CA ILE D 147 -42.31 6.58 23.82
C ILE D 147 -43.16 6.41 22.56
N GLU D 148 -44.18 5.55 22.63
CA GLU D 148 -45.02 5.24 21.47
C GLU D 148 -44.12 4.97 20.26
N ALA D 149 -43.21 4.01 20.43
CA ALA D 149 -42.19 3.70 19.46
C ALA D 149 -42.77 3.06 18.21
N ASP D 150 -42.14 3.29 17.07
CA ASP D 150 -42.55 2.67 15.81
C ASP D 150 -41.74 1.40 15.50
N ALA D 151 -40.73 1.14 16.33
CA ALA D 151 -39.84 -0.02 16.21
C ALA D 151 -39.04 -0.12 17.48
N ILE D 152 -38.45 -1.29 17.71
CA ILE D 152 -37.50 -1.43 18.82
C ILE D 152 -36.14 -1.91 18.27
N ALA D 153 -35.08 -1.23 18.72
CA ALA D 153 -33.72 -1.69 18.47
C ALA D 153 -33.25 -2.54 19.64
N VAL D 154 -32.69 -3.71 19.33
CA VAL D 154 -32.04 -4.54 20.31
C VAL D 154 -30.56 -4.51 19.99
N HIS D 155 -29.76 -3.98 20.91
CA HIS D 155 -28.34 -3.77 20.61
C HIS D 155 -27.46 -4.97 20.96
N LEU D 156 -26.44 -5.17 20.14
CA LEU D 156 -25.39 -6.15 20.37
C LEU D 156 -24.18 -5.36 20.81
N ASN D 157 -23.72 -5.60 22.03
CA ASN D 157 -22.49 -4.94 22.49
C ASN D 157 -21.51 -5.86 23.24
N PRO D 158 -21.27 -7.10 22.72
CA PRO D 158 -20.43 -8.02 23.52
C PRO D 158 -19.01 -7.48 23.76
N ALA D 159 -18.41 -6.80 22.76
CA ALA D 159 -17.06 -6.23 22.91
C ALA D 159 -16.99 -5.18 24.04
N GLN D 160 -17.99 -4.30 24.07
CA GLN D 160 -18.15 -3.37 25.16
C GLN D 160 -18.33 -4.09 26.50
N GLU D 161 -19.18 -5.11 26.55
CA GLU D 161 -19.47 -5.81 27.81
C GLU D 161 -18.23 -6.51 28.34
N VAL D 162 -17.43 -7.08 27.46
CA VAL D 162 -16.18 -7.72 27.86
C VAL D 162 -15.23 -6.78 28.64
N PHE D 163 -15.14 -5.53 28.19
CA PHE D 163 -14.17 -4.60 28.75
C PHE D 163 -14.78 -3.68 29.79
N GLN D 164 -16.11 -3.58 29.81
CA GLN D 164 -16.84 -2.76 30.77
C GLN D 164 -16.52 -3.27 32.18
N PRO D 165 -16.22 -2.35 33.14
CA PRO D 165 -15.95 -2.78 34.53
C PRO D 165 -17.10 -3.62 35.12
N GLU D 166 -18.33 -3.14 35.02
CA GLU D 166 -19.51 -3.89 35.45
C GLU D 166 -20.23 -4.61 34.29
N GLY D 167 -19.46 -5.05 33.29
CA GLY D 167 -20.03 -5.60 32.05
C GLY D 167 -20.70 -6.96 32.16
N GLU D 168 -21.60 -7.24 31.23
CA GLU D 168 -22.38 -8.48 31.23
C GLU D 168 -22.29 -9.21 29.88
N PRO D 169 -21.17 -9.95 29.66
CA PRO D 169 -20.92 -10.61 28.37
C PRO D 169 -21.64 -11.96 28.30
N GLU D 170 -22.97 -11.89 28.28
CA GLU D 170 -23.85 -13.05 28.25
C GLU D 170 -24.59 -13.06 26.93
N TYR D 171 -24.13 -13.88 25.99
CA TYR D 171 -24.74 -13.91 24.67
C TYR D 171 -25.15 -15.31 24.24
N GLN D 172 -25.74 -16.05 25.19
CA GLN D 172 -26.24 -17.40 24.93
C GLN D 172 -27.32 -17.38 23.86
N ILE D 173 -27.32 -18.44 23.04
CA ILE D 173 -28.23 -18.58 21.91
C ILE D 173 -29.72 -18.53 22.31
N TYR D 174 -30.01 -18.95 23.54
CA TYR D 174 -31.34 -18.84 24.12
C TYR D 174 -31.95 -17.44 23.99
N ALA D 175 -31.11 -16.42 24.00
CA ALA D 175 -31.54 -15.03 23.82
C ALA D 175 -32.20 -14.77 22.47
N LEU D 176 -31.73 -15.46 21.42
CA LEU D 176 -32.34 -15.37 20.09
C LEU D 176 -33.65 -16.10 20.02
N GLU D 177 -33.74 -17.25 20.69
CA GLU D 177 -35.00 -18.00 20.76
C GLU D 177 -36.09 -17.14 21.37
N LYS D 178 -35.71 -16.40 22.39
CA LYS D 178 -36.59 -15.51 23.13
C LYS D 178 -36.99 -14.33 22.26
N LEU D 179 -36.01 -13.75 21.59
CA LEU D 179 -36.24 -12.63 20.68
C LEU D 179 -37.24 -13.00 19.58
N ARG D 180 -37.03 -14.15 18.98
CA ARG D 180 -37.90 -14.67 17.95
C ARG D 180 -39.35 -14.83 18.46
N ASP D 181 -39.51 -15.36 19.68
CA ASP D 181 -40.79 -15.44 20.34
C ASP D 181 -41.41 -14.06 20.56
N ILE D 182 -40.64 -13.15 21.16
CA ILE D 182 -41.10 -11.79 21.42
C ILE D 182 -41.57 -11.10 20.15
N SER D 183 -40.85 -11.27 19.04
CA SER D 183 -41.21 -10.66 17.76
C SER D 183 -42.59 -11.12 17.23
N LYS D 184 -42.99 -12.32 17.60
CA LYS D 184 -44.30 -12.86 17.24
C LYS D 184 -45.45 -12.02 17.77
N GLU D 185 -45.22 -11.39 18.91
CA GLU D 185 -46.28 -10.82 19.73
C GLU D 185 -46.20 -9.31 19.78
N LEU D 186 -45.12 -8.78 19.20
CA LEU D 186 -44.85 -7.34 19.24
C LEU D 186 -45.61 -6.65 18.10
N SER D 187 -46.12 -5.44 18.36
CA SER D 187 -46.89 -4.71 17.35
C SER D 187 -46.01 -3.91 16.39
N VAL D 188 -44.71 -3.86 16.68
CA VAL D 188 -43.75 -3.09 15.87
C VAL D 188 -42.54 -3.95 15.51
N PRO D 189 -41.84 -3.64 14.40
CA PRO D 189 -40.66 -4.43 14.03
C PRO D 189 -39.44 -4.24 14.94
N ILE D 190 -38.59 -5.26 14.95
CA ILE D 190 -37.33 -5.28 15.66
C ILE D 190 -36.19 -5.00 14.66
N ILE D 191 -35.31 -4.08 15.04
CA ILE D 191 -34.03 -3.86 14.41
C ILE D 191 -32.95 -4.39 15.34
N VAL D 192 -32.02 -5.19 14.82
CA VAL D 192 -30.83 -5.56 15.59
C VAL D 192 -29.62 -4.71 15.13
N LYS D 193 -29.02 -4.02 16.08
CA LYS D 193 -27.96 -3.07 15.82
C LYS D 193 -26.71 -3.43 16.60
N GLU D 194 -25.54 -3.17 16.03
CA GLU D 194 -24.32 -3.34 16.82
C GLU D 194 -24.05 -2.04 17.58
N SER D 195 -22.84 -1.90 18.11
CA SER D 195 -22.48 -0.69 18.84
C SER D 195 -21.01 -0.38 18.71
N GLY D 196 -20.56 -0.22 17.47
CA GLY D 196 -19.22 0.21 17.17
C GLY D 196 -18.29 -0.87 16.72
N ASN D 197 -18.76 -2.11 16.64
CA ASN D 197 -17.90 -3.22 16.23
C ASN D 197 -18.41 -4.01 15.03
N GLY D 198 -19.62 -3.67 14.57
CA GLY D 198 -20.11 -4.16 13.28
C GLY D 198 -20.71 -5.54 13.15
N ILE D 199 -21.52 -5.70 12.11
CA ILE D 199 -22.21 -6.98 11.85
C ILE D 199 -21.56 -7.70 10.70
N SER D 200 -21.16 -8.95 10.96
CA SER D 200 -20.57 -9.84 9.98
C SER D 200 -21.65 -10.64 9.26
N MET D 201 -21.29 -11.35 8.21
CA MET D 201 -22.24 -12.24 7.57
C MET D 201 -22.69 -13.43 8.38
N GLU D 202 -21.81 -13.98 9.21
CA GLU D 202 -22.21 -15.07 10.11
C GLU D 202 -23.27 -14.61 11.10
N THR D 203 -23.09 -13.43 11.68
CA THR D 203 -24.03 -12.86 12.66
C THR D 203 -25.36 -12.44 11.99
N ALA D 204 -25.26 -11.80 10.83
CA ALA D 204 -26.44 -11.41 10.07
C ALA D 204 -27.27 -12.62 9.68
N LYS D 205 -26.62 -13.67 9.13
CA LYS D 205 -27.33 -14.89 8.70
C LYS D 205 -27.96 -15.63 9.89
N LEU D 206 -27.28 -15.59 11.03
CA LEU D 206 -27.80 -16.21 12.24
C LEU D 206 -29.05 -15.49 12.68
N LEU D 207 -28.99 -14.17 12.78
CA LEU D 207 -30.12 -13.37 13.20
C LEU D 207 -31.29 -13.56 12.22
N TYR D 208 -30.97 -13.60 10.95
CA TYR D 208 -31.97 -13.82 9.94
C TYR D 208 -32.65 -15.18 10.12
N SER D 209 -31.89 -16.20 10.49
CA SER D 209 -32.45 -17.52 10.67
C SER D 209 -33.43 -17.56 11.84
N TYR D 210 -33.36 -16.56 12.70
CA TYR D 210 -34.32 -16.36 13.80
C TYR D 210 -35.39 -15.30 13.52
N GLY D 211 -35.47 -14.84 12.26
CA GLY D 211 -36.55 -13.97 11.81
C GLY D 211 -36.25 -12.49 11.83
N ILE D 212 -34.99 -12.12 12.04
CA ILE D 212 -34.58 -10.72 12.00
C ILE D 212 -34.29 -10.26 10.58
N LYS D 213 -34.96 -9.18 10.18
CA LYS D 213 -34.91 -8.70 8.80
C LYS D 213 -34.32 -7.28 8.71
N ASN D 214 -34.17 -6.63 9.87
CA ASN D 214 -33.74 -5.23 9.94
C ASN D 214 -32.47 -5.13 10.76
N PHE D 215 -31.44 -4.55 10.15
CA PHE D 215 -30.09 -4.48 10.73
C PHE D 215 -29.54 -3.06 10.69
N ASP D 216 -28.71 -2.76 11.67
CA ASP D 216 -27.97 -1.51 11.76
C ASP D 216 -26.51 -1.86 12.05
N THR D 217 -25.64 -1.59 11.08
CA THR D 217 -24.31 -2.15 11.07
C THR D 217 -23.45 -1.73 12.26
N SER D 218 -23.54 -0.44 12.63
CA SER D 218 -22.71 0.14 13.67
C SER D 218 -21.31 -0.47 13.68
N GLY D 219 -20.58 -0.27 12.57
CA GLY D 219 -19.25 -0.83 12.39
C GLY D 219 -18.20 -0.03 13.12
N GLN D 220 -16.98 -0.56 13.14
CA GLN D 220 -15.84 0.21 13.65
C GLN D 220 -15.51 1.42 12.76
N GLY D 221 -14.88 2.43 13.37
CA GLY D 221 -14.37 3.60 12.67
C GLY D 221 -15.00 4.89 13.14
N GLY D 222 -16.07 4.77 13.91
CA GLY D 222 -16.70 5.90 14.58
C GLY D 222 -16.52 5.74 16.07
N THR D 223 -17.57 5.99 16.84
CA THR D 223 -17.47 5.85 18.31
C THR D 223 -16.87 4.50 18.70
N ASN D 224 -15.75 4.56 19.43
CA ASN D 224 -15.04 3.35 19.81
C ASN D 224 -15.39 2.99 21.24
N TRP D 225 -16.31 2.04 21.37
CA TRP D 225 -16.87 1.65 22.65
C TRP D 225 -15.92 0.86 23.52
N ILE D 226 -14.95 0.19 22.90
CA ILE D 226 -13.88 -0.46 23.61
C ILE D 226 -12.99 0.64 24.25
N ALA D 227 -12.79 1.72 23.51
CA ALA D 227 -12.00 2.84 23.98
C ALA D 227 -12.71 3.51 25.14
N ILE D 228 -14.04 3.64 25.06
CA ILE D 228 -14.80 4.28 26.14
C ILE D 228 -14.65 3.45 27.41
N GLU D 229 -14.82 2.13 27.29
CA GLU D 229 -14.67 1.28 28.46
C GLU D 229 -13.23 1.20 28.96
N MET D 230 -12.25 1.21 28.04
CA MET D 230 -10.83 1.33 28.41
C MET D 230 -10.60 2.55 29.30
N ILE D 231 -11.18 3.70 28.91
CA ILE D 231 -11.07 4.93 29.68
C ILE D 231 -11.75 4.80 31.04
N ARG D 232 -12.88 4.09 31.09
CA ARG D 232 -13.56 3.88 32.37
C ARG D 232 -12.73 2.95 33.26
N ASP D 233 -12.05 1.99 32.64
CA ASP D 233 -11.13 1.09 33.33
C ASP D 233 -9.90 1.85 33.83
N ILE D 234 -9.29 2.68 32.99
CA ILE D 234 -8.13 3.47 33.40
C ILE D 234 -8.52 4.26 34.65
N ARG D 235 -9.69 4.89 34.57
CA ARG D 235 -10.20 5.75 35.61
C ARG D 235 -10.31 5.03 36.93
N ARG D 236 -10.83 3.81 36.93
CA ARG D 236 -10.96 3.12 38.21
C ARG D 236 -9.85 2.12 38.52
N GLY D 237 -8.70 2.31 37.86
CA GLY D 237 -7.51 1.47 38.07
C GLY D 237 -7.67 -0.01 37.74
N ASN D 238 -8.70 -0.32 36.93
CA ASN D 238 -9.01 -1.69 36.50
C ASN D 238 -8.00 -2.14 35.44
N TRP D 239 -7.38 -3.31 35.65
CA TRP D 239 -6.28 -3.77 34.77
C TRP D 239 -6.73 -4.20 33.36
N LYS D 240 -8.04 -4.39 33.19
CA LYS D 240 -8.64 -4.64 31.87
C LYS D 240 -8.33 -3.53 30.84
N ALA D 241 -7.87 -2.38 31.34
CA ALA D 241 -7.54 -1.22 30.51
C ALA D 241 -6.44 -1.53 29.50
N GLU D 242 -5.41 -2.24 29.95
CA GLU D 242 -4.26 -2.55 29.10
C GLU D 242 -4.65 -3.55 28.03
N SER D 243 -5.55 -4.46 28.39
CA SER D 243 -6.10 -5.42 27.44
C SER D 243 -7.00 -4.78 26.40
N ALA D 244 -7.81 -3.81 26.82
CA ALA D 244 -8.69 -3.07 25.93
C ALA D 244 -7.90 -2.40 24.82
N LYS D 245 -6.76 -1.80 25.18
CA LYS D 245 -5.88 -1.17 24.24
C LYS D 245 -5.50 -2.10 23.08
N ASN D 246 -5.31 -3.38 23.36
CA ASN D 246 -5.00 -4.37 22.31
C ASN D 246 -6.14 -4.63 21.31
N PHE D 247 -7.36 -4.24 21.68
CA PHE D 247 -8.57 -4.49 20.91
C PHE D 247 -9.19 -3.24 20.28
N LEU D 248 -8.47 -2.13 20.33
CA LEU D 248 -9.03 -0.85 19.87
C LEU D 248 -9.42 -0.87 18.40
N ASP D 249 -8.72 -1.68 17.61
CA ASP D 249 -9.02 -1.82 16.19
C ASP D 249 -9.80 -3.10 15.88
N TRP D 250 -10.40 -3.70 16.90
CA TRP D 250 -11.26 -4.87 16.76
C TRP D 250 -12.61 -4.49 16.12
N GLY D 251 -13.10 -5.33 15.21
CA GLY D 251 -14.47 -5.21 14.69
C GLY D 251 -14.54 -5.24 13.18
N VAL D 252 -15.76 -5.24 12.65
CA VAL D 252 -15.98 -5.13 11.21
C VAL D 252 -16.12 -3.64 10.87
N PRO D 253 -15.25 -3.11 9.99
CA PRO D 253 -15.37 -1.71 9.58
C PRO D 253 -16.74 -1.44 8.94
N THR D 254 -17.28 -0.26 9.21
CA THR D 254 -18.64 0.04 8.74
C THR D 254 -18.88 -0.39 7.27
N ALA D 255 -17.99 0.03 6.36
CA ALA D 255 -18.14 -0.25 4.93
C ALA D 255 -18.19 -1.73 4.65
N ALA D 256 -17.30 -2.48 5.30
CA ALA D 256 -17.23 -3.93 5.15
C ALA D 256 -18.51 -4.57 5.66
N SER D 257 -19.06 -4.02 6.74
CA SER D 257 -20.28 -4.54 7.37
C SER D 257 -21.51 -4.33 6.49
N ILE D 258 -21.58 -3.16 5.83
CA ILE D 258 -22.65 -2.87 4.88
C ILE D 258 -22.62 -3.89 3.74
N MET D 259 -21.45 -4.10 3.14
CA MET D 259 -21.33 -5.12 2.10
C MET D 259 -21.71 -6.51 2.63
N GLU D 260 -21.22 -6.84 3.82
CA GLU D 260 -21.47 -8.18 4.36
C GLU D 260 -22.96 -8.45 4.61
N VAL D 261 -23.68 -7.47 5.18
CA VAL D 261 -25.10 -7.67 5.50
C VAL D 261 -25.94 -7.68 4.22
N ARG D 262 -25.72 -6.70 3.34
CA ARG D 262 -26.42 -6.65 2.05
C ARG D 262 -26.24 -7.90 1.22
N TYR D 263 -25.02 -8.44 1.23
CA TYR D 263 -24.67 -9.63 0.45
C TYR D 263 -25.28 -10.88 1.02
N SER D 264 -25.15 -11.06 2.33
CA SER D 264 -25.61 -12.26 3.01
C SER D 264 -27.11 -12.27 3.27
N VAL D 265 -27.70 -11.09 3.50
CA VAL D 265 -29.17 -10.96 3.53
C VAL D 265 -29.71 -9.87 2.60
N PRO D 266 -29.83 -10.20 1.31
CA PRO D 266 -30.08 -9.22 0.24
C PRO D 266 -31.39 -8.43 0.35
N ASP D 267 -32.38 -8.99 1.04
CA ASP D 267 -33.67 -8.35 1.22
C ASP D 267 -33.76 -7.59 2.54
N SER D 268 -32.64 -7.48 3.26
CA SER D 268 -32.64 -6.83 4.58
C SER D 268 -33.03 -5.36 4.46
N PHE D 269 -33.64 -4.82 5.51
CA PHE D 269 -33.69 -3.40 5.63
C PHE D 269 -32.45 -3.01 6.45
N LEU D 270 -31.59 -2.17 5.87
CA LEU D 270 -30.25 -1.94 6.39
C LEU D 270 -29.97 -0.49 6.77
N VAL D 271 -29.57 -0.28 8.03
CA VAL D 271 -29.00 1.02 8.45
C VAL D 271 -27.46 0.92 8.39
N GLY D 272 -26.83 1.83 7.65
CA GLY D 272 -25.37 1.89 7.58
C GLY D 272 -24.88 2.95 8.57
N SER D 273 -24.26 2.52 9.67
CA SER D 273 -23.81 3.47 10.70
C SER D 273 -22.49 3.02 11.31
N GLY D 274 -21.87 3.94 12.05
CA GLY D 274 -20.57 3.71 12.67
C GLY D 274 -19.58 4.61 11.95
N GLY D 275 -19.39 5.81 12.47
CA GLY D 275 -18.45 6.74 11.87
C GLY D 275 -18.96 7.52 10.68
N ILE D 276 -20.29 7.67 10.57
CA ILE D 276 -20.87 8.53 9.54
C ILE D 276 -20.80 9.96 10.09
N ARG D 277 -19.99 10.78 9.43
CA ARG D 277 -19.63 12.12 9.94
C ARG D 277 -19.99 13.25 8.98
N SER D 278 -20.40 12.90 7.77
CA SER D 278 -20.75 13.87 6.76
C SER D 278 -21.86 13.29 5.91
N GLY D 279 -22.46 14.14 5.07
CA GLY D 279 -23.47 13.72 4.11
C GLY D 279 -22.86 12.91 3.00
N LEU D 280 -21.55 13.08 2.78
CA LEU D 280 -20.77 12.24 1.84
C LEU D 280 -20.60 10.80 2.39
N ASP D 281 -20.22 10.69 3.67
CA ASP D 281 -20.26 9.39 4.37
C ASP D 281 -21.61 8.72 4.23
N ALA D 282 -22.67 9.50 4.45
CA ALA D 282 -24.04 9.01 4.37
C ALA D 282 -24.34 8.49 2.96
N ALA D 283 -24.01 9.29 1.94
CA ALA D 283 -24.16 8.88 0.55
C ALA D 283 -23.37 7.61 0.19
N LYS D 284 -22.13 7.50 0.66
CA LYS D 284 -21.32 6.28 0.39
C LYS D 284 -21.97 5.06 1.00
N ALA D 285 -22.45 5.19 2.23
CA ALA D 285 -23.05 4.07 2.96
C ALA D 285 -24.28 3.55 2.22
N ILE D 286 -25.10 4.47 1.69
CA ILE D 286 -26.30 4.12 0.94
C ILE D 286 -25.96 3.50 -0.43
N ALA D 287 -25.13 4.20 -1.22
CA ALA D 287 -24.59 3.63 -2.48
C ALA D 287 -23.99 2.24 -2.25
N LEU D 288 -23.23 2.06 -1.18
CA LEU D 288 -22.68 0.74 -0.88
C LEU D 288 -23.70 -0.36 -0.66
N GLY D 289 -24.85 -0.04 -0.10
CA GLY D 289 -25.87 -1.05 0.12
C GLY D 289 -26.83 -0.76 1.26
N ALA D 290 -26.60 0.29 2.03
CA ALA D 290 -27.54 0.64 3.10
C ALA D 290 -28.81 1.29 2.55
N ASP D 291 -29.90 1.21 3.30
CA ASP D 291 -31.14 1.90 2.93
C ASP D 291 -31.18 3.27 3.53
N ILE D 292 -30.60 3.38 4.72
CA ILE D 292 -30.45 4.68 5.35
C ILE D 292 -29.08 4.74 6.07
N ALA D 293 -28.59 5.96 6.30
CA ALA D 293 -27.36 6.17 7.07
C ALA D 293 -27.73 6.51 8.51
N GLY D 294 -27.00 5.96 9.48
CA GLY D 294 -27.23 6.28 10.90
C GLY D 294 -26.10 7.11 11.50
N MET D 295 -26.43 8.02 12.41
CA MET D 295 -25.42 8.82 13.12
C MET D 295 -25.76 8.92 14.60
N ALA D 296 -24.74 8.89 15.44
CA ALA D 296 -24.95 9.11 16.86
C ALA D 296 -24.04 10.22 17.40
N LEU D 297 -22.76 9.94 17.57
CA LEU D 297 -21.82 10.86 18.24
C LEU D 297 -21.88 12.33 17.80
N PRO D 298 -21.82 12.62 16.46
CA PRO D 298 -21.84 14.04 16.06
C PRO D 298 -23.18 14.74 16.36
N VAL D 299 -24.29 14.01 16.35
CA VAL D 299 -25.55 14.52 16.88
C VAL D 299 -25.47 14.87 18.41
N LEU D 300 -24.87 13.99 19.21
CA LEU D 300 -24.67 14.23 20.65
C LEU D 300 -23.89 15.52 20.90
N LYS D 301 -22.73 15.65 20.27
CA LYS D 301 -21.85 16.80 20.41
C LYS D 301 -22.51 18.12 20.00
N SER D 302 -23.31 18.09 18.93
CA SER D 302 -24.08 19.25 18.48
C SER D 302 -25.22 19.60 19.45
N ALA D 303 -25.95 18.59 19.90
CA ALA D 303 -27.05 18.79 20.83
C ALA D 303 -26.56 19.42 22.15
N ILE D 304 -25.35 19.06 22.57
CA ILE D 304 -24.79 19.57 23.81
C ILE D 304 -24.51 21.06 23.67
N GLU D 305 -24.11 21.48 22.47
CA GLU D 305 -23.93 22.89 22.13
C GLU D 305 -25.28 23.64 22.04
N GLY D 306 -26.32 22.95 21.62
CA GLY D 306 -27.65 23.55 21.60
C GLY D 306 -28.49 23.21 20.39
N LYS D 307 -29.75 23.58 20.47
CA LYS D 307 -30.74 23.36 19.43
C LYS D 307 -30.30 23.96 18.07
N GLU D 308 -29.90 25.22 18.06
CA GLU D 308 -29.52 25.87 16.81
C GLU D 308 -28.27 25.25 16.17
N SER D 309 -27.32 24.86 17.01
CA SER D 309 -26.13 24.12 16.60
C SER D 309 -26.48 22.78 15.91
N LEU D 310 -27.42 22.04 16.48
CA LEU D 310 -27.89 20.79 15.91
C LEU D 310 -28.67 20.98 14.61
N GLU D 311 -29.46 22.06 14.53
CA GLU D 311 -30.14 22.43 13.29
C GLU D 311 -29.14 22.70 12.17
N GLN D 312 -28.11 23.49 12.46
CA GLN D 312 -27.04 23.76 11.49
C GLN D 312 -26.32 22.50 11.08
N PHE D 313 -26.10 21.60 12.04
CA PHE D 313 -25.48 20.31 11.77
C PHE D 313 -26.28 19.50 10.74
N PHE D 314 -27.60 19.40 10.93
CA PHE D 314 -28.44 18.66 10.00
C PHE D 314 -28.54 19.32 8.62
N ARG D 315 -28.59 20.66 8.58
CA ARG D 315 -28.54 21.38 7.31
C ARG D 315 -27.29 21.01 6.51
N LYS D 316 -26.16 20.97 7.20
CA LYS D 316 -24.86 20.64 6.62
C LYS D 316 -24.85 19.20 6.07
N ILE D 317 -25.31 18.24 6.89
CA ILE D 317 -25.45 16.84 6.49
C ILE D 317 -26.33 16.70 5.24
N ILE D 318 -27.48 17.36 5.27
CA ILE D 318 -28.45 17.27 4.18
C ILE D 318 -27.88 17.88 2.89
N PHE D 319 -27.22 19.02 3.02
CA PHE D 319 -26.60 19.65 1.86
C PHE D 319 -25.53 18.72 1.23
N GLU D 320 -24.70 18.12 2.08
CA GLU D 320 -23.61 17.26 1.64
C GLU D 320 -24.15 16.02 0.96
N LEU D 321 -25.19 15.43 1.52
CA LEU D 321 -25.86 14.31 0.89
C LEU D 321 -26.38 14.69 -0.50
N LYS D 322 -27.10 15.81 -0.58
CA LYS D 322 -27.67 16.26 -1.87
C LYS D 322 -26.58 16.62 -2.88
N ALA D 323 -25.48 17.17 -2.38
CA ALA D 323 -24.29 17.43 -3.21
C ALA D 323 -23.79 16.16 -3.84
N ALA D 324 -23.69 15.09 -3.05
CA ALA D 324 -23.20 13.81 -3.53
C ALA D 324 -24.19 13.16 -4.50
N MET D 325 -25.48 13.33 -4.23
CA MET D 325 -26.53 12.88 -5.17
C MET D 325 -26.49 13.68 -6.49
N MET D 326 -26.40 15.01 -6.39
CA MET D 326 -26.23 15.85 -7.57
C MET D 326 -25.06 15.32 -8.43
N LEU D 327 -23.92 15.08 -7.79
CA LEU D 327 -22.66 14.88 -8.51
C LEU D 327 -22.50 13.47 -9.00
N THR D 328 -23.46 12.62 -8.65
CA THR D 328 -23.54 11.26 -9.18
C THR D 328 -24.74 11.12 -10.11
N GLY D 329 -25.46 12.22 -10.34
CA GLY D 329 -26.68 12.18 -11.16
C GLY D 329 -27.81 11.42 -10.50
N SER D 330 -27.93 11.53 -9.17
CA SER D 330 -28.91 10.73 -8.42
C SER D 330 -30.09 11.61 -8.04
N LYS D 331 -31.22 11.46 -8.74
CA LYS D 331 -32.36 12.37 -8.52
C LYS D 331 -33.08 12.06 -7.22
N ASP D 332 -32.99 10.81 -6.80
CA ASP D 332 -33.65 10.35 -5.59
C ASP D 332 -32.83 9.25 -4.92
N VAL D 333 -33.33 8.74 -3.80
CA VAL D 333 -32.61 7.79 -2.97
C VAL D 333 -32.40 6.45 -3.71
N ASP D 334 -33.42 6.02 -4.47
CA ASP D 334 -33.30 4.80 -5.27
C ASP D 334 -32.18 4.88 -6.29
N ALA D 335 -32.03 6.05 -6.90
CA ALA D 335 -30.96 6.26 -7.88
C ALA D 335 -29.56 6.21 -7.22
N LEU D 336 -29.44 6.79 -6.02
CA LEU D 336 -28.19 6.76 -5.25
C LEU D 336 -27.78 5.31 -4.91
N LYS D 337 -28.75 4.49 -4.53
CA LYS D 337 -28.54 3.07 -4.21
C LYS D 337 -27.94 2.27 -5.37
N LYS D 338 -28.06 2.79 -6.59
CA LYS D 338 -27.49 2.09 -7.73
C LYS D 338 -26.50 2.91 -8.54
N THR D 339 -26.00 3.99 -7.96
CA THR D 339 -25.03 4.82 -8.64
C THR D 339 -23.70 4.06 -8.74
N SER D 340 -22.84 4.52 -9.64
CA SER D 340 -21.54 3.89 -9.90
C SER D 340 -20.55 4.16 -8.77
N ILE D 341 -19.85 3.11 -8.37
CA ILE D 341 -18.84 3.24 -7.31
C ILE D 341 -17.55 2.58 -7.74
N VAL D 342 -16.47 2.90 -7.03
CA VAL D 342 -15.23 2.14 -7.12
C VAL D 342 -14.88 1.65 -5.71
N ILE D 343 -14.55 0.37 -5.59
CA ILE D 343 -14.05 -0.19 -4.34
C ILE D 343 -12.58 -0.57 -4.51
N LEU D 344 -11.73 -0.08 -3.58
CA LEU D 344 -10.26 -0.14 -3.65
C LEU D 344 -9.72 -0.70 -2.33
N GLY D 345 -8.39 -0.87 -2.27
CA GLY D 345 -7.65 -1.00 -1.03
C GLY D 345 -8.03 -2.18 -0.14
N LYS D 346 -8.02 -1.94 1.16
CA LYS D 346 -8.32 -2.97 2.15
C LYS D 346 -9.75 -3.46 2.09
N LEU D 347 -10.72 -2.55 1.82
CA LEU D 347 -12.10 -2.98 1.60
C LEU D 347 -12.24 -4.03 0.48
N LYS D 348 -11.58 -3.78 -0.65
CA LYS D 348 -11.53 -4.72 -1.76
C LYS D 348 -10.95 -6.07 -1.32
N GLU D 349 -9.84 -6.04 -0.58
CA GLU D 349 -9.21 -7.28 -0.09
C GLU D 349 -10.09 -8.03 0.91
N TRP D 350 -10.75 -7.27 1.79
CA TRP D 350 -11.71 -7.81 2.74
C TRP D 350 -12.79 -8.59 2.00
N ALA D 351 -13.49 -7.92 1.08
CA ALA D 351 -14.52 -8.54 0.25
C ALA D 351 -14.03 -9.81 -0.48
N GLU D 352 -12.86 -9.73 -1.10
CA GLU D 352 -12.30 -10.89 -1.83
C GLU D 352 -12.09 -12.10 -0.93
N TYR D 353 -11.41 -11.88 0.19
CA TYR D 353 -11.19 -12.98 1.13
C TYR D 353 -12.50 -13.59 1.68
N ARG D 354 -13.47 -12.74 1.95
CA ARG D 354 -14.74 -13.17 2.51
C ARG D 354 -15.68 -13.80 1.47
N GLY D 355 -15.20 -13.95 0.23
CA GLY D 355 -15.97 -14.59 -0.83
C GLY D 355 -17.10 -13.72 -1.36
N ILE D 356 -17.02 -12.40 -1.16
CA ILE D 356 -18.02 -11.51 -1.75
C ILE D 356 -17.65 -11.26 -3.22
N ASN D 357 -18.30 -12.03 -4.09
CA ASN D 357 -18.17 -11.89 -5.53
C ASN D 357 -18.67 -10.48 -5.90
N LEU D 358 -17.78 -9.67 -6.49
CA LEU D 358 -18.10 -8.26 -6.75
C LEU D 358 -19.18 -8.07 -7.81
N SER D 359 -19.23 -8.98 -8.77
CA SER D 359 -20.27 -8.95 -9.79
C SER D 359 -21.64 -9.22 -9.19
N ILE D 360 -21.77 -10.29 -8.43
CA ILE D 360 -23.08 -10.54 -7.82
C ILE D 360 -23.40 -9.47 -6.77
N TYR D 361 -22.37 -8.97 -6.08
CA TYR D 361 -22.50 -7.80 -5.19
C TYR D 361 -23.11 -6.56 -5.86
N GLU D 362 -22.57 -6.16 -7.01
CA GLU D 362 -23.11 -5.04 -7.78
C GLU D 362 -24.61 -5.26 -8.13
N LYS D 363 -24.95 -6.46 -8.62
CA LYS D 363 -26.35 -6.81 -8.89
C LYS D 363 -27.25 -6.66 -7.63
N VAL D 364 -26.80 -7.24 -6.52
CA VAL D 364 -27.56 -7.21 -5.26
C VAL D 364 -27.77 -5.79 -4.66
N ARG D 365 -26.74 -4.95 -4.68
CA ARG D 365 -26.88 -3.59 -4.16
C ARG D 365 -27.70 -2.69 -5.10
N LYS D 366 -27.61 -2.92 -6.41
CA LYS D 366 -28.49 -2.21 -7.32
C LYS D 366 -29.86 -2.87 -7.18
#